data_6E3P
# 
_entry.id   6E3P 
# 
_audit_conform.dict_name       mmcif_pdbx.dic 
_audit_conform.dict_version    5.379 
_audit_conform.dict_location   http://mmcif.pdb.org/dictionaries/ascii/mmcif_pdbx.dic 
# 
loop_
_database_2.database_id 
_database_2.database_code 
_database_2.pdbx_database_accession 
_database_2.pdbx_DOI 
PDB   6E3P         pdb_00006e3p 10.2210/pdb6e3p/pdb 
WWPDB D_1000235658 ?            ?                   
# 
_pdbx_database_status.status_code                     REL 
_pdbx_database_status.status_code_sf                  REL 
_pdbx_database_status.status_code_mr                  ? 
_pdbx_database_status.entry_id                        6E3P 
_pdbx_database_status.recvd_initial_deposition_date   2018-07-14 
_pdbx_database_status.SG_entry                        N 
_pdbx_database_status.deposit_site                    RCSB 
_pdbx_database_status.process_site                    RCSB 
_pdbx_database_status.status_code_cs                  ? 
_pdbx_database_status.methods_development_category    ? 
_pdbx_database_status.pdb_format_compatible           Y 
_pdbx_database_status.status_code_nmr_data            ? 
# 
loop_
_audit_author.name 
_audit_author.pdbx_ordinal 
_audit_author.identifier_ORCID 
'Morrison, C.N.' 1 0000-0002-4180-8407 
'Dick, B.L.'     2 ?                   
'Credille, C.V.' 3 ?                   
'Cohen, S.M.'    4 0000-0002-5233-2280 
# 
_citation.abstract                  ? 
_citation.abstract_id_CAS           ? 
_citation.book_id_ISBN              ? 
_citation.book_publisher            ? 
_citation.book_publisher_city       ? 
_citation.book_title                ? 
_citation.coordinate_linkage        ? 
_citation.country                   US 
_citation.database_id_Medline       ? 
_citation.details                   ? 
_citation.id                        primary 
_citation.journal_abbrev            J.Med.Chem. 
_citation.journal_id_ASTM           JMCMAR 
_citation.journal_id_CSD            0151 
_citation.journal_id_ISSN           0022-2623 
_citation.journal_full              ? 
_citation.journal_issue             ? 
_citation.journal_volume            62 
_citation.language                  ? 
_citation.page_first                9438 
_citation.page_last                 9449 
_citation.title                     'SAR Exploration of Tight-Binding Inhibitors of Influenza Virus PA Endonuclease.' 
_citation.year                      2019 
_citation.database_id_CSD           ? 
_citation.pdbx_database_id_DOI      10.1021/acs.jmedchem.9b00747 
_citation.pdbx_database_id_PubMed   31536340 
_citation.unpublished_flag          ? 
# 
loop_
_citation_author.citation_id 
_citation_author.name 
_citation_author.ordinal 
_citation_author.identifier_ORCID 
primary 'Credille, C.V.' 1 ?                   
primary 'Morrison, C.N.' 2 0000-0002-4180-8407 
primary 'Stokes, R.W.'   3 ?                   
primary 'Dick, B.L.'     4 ?                   
primary 'Feng, Y.'       5 ?                   
primary 'Sun, J.'        6 ?                   
primary 'Chen, Y.'       7 0000-0002-3465-7380 
primary 'Cohen, S.M.'    8 0000-0002-5233-2280 
# 
_cell.angle_alpha                  90.00 
_cell.angle_alpha_esd              ? 
_cell.angle_beta                   90.00 
_cell.angle_beta_esd               ? 
_cell.angle_gamma                  120.00 
_cell.angle_gamma_esd              ? 
_cell.entry_id                     6E3P 
_cell.details                      ? 
_cell.formula_units_Z              ? 
_cell.length_a                     74.950 
_cell.length_a_esd                 ? 
_cell.length_b                     74.950 
_cell.length_b_esd                 ? 
_cell.length_c                     120.759 
_cell.length_c_esd                 ? 
_cell.volume                       ? 
_cell.volume_esd                   ? 
_cell.Z_PDB                        12 
_cell.reciprocal_angle_alpha       ? 
_cell.reciprocal_angle_beta        ? 
_cell.reciprocal_angle_gamma       ? 
_cell.reciprocal_angle_alpha_esd   ? 
_cell.reciprocal_angle_beta_esd    ? 
_cell.reciprocal_angle_gamma_esd   ? 
_cell.reciprocal_length_a          ? 
_cell.reciprocal_length_b          ? 
_cell.reciprocal_length_c          ? 
_cell.reciprocal_length_a_esd      ? 
_cell.reciprocal_length_b_esd      ? 
_cell.reciprocal_length_c_esd      ? 
_cell.pdbx_unique_axis             ? 
# 
_symmetry.entry_id                         6E3P 
_symmetry.cell_setting                     ? 
_symmetry.Int_Tables_number                180 
_symmetry.space_group_name_Hall            ? 
_symmetry.space_group_name_H-M             'P 62 2 2' 
_symmetry.pdbx_full_space_group_name_H-M   ? 
# 
loop_
_entity.id 
_entity.type 
_entity.src_method 
_entity.pdbx_description 
_entity.formula_weight 
_entity.pdbx_number_of_molecules 
_entity.pdbx_ec 
_entity.pdbx_mutation 
_entity.pdbx_fragment 
_entity.details 
1 polymer     man 'Polymerase acidic protein'                                                            22468.666 1 3.1.-.- ? 
'N-terminal domain (UNP residues 1-198)' ? 
2 non-polymer syn 'MANGANESE (II) ION'                                                                   54.938    2 ?       ? ? ? 
3 non-polymer syn '3-hydroxy-4-oxo-6-[3-(1H-tetrazol-5-yl)phenyl]-1,4-dihydropyridine-2-carboxylic acid' 299.242   2 ?       ? ? ? 
4 water       nat water                                                                                  18.015    5 ?       ? ? ? 
# 
_entity_name_com.entity_id   1 
_entity_name_com.name        'RNA-directed RNA polymerase subunit P2' 
# 
_entity_poly.entity_id                      1 
_entity_poly.type                           'polypeptide(L)' 
_entity_poly.nstd_linkage                   no 
_entity_poly.nstd_monomer                   no 
_entity_poly.pdbx_seq_one_letter_code       
;MGSGMAMEDFVRQCFNPMIVELAEKAMKEYGEDPKIETNKFAAICTHLEVCFMYSDFGSGDPNALLKHRFEIIEGRDRIM
AWTVVNSICNTTGVEKPKFLPDLYDYKENRFIEIGVTRREVHIYYLEKANKIKSEKTHIHIFSFTGEEMATKADYTLDEE
SRARIKTRLFTIRQEMASRSLWDSFRQSERGE
;
_entity_poly.pdbx_seq_one_letter_code_can   
;MGSGMAMEDFVRQCFNPMIVELAEKAMKEYGEDPKIETNKFAAICTHLEVCFMYSDFGSGDPNALLKHRFEIIEGRDRIM
AWTVVNSICNTTGVEKPKFLPDLYDYKENRFIEIGVTRREVHIYYLEKANKIKSEKTHIHIFSFTGEEMATKADYTLDEE
SRARIKTRLFTIRQEMASRSLWDSFRQSERGE
;
_entity_poly.pdbx_strand_id                 A 
_entity_poly.pdbx_target_identifier         ? 
# 
loop_
_entity_poly_seq.entity_id 
_entity_poly_seq.num 
_entity_poly_seq.mon_id 
_entity_poly_seq.hetero 
1 1   MET n 
1 2   GLY n 
1 3   SER n 
1 4   GLY n 
1 5   MET n 
1 6   ALA n 
1 7   MET n 
1 8   GLU n 
1 9   ASP n 
1 10  PHE n 
1 11  VAL n 
1 12  ARG n 
1 13  GLN n 
1 14  CYS n 
1 15  PHE n 
1 16  ASN n 
1 17  PRO n 
1 18  MET n 
1 19  ILE n 
1 20  VAL n 
1 21  GLU n 
1 22  LEU n 
1 23  ALA n 
1 24  GLU n 
1 25  LYS n 
1 26  ALA n 
1 27  MET n 
1 28  LYS n 
1 29  GLU n 
1 30  TYR n 
1 31  GLY n 
1 32  GLU n 
1 33  ASP n 
1 34  PRO n 
1 35  LYS n 
1 36  ILE n 
1 37  GLU n 
1 38  THR n 
1 39  ASN n 
1 40  LYS n 
1 41  PHE n 
1 42  ALA n 
1 43  ALA n 
1 44  ILE n 
1 45  CYS n 
1 46  THR n 
1 47  HIS n 
1 48  LEU n 
1 49  GLU n 
1 50  VAL n 
1 51  CYS n 
1 52  PHE n 
1 53  MET n 
1 54  TYR n 
1 55  SER n 
1 56  ASP n 
1 57  PHE n 
1 58  GLY n 
1 59  SER n 
1 60  GLY n 
1 61  ASP n 
1 62  PRO n 
1 63  ASN n 
1 64  ALA n 
1 65  LEU n 
1 66  LEU n 
1 67  LYS n 
1 68  HIS n 
1 69  ARG n 
1 70  PHE n 
1 71  GLU n 
1 72  ILE n 
1 73  ILE n 
1 74  GLU n 
1 75  GLY n 
1 76  ARG n 
1 77  ASP n 
1 78  ARG n 
1 79  ILE n 
1 80  MET n 
1 81  ALA n 
1 82  TRP n 
1 83  THR n 
1 84  VAL n 
1 85  VAL n 
1 86  ASN n 
1 87  SER n 
1 88  ILE n 
1 89  CYS n 
1 90  ASN n 
1 91  THR n 
1 92  THR n 
1 93  GLY n 
1 94  VAL n 
1 95  GLU n 
1 96  LYS n 
1 97  PRO n 
1 98  LYS n 
1 99  PHE n 
1 100 LEU n 
1 101 PRO n 
1 102 ASP n 
1 103 LEU n 
1 104 TYR n 
1 105 ASP n 
1 106 TYR n 
1 107 LYS n 
1 108 GLU n 
1 109 ASN n 
1 110 ARG n 
1 111 PHE n 
1 112 ILE n 
1 113 GLU n 
1 114 ILE n 
1 115 GLY n 
1 116 VAL n 
1 117 THR n 
1 118 ARG n 
1 119 ARG n 
1 120 GLU n 
1 121 VAL n 
1 122 HIS n 
1 123 ILE n 
1 124 TYR n 
1 125 TYR n 
1 126 LEU n 
1 127 GLU n 
1 128 LYS n 
1 129 ALA n 
1 130 ASN n 
1 131 LYS n 
1 132 ILE n 
1 133 LYS n 
1 134 SER n 
1 135 GLU n 
1 136 LYS n 
1 137 THR n 
1 138 HIS n 
1 139 ILE n 
1 140 HIS n 
1 141 ILE n 
1 142 PHE n 
1 143 SER n 
1 144 PHE n 
1 145 THR n 
1 146 GLY n 
1 147 GLU n 
1 148 GLU n 
1 149 MET n 
1 150 ALA n 
1 151 THR n 
1 152 LYS n 
1 153 ALA n 
1 154 ASP n 
1 155 TYR n 
1 156 THR n 
1 157 LEU n 
1 158 ASP n 
1 159 GLU n 
1 160 GLU n 
1 161 SER n 
1 162 ARG n 
1 163 ALA n 
1 164 ARG n 
1 165 ILE n 
1 166 LYS n 
1 167 THR n 
1 168 ARG n 
1 169 LEU n 
1 170 PHE n 
1 171 THR n 
1 172 ILE n 
1 173 ARG n 
1 174 GLN n 
1 175 GLU n 
1 176 MET n 
1 177 ALA n 
1 178 SER n 
1 179 ARG n 
1 180 SER n 
1 181 LEU n 
1 182 TRP n 
1 183 ASP n 
1 184 SER n 
1 185 PHE n 
1 186 ARG n 
1 187 GLN n 
1 188 SER n 
1 189 GLU n 
1 190 ARG n 
1 191 GLY n 
1 192 GLU n 
# 
_entity_src_gen.entity_id                          1 
_entity_src_gen.pdbx_src_id                        1 
_entity_src_gen.pdbx_alt_source_flag               sample 
_entity_src_gen.pdbx_seq_type                      'Biological sequence' 
_entity_src_gen.pdbx_beg_seq_num                   1 
_entity_src_gen.pdbx_end_seq_num                   192 
_entity_src_gen.gene_src_common_name               ? 
_entity_src_gen.gene_src_genus                     ? 
_entity_src_gen.pdbx_gene_src_gene                 PA 
_entity_src_gen.gene_src_species                   ? 
_entity_src_gen.gene_src_strain                    'swl A/California/04/2009 H1N1' 
_entity_src_gen.gene_src_tissue                    ? 
_entity_src_gen.gene_src_tissue_fraction           ? 
_entity_src_gen.gene_src_details                   ? 
_entity_src_gen.pdbx_gene_src_fragment             ? 
_entity_src_gen.pdbx_gene_src_scientific_name      'Influenza A virus (strain swl A/California/04/2009 H1N1)' 
_entity_src_gen.pdbx_gene_src_ncbi_taxonomy_id     641501 
_entity_src_gen.pdbx_gene_src_variant              ? 
_entity_src_gen.pdbx_gene_src_cell_line            ? 
_entity_src_gen.pdbx_gene_src_atcc                 ? 
_entity_src_gen.pdbx_gene_src_organ                ? 
_entity_src_gen.pdbx_gene_src_organelle            ? 
_entity_src_gen.pdbx_gene_src_cell                 ? 
_entity_src_gen.pdbx_gene_src_cellular_location    ? 
_entity_src_gen.host_org_common_name               ? 
_entity_src_gen.pdbx_host_org_scientific_name      'Escherichia coli BL21' 
_entity_src_gen.pdbx_host_org_ncbi_taxonomy_id     511693 
_entity_src_gen.host_org_genus                     ? 
_entity_src_gen.pdbx_host_org_gene                 ? 
_entity_src_gen.pdbx_host_org_organ                ? 
_entity_src_gen.host_org_species                   ? 
_entity_src_gen.pdbx_host_org_tissue               ? 
_entity_src_gen.pdbx_host_org_tissue_fraction      ? 
_entity_src_gen.pdbx_host_org_strain               ? 
_entity_src_gen.pdbx_host_org_variant              ? 
_entity_src_gen.pdbx_host_org_cell_line            ? 
_entity_src_gen.pdbx_host_org_atcc                 ? 
_entity_src_gen.pdbx_host_org_culture_collection   ? 
_entity_src_gen.pdbx_host_org_cell                 ? 
_entity_src_gen.pdbx_host_org_organelle            ? 
_entity_src_gen.pdbx_host_org_cellular_location    ? 
_entity_src_gen.pdbx_host_org_vector_type          ? 
_entity_src_gen.pdbx_host_org_vector               ? 
_entity_src_gen.host_org_details                   ? 
_entity_src_gen.expression_system_id               ? 
_entity_src_gen.plasmid_name                       ? 
_entity_src_gen.plasmid_details                    ? 
_entity_src_gen.pdbx_description                   ? 
# 
_struct_ref.id                         1 
_struct_ref.db_name                    UNP 
_struct_ref.db_code                    C3W5S0_I09A0 
_struct_ref.pdbx_db_accession          C3W5S0 
_struct_ref.pdbx_db_isoform            ? 
_struct_ref.entity_id                  1 
_struct_ref.pdbx_seq_one_letter_code   
;MEDFVRQCFNPMIVELAEKAMKEYGEDPKIETNKFAAICTHLEVCFMYSDFHFIDERGESIIVESGDPNALLKHRFEIIE
GRDRIMAWTVVNSICNTTGVEKPKFLPDLYDYKENRFIEIGVTRREVHIYYLEKANKIKSEKTHIHIFSFTGEEMATKAD
YTLDEESRARIKTRLFTIRQEMASRSLWDSFRQSERGE
;
_struct_ref.pdbx_align_begin           1 
# 
_struct_ref_seq.align_id                      1 
_struct_ref_seq.ref_id                        1 
_struct_ref_seq.pdbx_PDB_id_code              6E3P 
_struct_ref_seq.pdbx_strand_id                A 
_struct_ref_seq.seq_align_beg                 7 
_struct_ref_seq.pdbx_seq_align_beg_ins_code   ? 
_struct_ref_seq.seq_align_end                 192 
_struct_ref_seq.pdbx_seq_align_end_ins_code   ? 
_struct_ref_seq.pdbx_db_accession             C3W5S0 
_struct_ref_seq.db_align_beg                  1 
_struct_ref_seq.pdbx_db_align_beg_ins_code    ? 
_struct_ref_seq.db_align_end                  198 
_struct_ref_seq.pdbx_db_align_end_ins_code    ? 
_struct_ref_seq.pdbx_auth_seq_align_beg       1 
_struct_ref_seq.pdbx_auth_seq_align_end       198 
# 
loop_
_struct_ref_seq_dif.align_id 
_struct_ref_seq_dif.pdbx_pdb_id_code 
_struct_ref_seq_dif.mon_id 
_struct_ref_seq_dif.pdbx_pdb_strand_id 
_struct_ref_seq_dif.seq_num 
_struct_ref_seq_dif.pdbx_pdb_ins_code 
_struct_ref_seq_dif.pdbx_seq_db_name 
_struct_ref_seq_dif.pdbx_seq_db_accession_code 
_struct_ref_seq_dif.db_mon_id 
_struct_ref_seq_dif.pdbx_seq_db_seq_num 
_struct_ref_seq_dif.details 
_struct_ref_seq_dif.pdbx_auth_seq_num 
_struct_ref_seq_dif.pdbx_ordinal 
1 6E3P MET A 1  ? UNP C3W5S0 ?   ?  'expression tag' -5 1  
1 6E3P GLY A 2  ? UNP C3W5S0 ?   ?  'expression tag' -4 2  
1 6E3P SER A 3  ? UNP C3W5S0 ?   ?  'expression tag' -3 3  
1 6E3P GLY A 4  ? UNP C3W5S0 ?   ?  'expression tag' -2 4  
1 6E3P MET A 5  ? UNP C3W5S0 ?   ?  'expression tag' -1 5  
1 6E3P ALA A 6  ? UNP C3W5S0 ?   ?  'expression tag' 0  6  
1 6E3P ?   A ?  ? UNP C3W5S0 HIS 52 deletion         ?  7  
1 6E3P ?   A ?  ? UNP C3W5S0 PHE 53 deletion         ?  8  
1 6E3P ?   A ?  ? UNP C3W5S0 ILE 54 deletion         ?  9  
1 6E3P ?   A ?  ? UNP C3W5S0 ASP 55 deletion         ?  10 
1 6E3P ?   A ?  ? UNP C3W5S0 GLU 56 deletion         ?  11 
1 6E3P ?   A ?  ? UNP C3W5S0 ARG 57 deletion         ?  12 
1 6E3P ?   A ?  ? UNP C3W5S0 GLY 58 deletion         ?  13 
1 6E3P ?   A ?  ? UNP C3W5S0 GLU 59 deletion         ?  14 
1 6E3P ?   A ?  ? UNP C3W5S0 SER 60 deletion         ?  15 
1 6E3P ?   A ?  ? UNP C3W5S0 ILE 61 deletion         ?  16 
1 6E3P ?   A ?  ? UNP C3W5S0 ILE 62 deletion         ?  17 
1 6E3P ?   A ?  ? UNP C3W5S0 VAL 63 deletion         ?  18 
1 6E3P GLY A 58 ? UNP C3W5S0 GLU 64 conflict         52 19 
# 
loop_
_chem_comp.id 
_chem_comp.type 
_chem_comp.mon_nstd_flag 
_chem_comp.name 
_chem_comp.pdbx_synonyms 
_chem_comp.formula 
_chem_comp.formula_weight 
ALA 'L-peptide linking' y ALANINE                                                                                ? 'C3 H7 N O2' 
89.093  
ARG 'L-peptide linking' y ARGININE                                                                               ? 
'C6 H15 N4 O2 1' 175.209 
ASN 'L-peptide linking' y ASPARAGINE                                                                             ? 'C4 H8 N2 O3' 
132.118 
ASP 'L-peptide linking' y 'ASPARTIC ACID'                                                                        ? 'C4 H7 N O4' 
133.103 
CYS 'L-peptide linking' y CYSTEINE                                                                               ? 'C3 H7 N O2 S' 
121.158 
GLN 'L-peptide linking' y GLUTAMINE                                                                              ? 'C5 H10 N2 O3' 
146.144 
GLU 'L-peptide linking' y 'GLUTAMIC ACID'                                                                        ? 'C5 H9 N O4' 
147.129 
GLY 'peptide linking'   y GLYCINE                                                                                ? 'C2 H5 N O2' 
75.067  
HIS 'L-peptide linking' y HISTIDINE                                                                              ? 
'C6 H10 N3 O2 1' 156.162 
HO1 non-polymer         . '3-hydroxy-4-oxo-6-[3-(1H-tetrazol-5-yl)phenyl]-1,4-dihydropyridine-2-carboxylic acid' ? 'C13 H9 N5 O4' 
299.242 
HOH non-polymer         . WATER                                                                                  ? 'H2 O' 18.015  
ILE 'L-peptide linking' y ISOLEUCINE                                                                             ? 'C6 H13 N O2' 
131.173 
LEU 'L-peptide linking' y LEUCINE                                                                                ? 'C6 H13 N O2' 
131.173 
LYS 'L-peptide linking' y LYSINE                                                                                 ? 
'C6 H15 N2 O2 1' 147.195 
MET 'L-peptide linking' y METHIONINE                                                                             ? 'C5 H11 N O2 S' 
149.211 
MN  non-polymer         . 'MANGANESE (II) ION'                                                                   ? 'Mn 2' 54.938  
PHE 'L-peptide linking' y PHENYLALANINE                                                                          ? 'C9 H11 N O2' 
165.189 
PRO 'L-peptide linking' y PROLINE                                                                                ? 'C5 H9 N O2' 
115.130 
SER 'L-peptide linking' y SERINE                                                                                 ? 'C3 H7 N O3' 
105.093 
THR 'L-peptide linking' y THREONINE                                                                              ? 'C4 H9 N O3' 
119.119 
TRP 'L-peptide linking' y TRYPTOPHAN                                                                             ? 'C11 H12 N2 O2' 
204.225 
TYR 'L-peptide linking' y TYROSINE                                                                               ? 'C9 H11 N O3' 
181.189 
VAL 'L-peptide linking' y VALINE                                                                                 ? 'C5 H11 N O2' 
117.146 
# 
_exptl.absorpt_coefficient_mu     ? 
_exptl.absorpt_correction_T_max   ? 
_exptl.absorpt_correction_T_min   ? 
_exptl.absorpt_correction_type    ? 
_exptl.absorpt_process_details    ? 
_exptl.entry_id                   6E3P 
_exptl.crystals_number            1 
_exptl.details                    ? 
_exptl.method                     'X-RAY DIFFRACTION' 
_exptl.method_details             ? 
# 
_exptl_crystal.colour                      ? 
_exptl_crystal.density_diffrn              ? 
_exptl_crystal.density_Matthews            2.24 
_exptl_crystal.density_method              ? 
_exptl_crystal.density_percent_sol         45.08 
_exptl_crystal.description                 ? 
_exptl_crystal.F_000                       ? 
_exptl_crystal.id                          1 
_exptl_crystal.preparation                 ? 
_exptl_crystal.size_max                    ? 
_exptl_crystal.size_mid                    ? 
_exptl_crystal.size_min                    ? 
_exptl_crystal.size_rad                    ? 
_exptl_crystal.colour_lustre               ? 
_exptl_crystal.colour_modifier             ? 
_exptl_crystal.colour_primary              ? 
_exptl_crystal.density_meas                ? 
_exptl_crystal.density_meas_esd            ? 
_exptl_crystal.density_meas_gt             ? 
_exptl_crystal.density_meas_lt             ? 
_exptl_crystal.density_meas_temp           ? 
_exptl_crystal.density_meas_temp_esd       ? 
_exptl_crystal.density_meas_temp_gt        ? 
_exptl_crystal.density_meas_temp_lt        ? 
_exptl_crystal.pdbx_crystal_image_url      ? 
_exptl_crystal.pdbx_crystal_image_format   ? 
_exptl_crystal.pdbx_mosaicity              ? 
_exptl_crystal.pdbx_mosaicity_esd          ? 
# 
_exptl_crystal_grow.apparatus       ? 
_exptl_crystal_grow.atmosphere      ? 
_exptl_crystal_grow.crystal_id      1 
_exptl_crystal_grow.details         ? 
_exptl_crystal_grow.method          'VAPOR DIFFUSION, HANGING DROP' 
_exptl_crystal_grow.method_ref      ? 
_exptl_crystal_grow.pH              7.8 
_exptl_crystal_grow.pressure        ? 
_exptl_crystal_grow.pressure_esd    ? 
_exptl_crystal_grow.seeding         ? 
_exptl_crystal_grow.seeding_ref     ? 
_exptl_crystal_grow.temp            306 
_exptl_crystal_grow.temp_details    ? 
_exptl_crystal_grow.temp_esd        ? 
_exptl_crystal_grow.time            ? 
_exptl_crystal_grow.pdbx_details    '30% PEG4000, 100 mM Tris, pH 8.35, 200-220 mM sodium acetate' 
_exptl_crystal_grow.pdbx_pH_range   ? 
# 
_diffrn.ambient_environment    ? 
_diffrn.ambient_temp           100 
_diffrn.ambient_temp_details   ? 
_diffrn.ambient_temp_esd       ? 
_diffrn.crystal_id             1 
_diffrn.crystal_support        ? 
_diffrn.crystal_treatment      ? 
_diffrn.details                ? 
_diffrn.id                     1 
_diffrn.ambient_pressure       ? 
_diffrn.ambient_pressure_esd   ? 
_diffrn.ambient_pressure_gt    ? 
_diffrn.ambient_pressure_lt    ? 
_diffrn.ambient_temp_gt        ? 
_diffrn.ambient_temp_lt        ? 
# 
_diffrn_detector.details                      ? 
_diffrn_detector.detector                     CCD 
_diffrn_detector.diffrn_id                    1 
_diffrn_detector.type                         'APEX II CCD' 
_diffrn_detector.area_resol_mean              ? 
_diffrn_detector.dtime                        ? 
_diffrn_detector.pdbx_frames_total            ? 
_diffrn_detector.pdbx_collection_time_total   ? 
_diffrn_detector.pdbx_collection_date         2017-09-01 
# 
_diffrn_radiation.collimation                      ? 
_diffrn_radiation.diffrn_id                        1 
_diffrn_radiation.filter_edge                      ? 
_diffrn_radiation.inhomogeneity                    ? 
_diffrn_radiation.monochromator                    ? 
_diffrn_radiation.polarisn_norm                    ? 
_diffrn_radiation.polarisn_ratio                   ? 
_diffrn_radiation.probe                            ? 
_diffrn_radiation.type                             ? 
_diffrn_radiation.xray_symbol                      ? 
_diffrn_radiation.wavelength_id                    1 
_diffrn_radiation.pdbx_monochromatic_or_laue_m_l   M 
_diffrn_radiation.pdbx_wavelength_list             ? 
_diffrn_radiation.pdbx_wavelength                  ? 
_diffrn_radiation.pdbx_diffrn_protocol             'SINGLE WAVELENGTH' 
_diffrn_radiation.pdbx_analyzer                    ? 
_diffrn_radiation.pdbx_scattering_type             x-ray 
# 
_diffrn_radiation_wavelength.id           1 
_diffrn_radiation_wavelength.wavelength   1.54 
_diffrn_radiation_wavelength.wt           1.0 
# 
_diffrn_source.current                     ? 
_diffrn_source.details                     ? 
_diffrn_source.diffrn_id                   1 
_diffrn_source.power                       ? 
_diffrn_source.size                        ? 
_diffrn_source.source                      'ROTATING ANODE' 
_diffrn_source.target                      ? 
_diffrn_source.type                        'BRUKER AXS MICROSTAR' 
_diffrn_source.voltage                     ? 
_diffrn_source.take-off_angle              ? 
_diffrn_source.pdbx_wavelength_list        1.54 
_diffrn_source.pdbx_wavelength             ? 
_diffrn_source.pdbx_synchrotron_beamline   ? 
_diffrn_source.pdbx_synchrotron_site       ? 
# 
_reflns.B_iso_Wilson_estimate            ? 
_reflns.entry_id                         6E3P 
_reflns.data_reduction_details           ? 
_reflns.data_reduction_method            ? 
_reflns.d_resolution_high                2.80 
_reflns.d_resolution_low                 44.25 
_reflns.details                          ? 
_reflns.limit_h_max                      ? 
_reflns.limit_h_min                      ? 
_reflns.limit_k_max                      ? 
_reflns.limit_k_min                      ? 
_reflns.limit_l_max                      ? 
_reflns.limit_l_min                      ? 
_reflns.number_all                       ? 
_reflns.number_obs                       5394 
_reflns.observed_criterion               ? 
_reflns.observed_criterion_F_max         ? 
_reflns.observed_criterion_F_min         ? 
_reflns.observed_criterion_I_max         ? 
_reflns.observed_criterion_I_min         ? 
_reflns.observed_criterion_sigma_F       ? 
_reflns.observed_criterion_sigma_I       ? 
_reflns.percent_possible_obs             99.9 
_reflns.R_free_details                   ? 
_reflns.Rmerge_F_all                     ? 
_reflns.Rmerge_F_obs                     ? 
_reflns.Friedel_coverage                 ? 
_reflns.number_gt                        ? 
_reflns.threshold_expression             ? 
_reflns.pdbx_redundancy                  14.11 
_reflns.pdbx_Rmerge_I_obs                0.098 
_reflns.pdbx_Rmerge_I_all                ? 
_reflns.pdbx_Rsym_value                  ? 
_reflns.pdbx_netI_over_av_sigmaI         ? 
_reflns.pdbx_netI_over_sigmaI            20.59 
_reflns.pdbx_res_netI_over_av_sigmaI_2   ? 
_reflns.pdbx_res_netI_over_sigmaI_2      ? 
_reflns.pdbx_chi_squared                 ? 
_reflns.pdbx_scaling_rejects             ? 
_reflns.pdbx_d_res_high_opt              ? 
_reflns.pdbx_d_res_low_opt               ? 
_reflns.pdbx_d_res_opt_method            ? 
_reflns.phase_calculation_details        ? 
_reflns.pdbx_Rrim_I_all                  ? 
_reflns.pdbx_Rpim_I_all                  ? 
_reflns.pdbx_d_opt                       ? 
_reflns.pdbx_number_measured_all         ? 
_reflns.pdbx_diffrn_id                   1 
_reflns.pdbx_ordinal                     1 
_reflns.pdbx_CC_half                     ? 
_reflns.pdbx_R_split                     ? 
# 
_reflns_shell.d_res_high                  2.80 
_reflns_shell.d_res_low                   2.90 
_reflns_shell.meanI_over_sigI_all         ? 
_reflns_shell.meanI_over_sigI_obs         3.79 
_reflns_shell.number_measured_all         ? 
_reflns_shell.number_measured_obs         ? 
_reflns_shell.number_possible             ? 
_reflns_shell.number_unique_all           ? 
_reflns_shell.number_unique_obs           521 
_reflns_shell.percent_possible_all        99.8 
_reflns_shell.percent_possible_obs        ? 
_reflns_shell.Rmerge_F_all                ? 
_reflns_shell.Rmerge_F_obs                ? 
_reflns_shell.Rmerge_I_all                ? 
_reflns_shell.Rmerge_I_obs                0.419 
_reflns_shell.meanI_over_sigI_gt          ? 
_reflns_shell.meanI_over_uI_all           ? 
_reflns_shell.meanI_over_uI_gt            ? 
_reflns_shell.number_measured_gt          ? 
_reflns_shell.number_unique_gt            ? 
_reflns_shell.percent_possible_gt         ? 
_reflns_shell.Rmerge_F_gt                 ? 
_reflns_shell.Rmerge_I_gt                 ? 
_reflns_shell.pdbx_redundancy             11.21 
_reflns_shell.pdbx_Rsym_value             ? 
_reflns_shell.pdbx_chi_squared            ? 
_reflns_shell.pdbx_netI_over_sigmaI_all   ? 
_reflns_shell.pdbx_netI_over_sigmaI_obs   ? 
_reflns_shell.pdbx_Rrim_I_all             ? 
_reflns_shell.pdbx_Rpim_I_all             ? 
_reflns_shell.pdbx_rejects                ? 
_reflns_shell.pdbx_ordinal                1 
_reflns_shell.pdbx_diffrn_id              1 
_reflns_shell.pdbx_CC_half                ? 
_reflns_shell.pdbx_R_split                ? 
# 
_refine.aniso_B[1][1]                            -0.54 
_refine.aniso_B[1][2]                            -0.27 
_refine.aniso_B[1][3]                            -0.00 
_refine.aniso_B[2][2]                            -0.54 
_refine.aniso_B[2][3]                            0.00 
_refine.aniso_B[3][3]                            1.76 
_refine.B_iso_max                                ? 
_refine.B_iso_mean                               40.261 
_refine.B_iso_min                                ? 
_refine.correlation_coeff_Fo_to_Fc               0.934 
_refine.correlation_coeff_Fo_to_Fc_free          0.859 
_refine.details                                  'HYDROGENS HAVE BEEN ADDED IN THE RIDING POSITIONS' 
_refine.diff_density_max                         ? 
_refine.diff_density_max_esd                     ? 
_refine.diff_density_min                         ? 
_refine.diff_density_min_esd                     ? 
_refine.diff_density_rms                         ? 
_refine.diff_density_rms_esd                     ? 
_refine.entry_id                                 6E3P 
_refine.pdbx_refine_id                           'X-RAY DIFFRACTION' 
_refine.ls_abs_structure_details                 ? 
_refine.ls_abs_structure_Flack                   ? 
_refine.ls_abs_structure_Flack_esd               ? 
_refine.ls_abs_structure_Rogers                  ? 
_refine.ls_abs_structure_Rogers_esd              ? 
_refine.ls_d_res_high                            2.80 
_refine.ls_d_res_low                             44.25 
_refine.ls_extinction_coef                       ? 
_refine.ls_extinction_coef_esd                   ? 
_refine.ls_extinction_expression                 ? 
_refine.ls_extinction_method                     ? 
_refine.ls_goodness_of_fit_all                   ? 
_refine.ls_goodness_of_fit_all_esd               ? 
_refine.ls_goodness_of_fit_obs                   ? 
_refine.ls_goodness_of_fit_obs_esd               ? 
_refine.ls_hydrogen_treatment                    ? 
_refine.ls_matrix_type                           ? 
_refine.ls_number_constraints                    ? 
_refine.ls_number_parameters                     ? 
_refine.ls_number_reflns_all                     ? 
_refine.ls_number_reflns_obs                     4837 
_refine.ls_number_reflns_R_free                  518 
_refine.ls_number_reflns_R_work                  ? 
_refine.ls_number_restraints                     ? 
_refine.ls_percent_reflns_obs                    99.68 
_refine.ls_percent_reflns_R_free                 9.7 
_refine.ls_R_factor_all                          ? 
_refine.ls_R_factor_obs                          0.21536 
_refine.ls_R_factor_R_free                       0.30135 
_refine.ls_R_factor_R_free_error                 ? 
_refine.ls_R_factor_R_free_error_details         ? 
_refine.ls_R_factor_R_work                       0.20595 
_refine.ls_R_Fsqd_factor_obs                     ? 
_refine.ls_R_I_factor_obs                        ? 
_refine.ls_redundancy_reflns_all                 ? 
_refine.ls_redundancy_reflns_obs                 ? 
_refine.ls_restrained_S_all                      ? 
_refine.ls_restrained_S_obs                      ? 
_refine.ls_shift_over_esd_max                    ? 
_refine.ls_shift_over_esd_mean                   ? 
_refine.ls_structure_factor_coef                 ? 
_refine.ls_weighting_details                     ? 
_refine.ls_weighting_scheme                      ? 
_refine.ls_wR_factor_all                         ? 
_refine.ls_wR_factor_obs                         ? 
_refine.ls_wR_factor_R_free                      ? 
_refine.ls_wR_factor_R_work                      ? 
_refine.occupancy_max                            ? 
_refine.occupancy_min                            ? 
_refine.solvent_model_details                    ? 
_refine.solvent_model_param_bsol                 ? 
_refine.solvent_model_param_ksol                 ? 
_refine.ls_R_factor_gt                           ? 
_refine.ls_goodness_of_fit_gt                    ? 
_refine.ls_goodness_of_fit_ref                   ? 
_refine.ls_shift_over_su_max                     ? 
_refine.ls_shift_over_su_max_lt                  ? 
_refine.ls_shift_over_su_mean                    ? 
_refine.ls_shift_over_su_mean_lt                 ? 
_refine.pdbx_ls_sigma_I                          ? 
_refine.pdbx_ls_sigma_F                          ? 
_refine.pdbx_ls_sigma_Fsqd                       ? 
_refine.pdbx_data_cutoff_high_absF               ? 
_refine.pdbx_data_cutoff_high_rms_absF           ? 
_refine.pdbx_data_cutoff_low_absF                ? 
_refine.pdbx_isotropic_thermal_model             ? 
_refine.pdbx_ls_cross_valid_method               THROUGHOUT 
_refine.pdbx_method_to_determine_struct          'MOLECULAR REPLACEMENT' 
_refine.pdbx_starting_model                      4AWM 
_refine.pdbx_stereochemistry_target_values       ? 
_refine.pdbx_R_Free_selection_details            RANDOM 
_refine.pdbx_stereochem_target_val_spec_case     ? 
_refine.pdbx_overall_ESU_R                       ? 
_refine.pdbx_overall_ESU_R_Free                  0.487 
_refine.pdbx_solvent_vdw_probe_radii             1.20 
_refine.pdbx_solvent_ion_probe_radii             0.80 
_refine.pdbx_solvent_shrinkage_radii             0.80 
_refine.pdbx_real_space_R                        ? 
_refine.pdbx_density_correlation                 ? 
_refine.pdbx_pd_number_of_powder_patterns        ? 
_refine.pdbx_pd_number_of_points                 ? 
_refine.pdbx_pd_meas_number_of_points            ? 
_refine.pdbx_pd_proc_ls_prof_R_factor            ? 
_refine.pdbx_pd_proc_ls_prof_wR_factor           ? 
_refine.pdbx_pd_Marquardt_correlation_coeff      ? 
_refine.pdbx_pd_Fsqrd_R_factor                   ? 
_refine.pdbx_pd_ls_matrix_band_width             ? 
_refine.pdbx_overall_phase_error                 ? 
_refine.pdbx_overall_SU_R_free_Cruickshank_DPI   ? 
_refine.pdbx_overall_SU_R_free_Blow_DPI          ? 
_refine.pdbx_overall_SU_R_Blow_DPI               ? 
_refine.pdbx_TLS_residual_ADP_flag               ? 
_refine.pdbx_diffrn_id                           1 
_refine.overall_SU_B                             17.349 
_refine.overall_SU_ML                            0.336 
_refine.overall_SU_R_Cruickshank_DPI             ? 
_refine.overall_SU_R_free                        ? 
_refine.overall_FOM_free_R_set                   ? 
_refine.overall_FOM_work_R_set                   ? 
_refine.pdbx_average_fsc_overall                 ? 
_refine.pdbx_average_fsc_work                    ? 
_refine.pdbx_average_fsc_free                    ? 
# 
_refine_hist.pdbx_refine_id                   'X-RAY DIFFRACTION' 
_refine_hist.cycle_id                         1 
_refine_hist.pdbx_number_atoms_protein        1451 
_refine_hist.pdbx_number_atoms_nucleic_acid   0 
_refine_hist.pdbx_number_atoms_ligand         46 
_refine_hist.number_atoms_solvent             5 
_refine_hist.number_atoms_total               1502 
_refine_hist.d_res_high                       2.80 
_refine_hist.d_res_low                        44.25 
# 
loop_
_refine_ls_restr.pdbx_refine_id 
_refine_ls_restr.criterion 
_refine_ls_restr.dev_ideal 
_refine_ls_restr.dev_ideal_target 
_refine_ls_restr.number 
_refine_ls_restr.rejects 
_refine_ls_restr.type 
_refine_ls_restr.weight 
_refine_ls_restr.pdbx_restraint_function 
'X-RAY DIFFRACTION' ? 0.014  0.014  1528 ? r_bond_refined_d             ? ? 
'X-RAY DIFFRACTION' ? 0.001  0.017  1325 ? r_bond_other_d               ? ? 
'X-RAY DIFFRACTION' ? 1.371  1.708  2053 ? r_angle_refined_deg          ? ? 
'X-RAY DIFFRACTION' ? 0.817  1.649  3105 ? r_angle_other_deg            ? ? 
'X-RAY DIFFRACTION' ? 6.579  5.000  171  ? r_dihedral_angle_1_deg       ? ? 
'X-RAY DIFFRACTION' ? 33.253 21.183 93   ? r_dihedral_angle_2_deg       ? ? 
'X-RAY DIFFRACTION' ? 18.153 15.000 278  ? r_dihedral_angle_3_deg       ? ? 
'X-RAY DIFFRACTION' ? 20.114 15.000 14   ? r_dihedral_angle_4_deg       ? ? 
'X-RAY DIFFRACTION' ? 0.058  0.200  195  ? r_chiral_restr               ? ? 
'X-RAY DIFFRACTION' ? 0.005  0.020  1701 ? r_gen_planes_refined         ? ? 
'X-RAY DIFFRACTION' ? 0.001  0.020  305  ? r_gen_planes_other           ? ? 
'X-RAY DIFFRACTION' ? ?      ?      ?    ? r_nbd_refined                ? ? 
'X-RAY DIFFRACTION' ? ?      ?      ?    ? r_nbd_other                  ? ? 
'X-RAY DIFFRACTION' ? ?      ?      ?    ? r_nbtor_refined              ? ? 
'X-RAY DIFFRACTION' ? ?      ?      ?    ? r_nbtor_other                ? ? 
'X-RAY DIFFRACTION' ? ?      ?      ?    ? r_xyhbond_nbd_refined        ? ? 
'X-RAY DIFFRACTION' ? ?      ?      ?    ? r_xyhbond_nbd_other          ? ? 
'X-RAY DIFFRACTION' ? ?      ?      ?    ? r_metal_ion_refined          ? ? 
'X-RAY DIFFRACTION' ? ?      ?      ?    ? r_metal_ion_other            ? ? 
'X-RAY DIFFRACTION' ? ?      ?      ?    ? r_symmetry_vdw_refined       ? ? 
'X-RAY DIFFRACTION' ? ?      ?      ?    ? r_symmetry_vdw_other         ? ? 
'X-RAY DIFFRACTION' ? ?      ?      ?    ? r_symmetry_hbond_refined     ? ? 
'X-RAY DIFFRACTION' ? ?      ?      ?    ? r_symmetry_hbond_other       ? ? 
'X-RAY DIFFRACTION' ? ?      ?      ?    ? r_symmetry_metal_ion_refined ? ? 
'X-RAY DIFFRACTION' ? ?      ?      ?    ? r_symmetry_metal_ion_other   ? ? 
'X-RAY DIFFRACTION' ? 2.684  3.950  693  ? r_mcbond_it                  ? ? 
'X-RAY DIFFRACTION' ? 2.674  3.945  692  ? r_mcbond_other               ? ? 
'X-RAY DIFFRACTION' ? 4.337  5.904  861  ? r_mcangle_it                 ? ? 
'X-RAY DIFFRACTION' ? 4.338  5.909  862  ? r_mcangle_other              ? ? 
'X-RAY DIFFRACTION' ? 3.044  4.357  834  ? r_scbond_it                  ? ? 
'X-RAY DIFFRACTION' ? 3.034  4.357  833  ? r_scbond_other               ? ? 
'X-RAY DIFFRACTION' ? ?      ?      ?    ? r_scangle_it                 ? ? 
'X-RAY DIFFRACTION' ? 5.026  6.387  1193 ? r_scangle_other              ? ? 
'X-RAY DIFFRACTION' ? 7.257  44.416 1750 ? r_long_range_B_refined       ? ? 
'X-RAY DIFFRACTION' ? 7.258  44.413 1750 ? r_long_range_B_other         ? ? 
'X-RAY DIFFRACTION' ? ?      ?      ?    ? r_rigid_bond_restr           ? ? 
'X-RAY DIFFRACTION' ? ?      ?      ?    ? r_sphericity_free            ? ? 
'X-RAY DIFFRACTION' ? ?      ?      ?    ? r_sphericity_bonded          ? ? 
# 
_refine_ls_shell.pdbx_refine_id                   'X-RAY DIFFRACTION' 
_refine_ls_shell.d_res_high                       2.800 
_refine_ls_shell.d_res_low                        2.873 
_refine_ls_shell.number_reflns_all                ? 
_refine_ls_shell.number_reflns_obs                ? 
_refine_ls_shell.number_reflns_R_free             43 
_refine_ls_shell.number_reflns_R_work             348 
_refine_ls_shell.percent_reflns_obs               99.24 
_refine_ls_shell.percent_reflns_R_free            ? 
_refine_ls_shell.R_factor_all                     ? 
_refine_ls_shell.R_factor_obs                     ? 
_refine_ls_shell.R_factor_R_free                  0.319 
_refine_ls_shell.R_factor_R_free_error            ? 
_refine_ls_shell.R_factor_R_work                  0.263 
_refine_ls_shell.redundancy_reflns_all            ? 
_refine_ls_shell.redundancy_reflns_obs            ? 
_refine_ls_shell.wR_factor_all                    ? 
_refine_ls_shell.wR_factor_obs                    ? 
_refine_ls_shell.wR_factor_R_free                 ? 
_refine_ls_shell.wR_factor_R_work                 ? 
_refine_ls_shell.pdbx_total_number_of_bins_used   20 
_refine_ls_shell.pdbx_phase_error                 ? 
_refine_ls_shell.pdbx_fsc_work                    ? 
_refine_ls_shell.pdbx_fsc_free                    ? 
# 
_struct.entry_id                     6E3P 
_struct.title                        
;The N-terminal domain of PA endonuclease from the influenza H1N1 virus in complex with 6-(3-(1H-tetrazol-5-yl)phenyl)-3-hydroxy-4-oxo-1,4-dihydropyridine-2-carboxylic acid
;
_struct.pdbx_model_details           ? 
_struct.pdbx_formula_weight          ? 
_struct.pdbx_formula_weight_method   ? 
_struct.pdbx_model_type_details      ? 
_struct.pdbx_CASP_flag               N 
# 
_struct_keywords.entry_id        6E3P 
_struct_keywords.text            'PA endonuclease, inhibitor, influenza, H1N1, HYDROLASE-HYDROLASE INHIBITOR complex' 
_struct_keywords.pdbx_keywords   'HYDROLASE/HYDROLASE INHIBITOR' 
# 
loop_
_struct_asym.id 
_struct_asym.pdbx_blank_PDB_chainid_flag 
_struct_asym.pdbx_modified 
_struct_asym.entity_id 
_struct_asym.details 
A N N 1 ? 
B N N 2 ? 
C N N 2 ? 
D N N 3 ? 
E N N 3 ? 
F N N 4 ? 
# 
loop_
_struct_conf.conf_type_id 
_struct_conf.id 
_struct_conf.pdbx_PDB_helix_id 
_struct_conf.beg_label_comp_id 
_struct_conf.beg_label_asym_id 
_struct_conf.beg_label_seq_id 
_struct_conf.pdbx_beg_PDB_ins_code 
_struct_conf.end_label_comp_id 
_struct_conf.end_label_asym_id 
_struct_conf.end_label_seq_id 
_struct_conf.pdbx_end_PDB_ins_code 
_struct_conf.beg_auth_comp_id 
_struct_conf.beg_auth_asym_id 
_struct_conf.beg_auth_seq_id 
_struct_conf.end_auth_comp_id 
_struct_conf.end_auth_asym_id 
_struct_conf.end_auth_seq_id 
_struct_conf.pdbx_PDB_helix_class 
_struct_conf.details 
_struct_conf.pdbx_PDB_helix_length 
HELX_P HELX_P1 AA1 ALA A 6   ? PHE A 15  ? ALA A 0   PHE A 9   1 ? 10 
HELX_P HELX_P2 AA2 ASN A 16  ? GLU A 29  ? ASN A 10  GLU A 23  1 ? 14 
HELX_P HELX_P3 AA3 GLU A 37  ? PHE A 57  ? GLU A 31  PHE A 51  1 ? 21 
HELX_P HELX_P4 AA4 ASP A 77  ? THR A 91  ? ASP A 83  THR A 97  1 ? 15 
HELX_P HELX_P5 AA5 GLU A 120 ? ILE A 132 ? GLU A 126 ILE A 138 1 ? 13 
HELX_P HELX_P6 AA6 LYS A 152 ? ASP A 154 ? LYS A 158 ASP A 160 5 ? 3  
HELX_P HELX_P7 AA7 ASP A 158 ? ARG A 179 ? ASP A 164 ARG A 185 1 ? 22 
HELX_P HELX_P8 AA8 LEU A 181 ? SER A 188 ? LEU A 187 SER A 194 1 ? 8  
# 
_struct_conf_type.id          HELX_P 
_struct_conf_type.criteria    ? 
_struct_conf_type.reference   ? 
# 
loop_
_struct_conn.id 
_struct_conn.conn_type_id 
_struct_conn.pdbx_leaving_atom_flag 
_struct_conn.pdbx_PDB_id 
_struct_conn.ptnr1_label_asym_id 
_struct_conn.ptnr1_label_comp_id 
_struct_conn.ptnr1_label_seq_id 
_struct_conn.ptnr1_label_atom_id 
_struct_conn.pdbx_ptnr1_label_alt_id 
_struct_conn.pdbx_ptnr1_PDB_ins_code 
_struct_conn.pdbx_ptnr1_standard_comp_id 
_struct_conn.ptnr1_symmetry 
_struct_conn.ptnr2_label_asym_id 
_struct_conn.ptnr2_label_comp_id 
_struct_conn.ptnr2_label_seq_id 
_struct_conn.ptnr2_label_atom_id 
_struct_conn.pdbx_ptnr2_label_alt_id 
_struct_conn.pdbx_ptnr2_PDB_ins_code 
_struct_conn.ptnr1_auth_asym_id 
_struct_conn.ptnr1_auth_comp_id 
_struct_conn.ptnr1_auth_seq_id 
_struct_conn.ptnr2_auth_asym_id 
_struct_conn.ptnr2_auth_comp_id 
_struct_conn.ptnr2_auth_seq_id 
_struct_conn.ptnr2_symmetry 
_struct_conn.pdbx_ptnr3_label_atom_id 
_struct_conn.pdbx_ptnr3_label_seq_id 
_struct_conn.pdbx_ptnr3_label_comp_id 
_struct_conn.pdbx_ptnr3_label_asym_id 
_struct_conn.pdbx_ptnr3_label_alt_id 
_struct_conn.pdbx_ptnr3_PDB_ins_code 
_struct_conn.details 
_struct_conn.pdbx_dist_value 
_struct_conn.pdbx_value_order 
_struct_conn.pdbx_role 
metalc1  metalc ? ? A HIS 47  NE2 ? ? ? 1_555 B MN  . MN  ? ? A HIS 41  A MN  901 1_555 ? ? ? ? ? ? ? 2.208 ? ? 
metalc2  metalc ? ? A GLU 74  OE2 ? ? ? 1_555 C MN  . MN  ? ? A GLU 80  A MN  902 1_555 ? ? ? ? ? ? ? 1.957 ? ? 
metalc3  metalc ? ? A ASP 102 OD2 ? ? ? 1_555 B MN  . MN  ? ? A ASP 108 A MN  901 1_555 ? ? ? ? ? ? ? 2.217 ? ? 
metalc4  metalc ? ? A ASP 102 OD1 ? ? ? 1_555 C MN  . MN  ? ? A ASP 108 A MN  902 1_555 ? ? ? ? ? ? ? 2.097 ? ? 
metalc5  metalc ? ? A GLU 113 OE2 ? ? ? 1_555 B MN  . MN  ? ? A GLU 119 A MN  901 1_555 ? ? ? ? ? ? ? 2.327 ? ? 
metalc6  metalc ? ? A ILE 114 O   ? ? ? 1_555 B MN  . MN  ? ? A ILE 120 A MN  901 1_555 ? ? ? ? ? ? ? 2.223 ? ? 
metalc7  metalc ? ? B MN  .   MN  ? ? ? 1_555 D HO1 . OAD ? ? A MN  901 A HO1 903 1_555 ? ? ? ? ? ? ? 2.244 ? ? 
metalc8  metalc ? ? B MN  .   MN  ? ? ? 1_555 D HO1 . OAB ? ? A MN  901 A HO1 903 1_555 ? ? ? ? ? ? ? 2.212 ? ? 
metalc9  metalc ? ? C MN  .   MN  ? ? ? 1_555 D HO1 . OAC ? ? A MN  902 A HO1 903 1_555 ? ? ? ? ? ? ? 1.745 ? ? 
metalc10 metalc ? ? C MN  .   MN  ? ? ? 1_555 D HO1 . OAD ? ? A MN  902 A HO1 903 1_555 ? ? ? ? ? ? ? 2.091 ? ? 
# 
_struct_conn_type.id          metalc 
_struct_conn_type.criteria    ? 
_struct_conn_type.reference   ? 
# 
_struct_sheet.id               AA1 
_struct_sheet.type             ? 
_struct_sheet.number_strands   5 
_struct_sheet.details          ? 
# 
loop_
_struct_sheet_order.sheet_id 
_struct_sheet_order.range_id_1 
_struct_sheet_order.range_id_2 
_struct_sheet_order.offset 
_struct_sheet_order.sense 
AA1 1 2 ? anti-parallel 
AA1 2 3 ? anti-parallel 
AA1 3 4 ? parallel      
AA1 4 5 ? anti-parallel 
# 
loop_
_struct_sheet_range.sheet_id 
_struct_sheet_range.id 
_struct_sheet_range.beg_label_comp_id 
_struct_sheet_range.beg_label_asym_id 
_struct_sheet_range.beg_label_seq_id 
_struct_sheet_range.pdbx_beg_PDB_ins_code 
_struct_sheet_range.end_label_comp_id 
_struct_sheet_range.end_label_asym_id 
_struct_sheet_range.end_label_seq_id 
_struct_sheet_range.pdbx_end_PDB_ins_code 
_struct_sheet_range.beg_auth_comp_id 
_struct_sheet_range.beg_auth_asym_id 
_struct_sheet_range.beg_auth_seq_id 
_struct_sheet_range.end_auth_comp_id 
_struct_sheet_range.end_auth_asym_id 
_struct_sheet_range.end_auth_seq_id 
AA1 1 PHE A 70  ? ILE A 72  ? PHE A 76  ILE A 78  
AA1 2 LEU A 103 ? ASP A 105 ? LEU A 109 ASP A 111 
AA1 3 ARG A 110 ? THR A 117 ? ARG A 116 THR A 123 
AA1 4 HIS A 138 ? SER A 143 ? HIS A 144 SER A 149 
AA1 5 GLU A 148 ? ALA A 150 ? GLU A 154 ALA A 156 
# 
loop_
_pdbx_struct_sheet_hbond.sheet_id 
_pdbx_struct_sheet_hbond.range_id_1 
_pdbx_struct_sheet_hbond.range_id_2 
_pdbx_struct_sheet_hbond.range_1_label_atom_id 
_pdbx_struct_sheet_hbond.range_1_label_comp_id 
_pdbx_struct_sheet_hbond.range_1_label_asym_id 
_pdbx_struct_sheet_hbond.range_1_label_seq_id 
_pdbx_struct_sheet_hbond.range_1_PDB_ins_code 
_pdbx_struct_sheet_hbond.range_1_auth_atom_id 
_pdbx_struct_sheet_hbond.range_1_auth_comp_id 
_pdbx_struct_sheet_hbond.range_1_auth_asym_id 
_pdbx_struct_sheet_hbond.range_1_auth_seq_id 
_pdbx_struct_sheet_hbond.range_2_label_atom_id 
_pdbx_struct_sheet_hbond.range_2_label_comp_id 
_pdbx_struct_sheet_hbond.range_2_label_asym_id 
_pdbx_struct_sheet_hbond.range_2_label_seq_id 
_pdbx_struct_sheet_hbond.range_2_PDB_ins_code 
_pdbx_struct_sheet_hbond.range_2_auth_atom_id 
_pdbx_struct_sheet_hbond.range_2_auth_comp_id 
_pdbx_struct_sheet_hbond.range_2_auth_asym_id 
_pdbx_struct_sheet_hbond.range_2_auth_seq_id 
AA1 1 2 N GLU A 71  ? N GLU A 77  O TYR A 104 ? O TYR A 110 
AA1 2 3 N ASP A 105 ? N ASP A 111 O ARG A 110 ? O ARG A 116 
AA1 3 4 N GLY A 115 ? N GLY A 121 O PHE A 142 ? O PHE A 148 
AA1 4 5 N ILE A 141 ? N ILE A 147 O MET A 149 ? O MET A 155 
# 
loop_
_struct_site.id 
_struct_site.pdbx_evidence_code 
_struct_site.pdbx_auth_asym_id 
_struct_site.pdbx_auth_comp_id 
_struct_site.pdbx_auth_seq_id 
_struct_site.pdbx_auth_ins_code 
_struct_site.pdbx_num_residues 
_struct_site.details 
AC1 Software A MN  901 ? 5  'binding site for residue MN A 901'  
AC2 Software A MN  902 ? 3  'binding site for residue MN A 902'  
AC3 Software A HO1 903 ? 14 'binding site for residue HO1 A 903' 
AC4 Software A HO1 904 ? 8  'binding site for residue HO1 A 904' 
# 
loop_
_struct_site_gen.id 
_struct_site_gen.site_id 
_struct_site_gen.pdbx_num_res 
_struct_site_gen.label_comp_id 
_struct_site_gen.label_asym_id 
_struct_site_gen.label_seq_id 
_struct_site_gen.pdbx_auth_ins_code 
_struct_site_gen.auth_comp_id 
_struct_site_gen.auth_asym_id 
_struct_site_gen.auth_seq_id 
_struct_site_gen.label_atom_id 
_struct_site_gen.label_alt_id 
_struct_site_gen.symmetry 
_struct_site_gen.details 
1  AC1 5  HIS A 47  ? HIS A 41   . ? 1_555 ? 
2  AC1 5  ASP A 102 ? ASP A 108  . ? 1_555 ? 
3  AC1 5  GLU A 113 ? GLU A 119  . ? 1_555 ? 
4  AC1 5  ILE A 114 ? ILE A 120  . ? 1_555 ? 
5  AC1 5  HO1 D .   ? HO1 A 903  . ? 1_555 ? 
6  AC2 3  GLU A 74  ? GLU A 80   . ? 1_555 ? 
7  AC2 3  ASP A 102 ? ASP A 108  . ? 1_555 ? 
8  AC2 3  HO1 D .   ? HO1 A 903  . ? 1_555 ? 
9  AC3 14 HIS A 47  ? HIS A 41   . ? 1_555 ? 
10 AC3 14 GLU A 74  ? GLU A 80   . ? 1_555 ? 
11 AC3 14 ASP A 102 ? ASP A 108  . ? 1_555 ? 
12 AC3 14 GLU A 113 ? GLU A 119  . ? 1_555 ? 
13 AC3 14 ILE A 114 ? ILE A 120  . ? 1_555 ? 
14 AC3 14 TYR A 124 ? TYR A 130  . ? 1_555 ? 
15 AC3 14 LYS A 128 ? LYS A 134  . ? 1_555 ? 
16 AC3 14 GLU A 189 ? GLU A 195  . ? 1_555 ? 
17 AC3 14 ARG A 190 ? ARG A 196  . ? 1_555 ? 
18 AC3 14 MN  B .   ? MN  A 901  . ? 1_555 ? 
19 AC3 14 MN  C .   ? MN  A 902  . ? 1_555 ? 
20 AC3 14 HO1 E .   ? HO1 A 904  . ? 1_555 ? 
21 AC3 14 HOH F .   ? HOH A 1002 . ? 1_555 ? 
22 AC3 14 HOH F .   ? HOH A 1004 . ? 1_555 ? 
23 AC4 8  LYS A 40  ? LYS A 34   . ? 1_555 ? 
24 AC4 8  ALA A 43  ? ALA A 37   . ? 1_555 ? 
25 AC4 8  HIS A 47  ? HIS A 41   . ? 1_555 ? 
26 AC4 8  GLU A 74  ? GLU A 80   . ? 1_555 ? 
27 AC4 8  ARG A 118 ? ARG A 124  . ? 1_555 ? 
28 AC4 8  HO1 D .   ? HO1 A 903  . ? 1_555 ? 
29 AC4 8  HOH F .   ? HOH A 1001 . ? 1_555 ? 
30 AC4 8  HOH F .   ? HOH A 1002 . ? 1_555 ? 
# 
_atom_sites.entry_id                    6E3P 
_atom_sites.fract_transf_matrix[1][1]   -0.00718991 
_atom_sites.fract_transf_matrix[1][2]   -0.00214493 
_atom_sites.fract_transf_matrix[1][3]   0.01345547 
_atom_sites.fract_transf_matrix[2][1]   0.00410154 
_atom_sites.fract_transf_matrix[2][2]   0.00827537 
_atom_sites.fract_transf_matrix[2][3]   0.01233047 
_atom_sites.fract_transf_matrix[3][1]   -0.00555151 
_atom_sites.fract_transf_matrix[3][2]   0.00579510 
_atom_sites.fract_transf_matrix[3][3]   -0.00204265 
_atom_sites.fract_transf_vector[1]      -0.191455 
_atom_sites.fract_transf_vector[2]      0.217519 
_atom_sites.fract_transf_vector[3]      1.078375 
# 
loop_
_atom_type.symbol 
C  
MN 
N  
O  
S  
# 
loop_
_atom_site.group_PDB 
_atom_site.id 
_atom_site.type_symbol 
_atom_site.label_atom_id 
_atom_site.label_alt_id 
_atom_site.label_comp_id 
_atom_site.label_asym_id 
_atom_site.label_entity_id 
_atom_site.label_seq_id 
_atom_site.pdbx_PDB_ins_code 
_atom_site.Cartn_x 
_atom_site.Cartn_y 
_atom_site.Cartn_z 
_atom_site.occupancy 
_atom_site.B_iso_or_equiv 
_atom_site.pdbx_formal_charge 
_atom_site.auth_seq_id 
_atom_site.auth_comp_id 
_atom_site.auth_asym_id 
_atom_site.auth_atom_id 
_atom_site.pdbx_PDB_model_num 
ATOM   1    N  N   . ALA A 1 6   ? 2.626   14.788  -17.451 1.00 43.01 ? 0    ALA A N   1 
ATOM   2    C  CA  . ALA A 1 6   ? 3.946   14.075  -17.321 1.00 42.99 ? 0    ALA A CA  1 
ATOM   3    C  C   . ALA A 1 6   ? 3.836   13.048  -16.194 1.00 44.14 ? 0    ALA A C   1 
ATOM   4    O  O   . ALA A 1 6   ? 4.169   11.875  -16.383 1.00 46.80 ? 0    ALA A O   1 
ATOM   5    C  CB  . ALA A 1 6   ? 5.084   15.040  -17.061 1.00 40.51 ? 0    ALA A CB  1 
ATOM   6    N  N   . MET A 1 7   ? 3.371   13.506  -15.026 1.00 40.95 ? 1    MET A N   1 
ATOM   7    C  CA  . MET A 1 7   ? 3.133   12.612  -13.916 1.00 40.03 ? 1    MET A CA  1 
ATOM   8    C  C   . MET A 1 7   ? 2.018   11.620  -14.292 1.00 40.14 ? 1    MET A C   1 
ATOM   9    O  O   . MET A 1 7   ? 2.145   10.432  -14.038 1.00 42.16 ? 1    MET A O   1 
ATOM   10   C  CB  . MET A 1 7   ? 2.778   13.374  -12.638 1.00 38.63 ? 1    MET A CB  1 
ATOM   11   C  CG  . MET A 1 7   ? 2.531   12.464  -11.430 1.00 39.18 ? 1    MET A CG  1 
ATOM   12   S  SD  . MET A 1 7   ? 3.763   11.128  -11.232 1.00 36.27 ? 1    MET A SD  1 
ATOM   13   C  CE  . MET A 1 7   ? 5.131   12.035  -10.519 1.00 36.10 ? 1    MET A CE  1 
ATOM   14   N  N   . GLU A 1 8   ? 0.957   12.106  -14.939 1.00 40.16 ? 2    GLU A N   1 
ATOM   15   C  CA  . GLU A 1 8   ? -0.128  11.255  -15.422 1.00 41.17 ? 2    GLU A CA  1 
ATOM   16   C  C   . GLU A 1 8   ? 0.382   10.293  -16.510 1.00 41.34 ? 2    GLU A C   1 
ATOM   17   O  O   . GLU A 1 8   ? 0.114   9.080   -16.467 1.00 35.84 ? 2    GLU A O   1 
ATOM   18   C  CB  . GLU A 1 8   ? -1.262  12.112  -15.981 1.00 43.21 ? 2    GLU A CB  1 
ATOM   19   C  CG  . GLU A 1 8   ? -2.478  11.291  -16.361 1.00 48.61 ? 2    GLU A CG  1 
ATOM   20   C  CD  . GLU A 1 8   ? -3.554  12.024  -17.141 1.00 51.54 ? 2    GLU A CD  1 
ATOM   21   O  OE1 . GLU A 1 8   ? -3.373  13.234  -17.400 1.00 50.98 ? 2    GLU A OE1 1 
ATOM   22   O  OE2 . GLU A 1 8   ? -4.571  11.377  -17.484 1.00 53.76 ? 2    GLU A OE2 1 
ATOM   23   N  N   . ASP A 1 9   ? 1.096   10.842  -17.504 1.00 42.88 ? 3    ASP A N   1 
ATOM   24   C  CA  . ASP A 1 9   ? 1.647   10.032  -18.590 1.00 40.44 ? 3    ASP A CA  1 
ATOM   25   C  C   . ASP A 1 9   ? 2.413   8.876   -17.951 1.00 38.11 ? 3    ASP A C   1 
ATOM   26   O  O   . ASP A 1 9   ? 2.124   7.737   -18.234 1.00 39.98 ? 3    ASP A O   1 
ATOM   27   C  CB  . ASP A 1 9   ? 2.531   10.848  -19.535 1.00 41.44 ? 3    ASP A CB  1 
ATOM   28   C  CG  . ASP A 1 9   ? 1.790   11.869  -20.389 1.00 44.09 ? 3    ASP A CG  1 
ATOM   29   O  OD1 . ASP A 1 9   ? 0.574   11.679  -20.639 1.00 43.11 ? 3    ASP A OD1 1 
ATOM   30   O  OD2 . ASP A 1 9   ? 2.446   12.843  -20.824 1.00 44.52 ? 3    ASP A OD2 1 
ATOM   31   N  N   . PHE A 1 10  ? 3.323   9.215   -17.028 1.00 36.96 ? 4    PHE A N   1 
ATOM   32   C  CA  . PHE A 1 10  ? 4.161   8.266   -16.299 1.00 35.04 ? 4    PHE A CA  1 
ATOM   33   C  C   . PHE A 1 10  ? 3.313   7.177   -15.619 1.00 33.97 ? 4    PHE A C   1 
ATOM   34   O  O   . PHE A 1 10  ? 3.640   5.992   -15.747 1.00 33.54 ? 4    PHE A O   1 
ATOM   35   C  CB  . PHE A 1 10  ? 5.042   8.985   -15.272 1.00 34.95 ? 4    PHE A CB  1 
ATOM   36   C  CG  . PHE A 1 10  ? 5.638   8.054   -14.249 1.00 35.40 ? 4    PHE A CG  1 
ATOM   37   C  CD1 . PHE A 1 10  ? 6.645   7.171   -14.601 1.00 36.11 ? 4    PHE A CD1 1 
ATOM   38   C  CD2 . PHE A 1 10  ? 5.150   8.004   -12.955 1.00 35.49 ? 4    PHE A CD2 1 
ATOM   39   C  CE1 . PHE A 1 10  ? 7.168   6.273   -13.681 1.00 34.40 ? 4    PHE A CE1 1 
ATOM   40   C  CE2 . PHE A 1 10  ? 5.682   7.116   -12.035 1.00 35.45 ? 4    PHE A CE2 1 
ATOM   41   C  CZ  . PHE A 1 10  ? 6.693   6.254   -12.399 1.00 34.81 ? 4    PHE A CZ  1 
ATOM   42   N  N   . VAL A 1 11  ? 2.246   7.569   -14.906 1.00 30.78 ? 5    VAL A N   1 
ATOM   43   C  CA  . VAL A 1 11  ? 1.374   6.626   -14.218 1.00 30.52 ? 5    VAL A CA  1 
ATOM   44   C  C   . VAL A 1 11  ? 0.780   5.655   -15.243 1.00 34.47 ? 5    VAL A C   1 
ATOM   45   O  O   . VAL A 1 11  ? 0.852   4.431   -15.085 1.00 35.65 ? 5    VAL A O   1 
ATOM   46   C  CB  . VAL A 1 11  ? 0.257   7.325   -13.423 1.00 30.73 ? 5    VAL A CB  1 
ATOM   47   C  CG1 . VAL A 1 11  ? -0.760  6.326   -12.918 1.00 32.38 ? 5    VAL A CG1 1 
ATOM   48   C  CG2 . VAL A 1 11  ? 0.783   8.142   -12.253 1.00 31.30 ? 5    VAL A CG2 1 
ATOM   49   N  N   . ARG A 1 12  ? 0.186   6.191   -16.309 1.00 39.64 ? 6    ARG A N   1 
ATOM   50   C  CA  . ARG A 1 12  ? -0.532  5.335   -17.259 1.00 43.40 ? 6    ARG A CA  1 
ATOM   51   C  C   . ARG A 1 12  ? 0.483   4.406   -17.938 1.00 44.02 ? 6    ARG A C   1 
ATOM   52   O  O   . ARG A 1 12  ? 0.249   3.211   -18.064 1.00 48.01 ? 6    ARG A O   1 
ATOM   53   C  CB  . ARG A 1 12  ? -1.343  6.167   -18.258 1.00 46.80 ? 6    ARG A CB  1 
ATOM   54   C  CG  . ARG A 1 12  ? -2.002  7.399   -17.648 1.00 50.20 ? 6    ARG A CG  1 
ATOM   55   C  CD  . ARG A 1 12  ? -3.271  7.827   -18.358 1.00 51.99 ? 6    ARG A CD  1 
ATOM   56   N  NE  . ARG A 1 12  ? -4.434  7.157   -17.791 1.00 52.19 ? 6    ARG A NE  1 
ATOM   57   C  CZ  . ARG A 1 12  ? -5.310  7.740   -16.979 1.00 50.16 ? 6    ARG A CZ  1 
ATOM   58   N  NH1 . ARG A 1 12  ? -5.230  9.041   -16.743 1.00 43.61 ? 6    ARG A NH1 1 
ATOM   59   N  NH2 . ARG A 1 12  ? -6.256  7.013   -16.408 1.00 45.82 ? 6    ARG A NH2 1 
ATOM   60   N  N   . GLN A 1 13  ? 1.635   4.963   -18.312 1.00 44.38 ? 7    GLN A N   1 
ATOM   61   C  CA  . GLN A 1 13  ? 2.671   4.243   -19.042 1.00 46.20 ? 7    GLN A CA  1 
ATOM   62   C  C   . GLN A 1 13  ? 3.330   3.167   -18.162 1.00 48.11 ? 7    GLN A C   1 
ATOM   63   O  O   . GLN A 1 13  ? 3.670   2.106   -18.668 1.00 58.90 ? 7    GLN A O   1 
ATOM   64   C  CB  . GLN A 1 13  ? 3.681   5.239   -19.625 1.00 46.82 ? 7    GLN A CB  1 
ATOM   65   C  CG  . GLN A 1 13  ? 3.084   6.093   -20.744 1.00 48.15 ? 7    GLN A CG  1 
ATOM   66   C  CD  . GLN A 1 13  ? 3.952   7.227   -21.244 1.00 51.56 ? 7    GLN A CD  1 
ATOM   67   O  OE1 . GLN A 1 13  ? 3.463   8.159   -21.887 1.00 50.70 ? 7    GLN A OE1 1 
ATOM   68   N  NE2 . GLN A 1 13  ? 5.248   7.163   -20.957 1.00 51.04 ? 7    GLN A NE2 1 
ATOM   69   N  N   . CYS A 1 14  ? 3.486   3.412   -16.856 1.00 45.76 ? 8    CYS A N   1 
ATOM   70   C  CA  . CYS A 1 14  ? 4.418   2.606   -16.045 1.00 46.02 ? 8    CYS A CA  1 
ATOM   71   C  C   . CYS A 1 14  ? 3.717   1.749   -14.973 1.00 44.99 ? 8    CYS A C   1 
ATOM   72   O  O   . CYS A 1 14  ? 4.407   1.177   -14.128 1.00 43.30 ? 8    CYS A O   1 
ATOM   73   C  CB  . CYS A 1 14  ? 5.463   3.512   -15.397 1.00 48.17 ? 8    CYS A CB  1 
ATOM   74   S  SG  . CYS A 1 14  ? 7.016   2.670   -14.998 1.00 44.49 ? 8    CYS A SG  1 
ATOM   75   N  N   . PHE A 1 15  ? 2.380   1.641   -15.008 1.00 42.30 ? 9    PHE A N   1 
ATOM   76   C  CA  . PHE A 1 15  ? 1.617   0.783   -14.066 1.00 40.53 ? 9    PHE A CA  1 
ATOM   77   C  C   . PHE A 1 15  ? 0.583   -0.071  -14.825 1.00 39.94 ? 9    PHE A C   1 
ATOM   78   O  O   . PHE A 1 15  ? -0.048  0.364   -15.779 1.00 43.88 ? 9    PHE A O   1 
ATOM   79   C  CB  . PHE A 1 15  ? 0.913   1.621   -12.993 1.00 39.32 ? 9    PHE A CB  1 
ATOM   80   C  CG  . PHE A 1 15  ? 1.744   2.040   -11.805 1.00 36.34 ? 9    PHE A CG  1 
ATOM   81   C  CD1 . PHE A 1 15  ? 2.410   3.253   -11.786 1.00 36.06 ? 9    PHE A CD1 1 
ATOM   82   C  CD2 . PHE A 1 15  ? 1.823   1.238   -10.683 1.00 35.70 ? 9    PHE A CD2 1 
ATOM   83   C  CE1 . PHE A 1 15  ? 3.159   3.638   -10.683 1.00 36.54 ? 9    PHE A CE1 1 
ATOM   84   C  CE2 . PHE A 1 15  ? 2.579   1.618   -9.587  1.00 35.33 ? 9    PHE A CE2 1 
ATOM   85   C  CZ  . PHE A 1 15  ? 3.241   2.820   -9.584  1.00 34.97 ? 9    PHE A CZ  1 
ATOM   86   N  N   . ASN A 1 16  ? 0.404   -1.305  -14.369 1.00 40.36 ? 10   ASN A N   1 
ATOM   87   C  CA  . ASN A 1 16  ? -0.589  -2.219  -14.892 1.00 44.73 ? 10   ASN A CA  1 
ATOM   88   C  C   . ASN A 1 16  ? -1.912  -1.489  -15.091 1.00 48.16 ? 10   ASN A C   1 
ATOM   89   O  O   . ASN A 1 16  ? -2.353  -0.773  -14.202 1.00 56.22 ? 10   ASN A O   1 
ATOM   90   C  CB  . ASN A 1 16  ? -0.828  -3.386  -13.931 1.00 48.25 ? 10   ASN A CB  1 
ATOM   91   C  CG  . ASN A 1 16  ? -1.240  -4.651  -14.644 1.00 52.23 ? 10   ASN A CG  1 
ATOM   92   O  OD1 . ASN A 1 16  ? -2.395  -4.801  -15.039 1.00 56.66 ? 10   ASN A OD1 1 
ATOM   93   N  ND2 . ASN A 1 16  ? -0.296  -5.560  -14.814 1.00 53.86 ? 10   ASN A ND2 1 
ATOM   94   N  N   . PRO A 1 17  ? -2.599  -1.643  -16.246 1.00 49.87 ? 11   PRO A N   1 
ATOM   95   C  CA  . PRO A 1 17  ? -3.953  -1.106  -16.412 1.00 46.93 ? 11   PRO A CA  1 
ATOM   96   C  C   . PRO A 1 17  ? -4.919  -1.389  -15.247 1.00 48.59 ? 11   PRO A C   1 
ATOM   97   O  O   . PRO A 1 17  ? -5.612  -0.480  -14.785 1.00 52.20 ? 11   PRO A O   1 
ATOM   98   C  CB  . PRO A 1 17  ? -4.426  -1.807  -17.690 1.00 45.16 ? 11   PRO A CB  1 
ATOM   99   C  CG  . PRO A 1 17  ? -3.159  -1.952  -18.499 1.00 45.89 ? 11   PRO A CG  1 
ATOM   100  C  CD  . PRO A 1 17  ? -2.094  -2.280  -17.473 1.00 46.96 ? 11   PRO A CD  1 
ATOM   101  N  N   . MET A 1 18  ? -4.960  -2.638  -14.777 1.00 49.31 ? 12   MET A N   1 
ATOM   102  C  CA  . MET A 1 18  ? -5.849  -3.022  -13.679 1.00 51.37 ? 12   MET A CA  1 
ATOM   103  C  C   . MET A 1 18  ? -5.650  -2.071  -12.487 1.00 46.54 ? 12   MET A C   1 
ATOM   104  O  O   . MET A 1 18  ? -6.611  -1.712  -11.825 1.00 46.23 ? 12   MET A O   1 
ATOM   105  C  CB  . MET A 1 18  ? -5.577  -4.468  -13.248 1.00 59.60 ? 12   MET A CB  1 
ATOM   106  C  CG  . MET A 1 18  ? -6.322  -4.897  -11.987 1.00 67.12 ? 12   MET A CG  1 
ATOM   107  S  SD  . MET A 1 18  ? -5.829  -6.552  -11.385 1.00 82.39 ? 12   MET A SD  1 
ATOM   108  C  CE  . MET A 1 18  ? -4.053  -6.360  -11.205 1.00 81.00 ? 12   MET A CE  1 
ATOM   109  N  N   . ILE A 1 19  ? -4.393  -1.681  -12.223 1.00 40.46 ? 13   ILE A N   1 
ATOM   110  C  CA  . ILE A 1 19  ? -4.034  -0.851  -11.075 1.00 36.57 ? 13   ILE A CA  1 
ATOM   111  C  C   . ILE A 1 19  ? -4.452  0.603   -11.343 1.00 33.37 ? 13   ILE A C   1 
ATOM   112  O  O   . ILE A 1 19  ? -4.980  1.298   -10.469 1.00 30.25 ? 13   ILE A O   1 
ATOM   113  C  CB  . ILE A 1 19  ? -2.531  -1.005  -10.762 1.00 37.91 ? 13   ILE A CB  1 
ATOM   114  C  CG1 . ILE A 1 19  ? -2.265  -2.291  -9.973  1.00 39.99 ? 13   ILE A CG1 1 
ATOM   115  C  CG2 . ILE A 1 19  ? -1.972  0.214   -10.037 1.00 39.48 ? 13   ILE A CG2 1 
ATOM   116  C  CD1 . ILE A 1 19  ? -0.821  -2.745  -9.997  1.00 40.31 ? 13   ILE A CD1 1 
ATOM   117  N  N   . VAL A 1 20  ? -4.214  1.065   -12.566 1.00 31.57 ? 14   VAL A N   1 
ATOM   118  C  CA  . VAL A 1 20  ? -4.562  2.420   -12.947 1.00 32.11 ? 14   VAL A CA  1 
ATOM   119  C  C   . VAL A 1 20  ? -6.082  2.580   -12.859 1.00 31.83 ? 14   VAL A C   1 
ATOM   120  O  O   . VAL A 1 20  ? -6.561  3.529   -12.298 1.00 31.02 ? 14   VAL A O   1 
ATOM   121  C  CB  . VAL A 1 20  ? -4.011  2.764   -14.343 1.00 30.62 ? 14   VAL A CB  1 
ATOM   122  C  CG1 . VAL A 1 20  ? -4.500  4.127   -14.808 1.00 30.56 ? 14   VAL A CG1 1 
ATOM   123  C  CG2 . VAL A 1 20  ? -2.487  2.693   -14.375 1.00 28.90 ? 14   VAL A CG2 1 
ATOM   124  N  N   . GLU A 1 21  ? -6.812  1.599   -13.390 1.00 38.41 ? 15   GLU A N   1 
ATOM   125  C  CA  . GLU A 1 21  ? -8.274  1.521   -13.325 1.00 41.34 ? 15   GLU A CA  1 
ATOM   126  C  C   . GLU A 1 21  ? -8.740  1.552   -11.853 1.00 40.31 ? 15   GLU A C   1 
ATOM   127  O  O   . GLU A 1 21  ? -9.676  2.284   -11.501 1.00 40.08 ? 15   GLU A O   1 
ATOM   128  C  CB  . GLU A 1 21  ? -8.723  0.265   -14.072 1.00 46.47 ? 15   GLU A CB  1 
ATOM   129  C  CG  . GLU A 1 21  ? -10.166 0.295   -14.537 1.00 55.48 ? 15   GLU A CG  1 
ATOM   130  C  CD  . GLU A 1 21  ? -10.700 -1.057  -14.991 1.00 64.96 ? 15   GLU A CD  1 
ATOM   131  O  OE1 . GLU A 1 21  ? -11.768 -1.087  -15.646 1.00 67.43 ? 15   GLU A OE1 1 
ATOM   132  O  OE2 . GLU A 1 21  ? -10.053 -2.087  -14.680 1.00 69.59 ? 15   GLU A OE2 1 
ATOM   133  N  N   . LEU A 1 22  ? -8.070  0.783   -10.984 1.00 38.80 ? 16   LEU A N   1 
ATOM   134  C  CA  . LEU A 1 22  ? -8.410  0.739   -9.548  1.00 38.34 ? 16   LEU A CA  1 
ATOM   135  C  C   . LEU A 1 22  ? -8.108  2.084   -8.870  1.00 39.34 ? 16   LEU A C   1 
ATOM   136  O  O   . LEU A 1 22  ? -8.944  2.581   -8.113  1.00 40.96 ? 16   LEU A O   1 
ATOM   137  C  CB  . LEU A 1 22  ? -7.650  -0.402  -8.863  1.00 36.62 ? 16   LEU A CB  1 
ATOM   138  C  CG  . LEU A 1 22  ? -8.173  -1.813  -9.150  1.00 36.91 ? 16   LEU A CG  1 
ATOM   139  C  CD1 . LEU A 1 22  ? -7.283  -2.853  -8.492  1.00 37.28 ? 16   LEU A CD1 1 
ATOM   140  C  CD2 . LEU A 1 22  ? -9.615  -1.993  -8.693  1.00 34.97 ? 16   LEU A CD2 1 
ATOM   141  N  N   . ALA A 1 23  ? -6.928  2.665   -9.136  1.00 39.09 ? 17   ALA A N   1 
ATOM   142  C  CA  . ALA A 1 23  ? -6.502  3.924   -8.514  1.00 37.62 ? 17   ALA A CA  1 
ATOM   143  C  C   . ALA A 1 23  ? -7.495  5.031   -8.841  1.00 40.84 ? 17   ALA A C   1 
ATOM   144  O  O   . ALA A 1 23  ? -7.826  5.831   -7.961  1.00 41.43 ? 17   ALA A O   1 
ATOM   145  C  CB  . ALA A 1 23  ? -5.135  4.321   -8.988  1.00 39.82 ? 17   ALA A CB  1 
ATOM   146  N  N   . GLU A 1 24  ? -7.961  5.045   -10.103 1.00 45.34 ? 18   GLU A N   1 
ATOM   147  C  CA  . GLU A 1 24  ? -8.841  6.091   -10.634 1.00 44.98 ? 18   GLU A CA  1 
ATOM   148  C  C   . GLU A 1 24  ? -10.223 6.070   -9.983  1.00 45.27 ? 18   GLU A C   1 
ATOM   149  O  O   . GLU A 1 24  ? -10.809 7.117   -9.829  1.00 47.39 ? 18   GLU A O   1 
ATOM   150  C  CB  . GLU A 1 24  ? -8.987  5.977   -12.143 1.00 46.53 ? 18   GLU A CB  1 
ATOM   151  C  CG  . GLU A 1 24  ? -7.941  6.790   -12.871 1.00 53.05 ? 18   GLU A CG  1 
ATOM   152  C  CD  . GLU A 1 24  ? -8.271  7.069   -14.324 1.00 57.62 ? 18   GLU A CD  1 
ATOM   153  O  OE1 . GLU A 1 24  ? -8.185  6.105   -15.131 1.00 54.37 ? 18   GLU A OE1 1 
ATOM   154  O  OE2 . GLU A 1 24  ? -8.612  8.245   -14.641 1.00 57.35 ? 18   GLU A OE2 1 
ATOM   155  N  N   . LYS A 1 25  ? -10.727 4.886   -9.629  1.00 50.56 ? 19   LYS A N   1 
ATOM   156  C  CA  . LYS A 1 25  ? -12.007 4.733   -8.928  1.00 52.13 ? 19   LYS A CA  1 
ATOM   157  C  C   . LYS A 1 25  ? -11.860 5.181   -7.463  1.00 52.00 ? 19   LYS A C   1 
ATOM   158  O  O   . LYS A 1 25  ? -12.673 5.963   -6.951  1.00 50.18 ? 19   LYS A O   1 
ATOM   159  C  CB  . LYS A 1 25  ? -12.491 3.283   -9.033  1.00 56.81 ? 19   LYS A CB  1 
ATOM   160  C  CG  . LYS A 1 25  ? -13.173 2.919   -10.347 1.00 59.76 ? 19   LYS A CG  1 
ATOM   161  C  CD  . LYS A 1 25  ? -13.934 1.607   -10.277 1.00 63.44 ? 19   LYS A CD  1 
ATOM   162  C  CE  . LYS A 1 25  ? -14.773 1.321   -11.508 1.00 64.94 ? 19   LYS A CE  1 
ATOM   163  N  NZ  . LYS A 1 25  ? -14.542 -0.056  -12.016 1.00 64.39 ? 19   LYS A NZ  1 
ATOM   164  N  N   . ALA A 1 26  ? -10.804 4.708   -6.790  1.00 52.46 ? 20   ALA A N   1 
ATOM   165  C  CA  . ALA A 1 26  ? -10.515 5.106   -5.395  1.00 55.18 ? 20   ALA A CA  1 
ATOM   166  C  C   . ALA A 1 26  ? -10.497 6.643   -5.253  1.00 57.21 ? 20   ALA A C   1 
ATOM   167  O  O   . ALA A 1 26  ? -10.624 7.167   -4.141  1.00 58.17 ? 20   ALA A O   1 
ATOM   168  C  CB  . ALA A 1 26  ? -9.211  4.490   -4.938  1.00 51.58 ? 20   ALA A CB  1 
ATOM   169  N  N   . MET A 1 27  ? -10.298 7.345   -6.380  1.00 55.34 ? 21   MET A N   1 
ATOM   170  C  CA  . MET A 1 27  ? -10.290 8.809   -6.470  1.00 51.97 ? 21   MET A CA  1 
ATOM   171  C  C   . MET A 1 27  ? -11.669 9.312   -6.926  1.00 52.51 ? 21   MET A C   1 
ATOM   172  O  O   . MET A 1 27  ? -12.288 10.122  -6.233  1.00 49.73 ? 21   MET A O   1 
ATOM   173  C  CB  . MET A 1 27  ? -9.205  9.300   -7.446  1.00 46.91 ? 21   MET A CB  1 
ATOM   174  C  CG  . MET A 1 27  ? -7.774  9.150   -6.925  1.00 45.61 ? 21   MET A CG  1 
ATOM   175  S  SD  . MET A 1 27  ? -6.488  9.838   -8.033  1.00 45.60 ? 21   MET A SD  1 
ATOM   176  C  CE  . MET A 1 27  ? -6.127  11.406  -7.242  1.00 41.02 ? 21   MET A CE  1 
ATOM   177  N  N   . LYS A 1 28  ? -12.136 8.815   -8.082  1.00 56.61 ? 22   LYS A N   1 
ATOM   178  C  CA  . LYS A 1 28  ? -13.209 9.444   -8.893  1.00 60.96 ? 22   LYS A CA  1 
ATOM   179  C  C   . LYS A 1 28  ? -14.581 9.308   -8.225  1.00 60.22 ? 22   LYS A C   1 
ATOM   180  O  O   . LYS A 1 28  ? -15.473 10.068  -8.543  1.00 57.21 ? 22   LYS A O   1 
ATOM   181  C  CB  . LYS A 1 28  ? -13.335 8.822   -10.290 1.00 64.80 ? 22   LYS A CB  1 
ATOM   182  C  CG  . LYS A 1 28  ? -12.434 9.402   -11.371 1.00 66.10 ? 22   LYS A CG  1 
ATOM   183  C  CD  . LYS A 1 28  ? -12.746 8.841   -12.747 1.00 65.40 ? 22   LYS A CD  1 
ATOM   184  C  CE  . LYS A 1 28  ? -11.756 9.291   -13.800 1.00 67.29 ? 22   LYS A CE  1 
ATOM   185  N  NZ  . LYS A 1 28  ? -11.891 8.508   -15.047 1.00 69.07 ? 22   LYS A NZ  1 
ATOM   186  N  N   . GLU A 1 29  ? -14.762 8.302   -7.365  1.00 62.43 ? 23   GLU A N   1 
ATOM   187  C  CA  . GLU A 1 29  ? -15.978 8.217   -6.567  1.00 64.20 ? 23   GLU A CA  1 
ATOM   188  C  C   . GLU A 1 29  ? -15.974 9.351   -5.539  1.00 63.64 ? 23   GLU A C   1 
ATOM   189  O  O   . GLU A 1 29  ? -16.999 9.979   -5.305  1.00 71.94 ? 23   GLU A O   1 
ATOM   190  C  CB  . GLU A 1 29  ? -16.121 6.867   -5.859  1.00 66.64 ? 23   GLU A CB  1 
ATOM   191  C  CG  . GLU A 1 29  ? -17.238 6.001   -6.411  1.00 69.17 ? 23   GLU A CG  1 
ATOM   192  C  CD  . GLU A 1 29  ? -16.767 4.901   -7.343  1.00 71.06 ? 23   GLU A CD  1 
ATOM   193  O  OE1 . GLU A 1 29  ? -17.007 5.003   -8.567  1.00 67.37 ? 23   GLU A OE1 1 
ATOM   194  O  OE2 . GLU A 1 29  ? -16.165 3.941   -6.833  1.00 75.52 ? 23   GLU A OE2 1 
ATOM   195  N  N   . TYR A 1 30  ? -14.810 9.608   -4.942  1.00 59.54 ? 24   TYR A N   1 
ATOM   196  C  CA  . TYR A 1 30  ? -14.716 10.487  -3.798  1.00 63.72 ? 24   TYR A CA  1 
ATOM   197  C  C   . TYR A 1 30  ? -14.361 11.913  -4.259  1.00 67.70 ? 24   TYR A C   1 
ATOM   198  O  O   . TYR A 1 30  ? -14.145 12.806  -3.428  1.00 61.84 ? 24   TYR A O   1 
ATOM   199  C  CB  . TYR A 1 30  ? -13.777 9.839   -2.777  1.00 65.11 ? 24   TYR A CB  1 
ATOM   200  C  CG  . TYR A 1 30  ? -14.227 8.466   -2.325  1.00 68.33 ? 24   TYR A CG  1 
ATOM   201  C  CD1 . TYR A 1 30  ? -15.411 8.295   -1.628  1.00 64.80 ? 24   TYR A CD1 1 
ATOM   202  C  CD2 . TYR A 1 30  ? -13.484 7.324   -2.600  1.00 69.89 ? 24   TYR A CD2 1 
ATOM   203  C  CE1 . TYR A 1 30  ? -15.832 7.044   -1.204  1.00 62.81 ? 24   TYR A CE1 1 
ATOM   204  C  CE2 . TYR A 1 30  ? -13.895 6.063   -2.190  1.00 64.24 ? 24   TYR A CE2 1 
ATOM   205  C  CZ  . TYR A 1 30  ? -15.075 5.921   -1.481  1.00 60.98 ? 24   TYR A CZ  1 
ATOM   206  O  OH  . TYR A 1 30  ? -15.504 4.695   -1.059  1.00 58.93 ? 24   TYR A OH  1 
ATOM   207  N  N   . GLY A 1 31  ? -14.320 12.124  -5.585  1.00 71.70 ? 25   GLY A N   1 
ATOM   208  C  CA  . GLY A 1 31  ? -14.387 13.464  -6.207  1.00 69.58 ? 25   GLY A CA  1 
ATOM   209  C  C   . GLY A 1 31  ? -13.037 14.031  -6.634  1.00 71.58 ? 25   GLY A C   1 
ATOM   210  O  O   . GLY A 1 31  ? -12.994 15.074  -7.277  1.00 70.06 ? 25   GLY A O   1 
ATOM   211  N  N   . GLU A 1 32  ? -11.930 13.366  -6.269  1.00 72.86 ? 26   GLU A N   1 
ATOM   212  C  CA  . GLU A 1 32  ? -10.576 13.809  -6.634  1.00 66.53 ? 26   GLU A CA  1 
ATOM   213  C  C   . GLU A 1 32  ? -10.335 13.505  -8.123  1.00 60.01 ? 26   GLU A C   1 
ATOM   214  O  O   . GLU A 1 32  ? -10.642 12.411  -8.584  1.00 60.45 ? 26   GLU A O   1 
ATOM   215  C  CB  . GLU A 1 32  ? -9.539  13.119  -5.738  1.00 69.85 ? 26   GLU A CB  1 
ATOM   216  C  CG  . GLU A 1 32  ? -9.558  13.555  -4.272  1.00 74.53 ? 26   GLU A CG  1 
ATOM   217  C  CD  . GLU A 1 32  ? -8.401  14.437  -3.800  1.00 79.24 ? 26   GLU A CD  1 
ATOM   218  O  OE1 . GLU A 1 32  ? -7.528  13.929  -3.060  1.00 74.14 ? 26   GLU A OE1 1 
ATOM   219  O  OE2 . GLU A 1 32  ? -8.376  15.641  -4.147  1.00 81.73 ? 26   GLU A OE2 1 
ATOM   220  N  N   . ASP A 1 33  ? -9.794  14.480  -8.868  1.00 53.16 ? 27   ASP A N   1 
ATOM   221  C  CA  . ASP A 1 33  ? -9.446  14.309  -10.290 1.00 50.24 ? 27   ASP A CA  1 
ATOM   222  C  C   . ASP A 1 33  ? -7.996  13.832  -10.430 1.00 47.84 ? 27   ASP A C   1 
ATOM   223  O  O   . ASP A 1 33  ? -7.068  14.513  -9.999  1.00 44.21 ? 27   ASP A O   1 
ATOM   224  C  CB  . ASP A 1 33  ? -9.658  15.613  -11.066 1.00 50.47 ? 27   ASP A CB  1 
ATOM   225  C  CG  . ASP A 1 33  ? -9.476  15.489  -12.573 1.00 50.74 ? 27   ASP A CG  1 
ATOM   226  O  OD1 . ASP A 1 33  ? -9.642  14.373  -13.097 1.00 51.88 ? 27   ASP A OD1 1 
ATOM   227  O  OD2 . ASP A 1 33  ? -9.162  16.511  -13.215 1.00 52.20 ? 27   ASP A OD2 1 
ATOM   228  N  N   . PRO A 1 34  ? -7.734  12.665  -11.066 1.00 48.07 ? 28   PRO A N   1 
ATOM   229  C  CA  . PRO A 1 34  ? -6.366  12.178  -11.257 1.00 45.73 ? 28   PRO A CA  1 
ATOM   230  C  C   . PRO A 1 34  ? -5.514  12.987  -12.247 1.00 46.78 ? 28   PRO A C   1 
ATOM   231  O  O   . PRO A 1 34  ? -4.287  12.787  -12.312 1.00 46.20 ? 28   PRO A O   1 
ATOM   232  C  CB  . PRO A 1 34  ? -6.537  10.755  -11.811 1.00 44.60 ? 28   PRO A CB  1 
ATOM   233  C  CG  . PRO A 1 34  ? -7.970  10.393  -11.522 1.00 46.12 ? 28   PRO A CG  1 
ATOM   234  C  CD  . PRO A 1 34  ? -8.727  11.705  -11.572 1.00 48.03 ? 28   PRO A CD  1 
ATOM   235  N  N   . LYS A 1 35  ? -6.162  13.874  -13.019 1.00 48.25 ? 29   LYS A N   1 
ATOM   236  C  CA  . LYS A 1 35  ? -5.456  14.741  -13.971 1.00 46.18 ? 29   LYS A CA  1 
ATOM   237  C  C   . LYS A 1 35  ? -4.891  15.961  -13.247 1.00 40.73 ? 29   LYS A C   1 
ATOM   238  O  O   . LYS A 1 35  ? -4.037  16.608  -13.784 1.00 46.28 ? 29   LYS A O   1 
ATOM   239  C  CB  . LYS A 1 35  ? -6.375  15.153  -15.123 1.00 52.19 ? 29   LYS A CB  1 
ATOM   240  C  CG  . LYS A 1 35  ? -7.077  13.988  -15.814 1.00 57.91 ? 29   LYS A CG  1 
ATOM   241  C  CD  . LYS A 1 35  ? -7.395  14.211  -17.282 1.00 63.22 ? 29   LYS A CD  1 
ATOM   242  C  CE  . LYS A 1 35  ? -7.820  12.936  -17.985 1.00 68.27 ? 29   LYS A CE  1 
ATOM   243  N  NZ  . LYS A 1 35  ? -8.468  13.206  -19.291 1.00 70.89 ? 29   LYS A NZ  1 
ATOM   244  N  N   . ILE A 1 36  ? -5.350  16.216  -12.018 1.00 38.36 ? 30   ILE A N   1 
ATOM   245  C  CA  . ILE A 1 36  ? -4.995  17.397  -11.237 1.00 36.87 ? 30   ILE A CA  1 
ATOM   246  C  C   . ILE A 1 36  ? -4.170  16.986  -10.008 1.00 36.27 ? 30   ILE A C   1 
ATOM   247  O  O   . ILE A 1 36  ? -3.156  17.627  -9.710  1.00 36.73 ? 30   ILE A O   1 
ATOM   248  C  CB  . ILE A 1 36  ? -6.267  18.179  -10.845 1.00 37.00 ? 30   ILE A CB  1 
ATOM   249  C  CG1 . ILE A 1 36  ? -6.898  18.875  -12.054 1.00 38.00 ? 30   ILE A CG1 1 
ATOM   250  C  CG2 . ILE A 1 36  ? -5.992  19.161  -9.712  1.00 36.32 ? 30   ILE A CG2 1 
ATOM   251  C  CD1 . ILE A 1 36  ? -8.257  19.513  -11.758 1.00 40.77 ? 30   ILE A CD1 1 
ATOM   252  N  N   . GLU A 1 37  ? -4.633  15.969  -9.267  1.00 35.40 ? 31   GLU A N   1 
ATOM   253  C  CA  . GLU A 1 37  ? -3.866  15.397  -8.148  1.00 36.40 ? 31   GLU A CA  1 
ATOM   254  C  C   . GLU A 1 37  ? -3.056  14.203  -8.679  1.00 32.73 ? 31   GLU A C   1 
ATOM   255  O  O   . GLU A 1 37  ? -3.300  13.048  -8.356  1.00 27.73 ? 31   GLU A O   1 
ATOM   256  C  CB  . GLU A 1 37  ? -4.772  14.997  -6.980  1.00 42.39 ? 31   GLU A CB  1 
ATOM   257  C  CG  . GLU A 1 37  ? -5.689  16.103  -6.467  1.00 46.80 ? 31   GLU A CG  1 
ATOM   258  C  CD  . GLU A 1 37  ? -5.060  17.461  -6.165  1.00 48.52 ? 31   GLU A CD  1 
ATOM   259  O  OE1 . GLU A 1 37  ? -5.689  18.488  -6.536  1.00 48.74 ? 31   GLU A OE1 1 
ATOM   260  O  OE2 . GLU A 1 37  ? -3.964  17.500  -5.551  1.00 47.67 ? 31   GLU A OE2 1 
ATOM   261  N  N   . THR A 1 38  ? -2.060  14.534  -9.499  1.00 32.00 ? 32   THR A N   1 
ATOM   262  C  CA  . THR A 1 38  ? -1.271  13.580  -10.220 1.00 31.91 ? 32   THR A CA  1 
ATOM   263  C  C   . THR A 1 38  ? -0.385  12.800  -9.240  1.00 31.76 ? 32   THR A C   1 
ATOM   264  O  O   . THR A 1 38  ? -0.203  11.612  -9.413  1.00 33.26 ? 32   THR A O   1 
ATOM   265  C  CB  . THR A 1 38  ? -0.465  14.301  -11.305 1.00 31.84 ? 32   THR A CB  1 
ATOM   266  O  OG1 . THR A 1 38  ? 0.433   15.205  -10.665 1.00 32.48 ? 32   THR A OG1 1 
ATOM   267  C  CG2 . THR A 1 38  ? -1.335  15.064  -12.276 1.00 32.18 ? 32   THR A CG2 1 
ATOM   268  N  N   . ASN A 1 39  ? 0.129   13.485  -8.207  1.00 30.00 ? 33   ASN A N   1 
ATOM   269  C  CA  . ASN A 1 39  ? 1.015   12.910  -7.213  1.00 29.91 ? 33   ASN A CA  1 
ATOM   270  C  C   . ASN A 1 39  ? 0.225   11.935  -6.326  1.00 29.22 ? 33   ASN A C   1 
ATOM   271  O  O   . ASN A 1 39  ? 0.671   10.845  -6.081  1.00 28.23 ? 33   ASN A O   1 
ATOM   272  C  CB  . ASN A 1 39  ? 1.768   13.999  -6.440  1.00 31.73 ? 33   ASN A CB  1 
ATOM   273  C  CG  . ASN A 1 39  ? 2.884   14.657  -7.235  1.00 34.39 ? 33   ASN A CG  1 
ATOM   274  O  OD1 . ASN A 1 39  ? 2.955   14.504  -8.456  1.00 42.97 ? 33   ASN A OD1 1 
ATOM   275  N  ND2 . ASN A 1 39  ? 3.758   15.404  -6.574  1.00 30.86 ? 33   ASN A ND2 1 
ATOM   276  N  N   . LYS A 1 40  ? -0.976  12.309  -5.887  1.00 33.02 ? 34   LYS A N   1 
ATOM   277  C  CA  . LYS A 1 40  ? -1.863  11.387  -5.133  1.00 35.03 ? 34   LYS A CA  1 
ATOM   278  C  C   . LYS A 1 40  ? -2.176  10.138  -5.979  1.00 33.77 ? 34   LYS A C   1 
ATOM   279  O  O   . LYS A 1 40  ? -2.184  9.033   -5.479  1.00 32.92 ? 34   LYS A O   1 
ATOM   280  C  CB  . LYS A 1 40  ? -3.161  12.085  -4.697  1.00 38.12 ? 34   LYS A CB  1 
ATOM   281  C  CG  . LYS A 1 40  ? -3.885  11.400  -3.539  1.00 42.71 ? 34   LYS A CG  1 
ATOM   282  C  CD  . LYS A 1 40  ? -5.175  12.063  -3.081  1.00 46.89 ? 34   LYS A CD  1 
ATOM   283  C  CE  . LYS A 1 40  ? -5.274  12.341  -1.586  1.00 52.82 ? 34   LYS A CE  1 
ATOM   284  N  NZ  . LYS A 1 40  ? -4.689  11.285  -0.707  1.00 54.85 ? 34   LYS A NZ  1 
ATOM   285  N  N   . PHE A 1 41  ? -2.445  10.346  -7.273  1.00 36.09 ? 35   PHE A N   1 
ATOM   286  C  CA  . PHE A 1 41  ? -2.719  9.290   -8.268  1.00 33.24 ? 35   PHE A CA  1 
ATOM   287  C  C   . PHE A 1 41  ? -1.552  8.299   -8.296  1.00 29.95 ? 35   PHE A C   1 
ATOM   288  O  O   . PHE A 1 41  ? -1.746  7.085   -8.140  1.00 28.15 ? 35   PHE A O   1 
ATOM   289  C  CB  . PHE A 1 41  ? -2.948  9.934   -9.642  1.00 32.42 ? 35   PHE A CB  1 
ATOM   290  C  CG  . PHE A 1 41  ? -3.422  9.025   -10.750 1.00 31.69 ? 35   PHE A CG  1 
ATOM   291  C  CD1 . PHE A 1 41  ? -4.249  7.943   -10.494 1.00 33.15 ? 35   PHE A CD1 1 
ATOM   292  C  CD2 . PHE A 1 41  ? -3.078  9.297   -12.068 1.00 32.52 ? 35   PHE A CD2 1 
ATOM   293  C  CE1 . PHE A 1 41  ? -4.691  7.129   -11.529 1.00 36.04 ? 35   PHE A CE1 1 
ATOM   294  C  CE2 . PHE A 1 41  ? -3.524  8.494   -13.105 1.00 34.24 ? 35   PHE A CE2 1 
ATOM   295  C  CZ  . PHE A 1 41  ? -4.335  7.411   -12.834 1.00 36.19 ? 35   PHE A CZ  1 
ATOM   296  N  N   . ALA A 1 42  ? -0.352  8.857   -8.489  1.00 27.50 ? 36   ALA A N   1 
ATOM   297  C  CA  . ALA A 1 42  ? 0.901   8.132   -8.516  1.00 27.51 ? 36   ALA A CA  1 
ATOM   298  C  C   . ALA A 1 42  ? 1.085   7.336   -7.219  1.00 27.02 ? 36   ALA A C   1 
ATOM   299  O  O   . ALA A 1 42  ? 1.478   6.174   -7.278  1.00 27.25 ? 36   ALA A O   1 
ATOM   300  C  CB  . ALA A 1 42  ? 2.038   9.099   -8.715  1.00 28.19 ? 36   ALA A CB  1 
ATOM   301  N  N   . ALA A 1 43  ? 0.815   7.984   -6.073  1.00 25.55 ? 37   ALA A N   1 
ATOM   302  C  CA  . ALA A 1 43  ? 0.948   7.368   -4.758  1.00 24.55 ? 37   ALA A CA  1 
ATOM   303  C  C   . ALA A 1 43  ? -0.007  6.196   -4.630  1.00 24.61 ? 37   ALA A C   1 
ATOM   304  O  O   . ALA A 1 43  ? 0.389   5.161   -4.161  1.00 26.85 ? 37   ALA A O   1 
ATOM   305  C  CB  . ALA A 1 43  ? 0.681   8.337   -3.651  1.00 23.57 ? 37   ALA A CB  1 
ATOM   306  N  N   . ILE A 1 44  ? -1.260  6.387   -5.028  1.00 25.56 ? 38   ILE A N   1 
ATOM   307  C  CA  . ILE A 1 44  ? -2.286  5.375   -4.782  1.00 27.83 ? 38   ILE A CA  1 
ATOM   308  C  C   . ILE A 1 44  ? -1.927  4.095   -5.545  1.00 27.86 ? 38   ILE A C   1 
ATOM   309  O  O   . ILE A 1 44  ? -2.118  2.988   -5.039  1.00 24.76 ? 38   ILE A O   1 
ATOM   310  C  CB  . ILE A 1 44  ? -3.692  5.892   -5.149  1.00 28.69 ? 38   ILE A CB  1 
ATOM   311  C  CG1 . ILE A 1 44  ? -4.176  6.945   -4.152  1.00 29.81 ? 38   ILE A CG1 1 
ATOM   312  C  CG2 . ILE A 1 44  ? -4.685  4.743   -5.246  1.00 29.29 ? 38   ILE A CG2 1 
ATOM   313  C  CD1 . ILE A 1 44  ? -5.376  7.723   -4.640  1.00 31.99 ? 38   ILE A CD1 1 
ATOM   314  N  N   . CYS A 1 45  ? -1.440  4.292   -6.773  1.00 31.45 ? 39   CYS A N   1 
ATOM   315  C  CA  . CYS A 1 45  ? -0.996  3.243   -7.675  1.00 31.65 ? 39   CYS A CA  1 
ATOM   316  C  C   . CYS A 1 45  ? 0.121   2.442   -7.003  1.00 32.11 ? 39   CYS A C   1 
ATOM   317  O  O   . CYS A 1 45  ? 0.023   1.206   -6.881  1.00 34.89 ? 39   CYS A O   1 
ATOM   318  C  CB  . CYS A 1 45  ? -0.518  3.842   -8.996  1.00 32.77 ? 39   CYS A CB  1 
ATOM   319  S  SG  . CYS A 1 45  ? -1.861  4.168   -10.170 1.00 34.26 ? 39   CYS A SG  1 
ATOM   320  N  N   . THR A 1 46  ? 1.154   3.159   -6.540  1.00 30.65 ? 40   THR A N   1 
ATOM   321  C  CA  . THR A 1 46  ? 2.306   2.546   -5.892  1.00 29.53 ? 40   THR A CA  1 
ATOM   322  C  C   . THR A 1 46  ? 1.847   1.700   -4.706  1.00 27.96 ? 40   THR A C   1 
ATOM   323  O  O   . THR A 1 46  ? 2.322   0.583   -4.544  1.00 30.21 ? 40   THR A O   1 
ATOM   324  C  CB  . THR A 1 46  ? 3.344   3.571   -5.420  1.00 29.66 ? 40   THR A CB  1 
ATOM   325  O  OG1 . THR A 1 46  ? 3.624   4.458   -6.505  1.00 31.23 ? 40   THR A OG1 1 
ATOM   326  C  CG2 . THR A 1 46  ? 4.622   2.914   -4.939  1.00 28.87 ? 40   THR A CG2 1 
ATOM   327  N  N   . HIS A 1 47  ? 0.948   2.252   -3.886  1.00 26.27 ? 41   HIS A N   1 
ATOM   328  C  CA  . HIS A 1 47  ? 0.462   1.568   -2.685  1.00 26.47 ? 41   HIS A CA  1 
ATOM   329  C  C   . HIS A 1 47  ? -0.329  0.325   -3.095  1.00 26.28 ? 41   HIS A C   1 
ATOM   330  O  O   . HIS A 1 47  ? -0.167  -0.739  -2.497  1.00 24.65 ? 41   HIS A O   1 
ATOM   331  C  CB  . HIS A 1 47  ? -0.340  2.512   -1.776  1.00 26.07 ? 41   HIS A CB  1 
ATOM   332  C  CG  . HIS A 1 47  ? -0.925  1.839   -0.577  1.00 26.75 ? 41   HIS A CG  1 
ATOM   333  N  ND1 . HIS A 1 47  ? -2.208  1.293   -0.578  1.00 29.13 ? 41   HIS A ND1 1 
ATOM   334  C  CD2 . HIS A 1 47  ? -0.421  1.611   0.655   1.00 26.46 ? 41   HIS A CD2 1 
ATOM   335  C  CE1 . HIS A 1 47  ? -2.458  0.768   0.605   1.00 27.82 ? 41   HIS A CE1 1 
ATOM   336  N  NE2 . HIS A 1 47  ? -1.377  0.957   1.380   1.00 27.29 ? 41   HIS A NE2 1 
ATOM   337  N  N   . LEU A 1 48  ? -1.140  0.449   -4.145  1.00 28.63 ? 42   LEU A N   1 
ATOM   338  C  CA  . LEU A 1 48  ? -1.849  -0.716  -4.665  1.00 31.70 ? 42   LEU A CA  1 
ATOM   339  C  C   . LEU A 1 48  ? -0.858  -1.788  -5.113  1.00 32.02 ? 42   LEU A C   1 
ATOM   340  O  O   . LEU A 1 48  ? -1.029  -2.946  -4.750  1.00 31.56 ? 42   LEU A O   1 
ATOM   341  C  CB  . LEU A 1 48  ? -2.790  -0.328  -5.804  1.00 32.88 ? 42   LEU A CB  1 
ATOM   342  C  CG  . LEU A 1 48  ? -4.258  -0.342  -5.393  1.00 36.71 ? 42   LEU A CG  1 
ATOM   343  C  CD1 . LEU A 1 48  ? -5.083  0.587   -6.270  1.00 41.26 ? 42   LEU A CD1 1 
ATOM   344  C  CD2 . LEU A 1 48  ? -4.797  -1.764  -5.435  1.00 38.81 ? 42   LEU A CD2 1 
ATOM   345  N  N   . GLU A 1 49  ? 0.164   -1.393  -5.878  1.00 31.62 ? 43   GLU A N   1 
ATOM   346  C  CA  . GLU A 1 49  ? 1.099   -2.366  -6.430  1.00 33.06 ? 43   GLU A CA  1 
ATOM   347  C  C   . GLU A 1 49  ? 1.787   -3.129  -5.290  1.00 28.85 ? 43   GLU A C   1 
ATOM   348  O  O   . GLU A 1 49  ? 1.891   -4.331  -5.335  1.00 28.71 ? 43   GLU A O   1 
ATOM   349  C  CB  . GLU A 1 49  ? 2.117   -1.697  -7.358  1.00 37.29 ? 43   GLU A CB  1 
ATOM   350  C  CG  . GLU A 1 49  ? 2.733   -2.664  -8.360  1.00 40.33 ? 43   GLU A CG  1 
ATOM   351  C  CD  . GLU A 1 49  ? 3.423   -1.984  -9.528  1.00 45.00 ? 43   GLU A CD  1 
ATOM   352  O  OE1 . GLU A 1 49  ? 4.301   -1.154  -9.265  1.00 48.25 ? 43   GLU A OE1 1 
ATOM   353  O  OE2 . GLU A 1 49  ? 3.062   -2.260  -10.695 1.00 52.93 ? 43   GLU A OE2 1 
ATOM   354  N  N   . VAL A 1 50  ? 2.244   -2.406  -4.268  1.00 26.91 ? 44   VAL A N   1 
ATOM   355  C  CA  . VAL A 1 50  ? 2.864   -3.003  -3.109  1.00 25.20 ? 44   VAL A CA  1 
ATOM   356  C  C   . VAL A 1 50  ? 1.902   -4.034  -2.516  1.00 25.00 ? 44   VAL A C   1 
ATOM   357  O  O   . VAL A 1 50  ? 2.283   -5.154  -2.313  1.00 23.38 ? 44   VAL A O   1 
ATOM   358  C  CB  . VAL A 1 50  ? 3.283   -1.949  -2.071  1.00 23.95 ? 44   VAL A CB  1 
ATOM   359  C  CG1 . VAL A 1 50  ? 3.549   -2.568  -0.711  1.00 23.64 ? 44   VAL A CG1 1 
ATOM   360  C  CG2 . VAL A 1 50  ? 4.496   -1.179  -2.534  1.00 24.67 ? 44   VAL A CG2 1 
ATOM   361  N  N   . CYS A 1 51  ? 0.657   -3.623  -2.262  1.00 28.18 ? 45   CYS A N   1 
ATOM   362  C  CA  . CYS A 1 51  ? -0.369  -4.482  -1.622  1.00 29.13 ? 45   CYS A CA  1 
ATOM   363  C  C   . CYS A 1 51  ? -0.560  -5.791  -2.405  1.00 28.92 ? 45   CYS A C   1 
ATOM   364  O  O   . CYS A 1 51  ? -0.669  -6.840  -1.813  1.00 29.46 ? 45   CYS A O   1 
ATOM   365  C  CB  . CYS A 1 51  ? -1.711  -3.764  -1.493  1.00 29.09 ? 45   CYS A CB  1 
ATOM   366  S  SG  . CYS A 1 51  ? -1.746  -2.577  -0.126  1.00 28.07 ? 45   CYS A SG  1 
ATOM   367  N  N   . PHE A 1 52  ? -0.599  -5.699  -3.734  1.00 29.85 ? 46   PHE A N   1 
ATOM   368  C  CA  . PHE A 1 52  ? -0.804  -6.839  -4.615  1.00 31.34 ? 46   PHE A CA  1 
ATOM   369  C  C   . PHE A 1 52  ? 0.442   -7.737  -4.593  1.00 31.37 ? 46   PHE A C   1 
ATOM   370  O  O   . PHE A 1 52  ? 0.345   -8.952  -4.398  1.00 30.90 ? 46   PHE A O   1 
ATOM   371  C  CB  . PHE A 1 52  ? -1.137  -6.340  -6.026  1.00 32.84 ? 46   PHE A CB  1 
ATOM   372  C  CG  . PHE A 1 52  ? -2.545  -5.837  -6.224  1.00 34.99 ? 46   PHE A CG  1 
ATOM   373  C  CD1 . PHE A 1 52  ? -3.408  -5.655  -5.157  1.00 37.64 ? 46   PHE A CD1 1 
ATOM   374  C  CD2 . PHE A 1 52  ? -3.003  -5.521  -7.490  1.00 39.49 ? 46   PHE A CD2 1 
ATOM   375  C  CE1 . PHE A 1 52  ? -4.701  -5.193  -5.354  1.00 40.75 ? 46   PHE A CE1 1 
ATOM   376  C  CE2 . PHE A 1 52  ? -4.299  -5.069  -7.690  1.00 41.24 ? 46   PHE A CE2 1 
ATOM   377  C  CZ  . PHE A 1 52  ? -5.142  -4.894  -6.620  1.00 41.76 ? 46   PHE A CZ  1 
ATOM   378  N  N   . MET A 1 53  ? 1.610   -7.131  -4.807  1.00 31.21 ? 47   MET A N   1 
ATOM   379  C  CA  . MET A 1 53  ? 2.860   -7.840  -4.751  1.00 31.88 ? 47   MET A CA  1 
ATOM   380  C  C   . MET A 1 53  ? 2.916   -8.652  -3.450  1.00 34.26 ? 47   MET A C   1 
ATOM   381  O  O   . MET A 1 53  ? 3.036   -9.865  -3.495  1.00 39.97 ? 47   MET A O   1 
ATOM   382  C  CB  . MET A 1 53  ? 4.044   -6.873  -4.819  1.00 31.81 ? 47   MET A CB  1 
ATOM   383  C  CG  . MET A 1 53  ? 4.284   -6.305  -6.208  1.00 32.24 ? 47   MET A CG  1 
ATOM   384  S  SD  . MET A 1 53  ? 5.798   -5.293  -6.257  1.00 33.53 ? 47   MET A SD  1 
ATOM   385  C  CE  . MET A 1 53  ? 7.006   -6.615  -6.323  1.00 34.84 ? 47   MET A CE  1 
ATOM   386  N  N   . TYR A 1 54  ? 2.788   -7.975  -2.304  1.00 34.50 ? 48   TYR A N   1 
ATOM   387  C  CA  . TYR A 1 54  ? 2.778   -8.592  -0.960  1.00 34.21 ? 48   TYR A CA  1 
ATOM   388  C  C   . TYR A 1 54  ? 1.806   -9.787  -0.907  1.00 40.17 ? 48   TYR A C   1 
ATOM   389  O  O   . TYR A 1 54  ? 2.155   -10.903 -0.459  1.00 40.22 ? 48   TYR A O   1 
ATOM   390  C  CB  . TYR A 1 54  ? 2.355   -7.531  0.053   1.00 31.18 ? 48   TYR A CB  1 
ATOM   391  C  CG  . TYR A 1 54  ? 2.821   -7.712  1.473   1.00 30.34 ? 48   TYR A CG  1 
ATOM   392  C  CD1 . TYR A 1 54  ? 2.363   -8.761  2.260   1.00 29.94 ? 48   TYR A CD1 1 
ATOM   393  C  CD2 . TYR A 1 54  ? 3.650   -6.771  2.062   1.00 28.57 ? 48   TYR A CD2 1 
ATOM   394  C  CE1 . TYR A 1 54  ? 2.750   -8.893  3.583   1.00 29.53 ? 48   TYR A CE1 1 
ATOM   395  C  CE2 . TYR A 1 54  ? 4.048   -6.892  3.381   1.00 29.13 ? 48   TYR A CE2 1 
ATOM   396  C  CZ  . TYR A 1 54  ? 3.600   -7.956  4.144   1.00 28.70 ? 48   TYR A CZ  1 
ATOM   397  O  OH  . TYR A 1 54  ? 3.995   -8.069  5.446   1.00 28.30 ? 48   TYR A OH  1 
ATOM   398  N  N   . SER A 1 55  ? 0.586   -9.524  -1.385  1.00 43.69 ? 49   SER A N   1 
ATOM   399  C  CA  . SER A 1 55  ? -0.560  -10.427 -1.398  1.00 44.39 ? 49   SER A CA  1 
ATOM   400  C  C   . SER A 1 55  ? -0.262  -11.685 -2.216  1.00 45.80 ? 49   SER A C   1 
ATOM   401  O  O   . SER A 1 55  ? -0.773  -12.753 -1.902  1.00 48.16 ? 49   SER A O   1 
ATOM   402  C  CB  . SER A 1 55  ? -1.761  -9.705  -1.963  1.00 47.87 ? 49   SER A CB  1 
ATOM   403  O  OG  . SER A 1 55  ? -2.965  -10.325 -1.563  1.00 54.54 ? 49   SER A OG  1 
ATOM   404  N  N   . ASP A 1 56  ? 0.541   -11.542 -3.275  1.00 49.17 ? 50   ASP A N   1 
ATOM   405  C  CA  . ASP A 1 56  ? 0.801   -12.622 -4.225  1.00 53.71 ? 50   ASP A CA  1 
ATOM   406  C  C   . ASP A 1 56  ? 1.786   -13.631 -3.633  1.00 57.42 ? 50   ASP A C   1 
ATOM   407  O  O   . ASP A 1 56  ? 1.588   -14.833 -3.791  1.00 62.87 ? 50   ASP A O   1 
ATOM   408  C  CB  . ASP A 1 56  ? 1.348   -12.097 -5.556  1.00 55.79 ? 50   ASP A CB  1 
ATOM   409  C  CG  . ASP A 1 56  ? 0.291   -11.607 -6.537  1.00 56.07 ? 50   ASP A CG  1 
ATOM   410  O  OD1 . ASP A 1 56  ? -0.925  -11.793 -6.258  1.00 60.17 ? 50   ASP A OD1 1 
ATOM   411  O  OD2 . ASP A 1 56  ? 0.691   -11.052 -7.582  1.00 50.60 ? 50   ASP A OD2 1 
ATOM   412  N  N   . PHE A 1 57  ? 2.838   -13.127 -2.975  1.00 65.48 ? 51   PHE A N   1 
ATOM   413  C  CA  . PHE A 1 57  ? 3.962   -13.953 -2.495  1.00 71.99 ? 51   PHE A CA  1 
ATOM   414  C  C   . PHE A 1 57  ? 3.531   -14.737 -1.246  1.00 70.19 ? 51   PHE A C   1 
ATOM   415  O  O   . PHE A 1 57  ? 3.897   -14.387 -0.140  1.00 66.26 ? 51   PHE A O   1 
ATOM   416  C  CB  . PHE A 1 57  ? 5.209   -13.093 -2.241  1.00 74.37 ? 51   PHE A CB  1 
ATOM   417  C  CG  . PHE A 1 57  ? 5.605   -12.149 -3.357  1.00 84.04 ? 51   PHE A CG  1 
ATOM   418  C  CD1 . PHE A 1 57  ? 5.192   -12.356 -4.673  1.00 88.51 ? 51   PHE A CD1 1 
ATOM   419  C  CD2 . PHE A 1 57  ? 6.412   -11.048 -3.093  1.00 81.41 ? 51   PHE A CD2 1 
ATOM   420  C  CE1 . PHE A 1 57  ? 5.562   -11.479 -5.689  1.00 83.76 ? 51   PHE A CE1 1 
ATOM   421  C  CE2 . PHE A 1 57  ? 6.784   -10.177 -4.110  1.00 83.05 ? 51   PHE A CE2 1 
ATOM   422  C  CZ  . PHE A 1 57  ? 6.359   -10.393 -5.407  1.00 84.24 ? 51   PHE A CZ  1 
ATOM   423  N  N   . GLY A 1 58  ? 2.764   -15.817 -1.455  1.00 76.19 ? 52   GLY A N   1 
ATOM   424  C  CA  . GLY A 1 58  ? 2.254   -16.682 -0.386  1.00 80.05 ? 52   GLY A CA  1 
ATOM   425  C  C   . GLY A 1 58  ? 3.352   -17.508 0.274   1.00 82.21 ? 52   GLY A C   1 
ATOM   426  O  O   . GLY A 1 58  ? 4.110   -18.218 -0.394  1.00 80.41 ? 52   GLY A O   1 
ATOM   427  N  N   . HIS A 1 68  ? -2.362  -19.773 -0.630  1.00 51.92 ? 74   HIS A N   1 
ATOM   428  C  CA  . HIS A 1 68  ? -3.183  -18.590 -0.353  1.00 52.59 ? 74   HIS A CA  1 
ATOM   429  C  C   . HIS A 1 68  ? -3.019  -18.177 1.117   1.00 48.25 ? 74   HIS A C   1 
ATOM   430  O  O   . HIS A 1 68  ? -3.861  -18.496 1.970   1.00 51.22 ? 74   HIS A O   1 
ATOM   431  C  CB  . HIS A 1 68  ? -4.645  -18.856 -0.745  1.00 59.74 ? 74   HIS A CB  1 
ATOM   432  C  CG  . HIS A 1 68  ? -5.567  -17.680 -0.638  1.00 66.39 ? 74   HIS A CG  1 
ATOM   433  N  ND1 . HIS A 1 68  ? -5.482  -16.580 -1.480  1.00 72.04 ? 74   HIS A ND1 1 
ATOM   434  C  CD2 . HIS A 1 68  ? -6.625  -17.447 0.174   1.00 68.01 ? 74   HIS A CD2 1 
ATOM   435  C  CE1 . HIS A 1 68  ? -6.427  -15.715 -1.171  1.00 71.21 ? 74   HIS A CE1 1 
ATOM   436  N  NE2 . HIS A 1 68  ? -7.145  -16.227 -0.162  1.00 71.06 ? 74   HIS A NE2 1 
ATOM   437  N  N   . ARG A 1 69  ? -1.919  -17.464 1.398   1.00 43.08 ? 75   ARG A N   1 
ATOM   438  C  CA  . ARG A 1 69  ? -1.588  -16.961 2.744   1.00 40.31 ? 75   ARG A CA  1 
ATOM   439  C  C   . ARG A 1 69  ? -2.373  -15.677 3.044   1.00 39.68 ? 75   ARG A C   1 
ATOM   440  O  O   . ARG A 1 69  ? -2.921  -15.541 4.135   1.00 38.15 ? 75   ARG A O   1 
ATOM   441  C  CB  . ARG A 1 69  ? -0.084  -16.688 2.884   1.00 38.26 ? 75   ARG A CB  1 
ATOM   442  C  CG  . ARG A 1 69  ? 0.297   -16.005 4.189   1.00 36.67 ? 75   ARG A CG  1 
ATOM   443  C  CD  . ARG A 1 69  ? 1.758   -16.134 4.564   1.00 35.18 ? 75   ARG A CD  1 
ATOM   444  N  NE  . ARG A 1 69  ? 2.036   -15.378 5.783   1.00 34.39 ? 75   ARG A NE  1 
ATOM   445  C  CZ  . ARG A 1 69  ? 3.223   -15.315 6.380   1.00 34.91 ? 75   ARG A CZ  1 
ATOM   446  N  NH1 . ARG A 1 69  ? 4.268   -15.904 5.823   1.00 33.58 ? 75   ARG A NH1 1 
ATOM   447  N  NH2 . ARG A 1 69  ? 3.364   -14.677 7.533   1.00 33.63 ? 75   ARG A NH2 1 
ATOM   448  N  N   . PHE A 1 70  ? -2.419  -14.758 2.063   1.00 37.51 ? 76   PHE A N   1 
ATOM   449  C  CA  . PHE A 1 70  ? -2.899  -13.407 2.263   1.00 34.50 ? 76   PHE A CA  1 
ATOM   450  C  C   . PHE A 1 70  ? -4.236  -13.164 1.563   1.00 34.30 ? 76   PHE A C   1 
ATOM   451  O  O   . PHE A 1 70  ? -4.441  -13.556 0.442   1.00 32.97 ? 76   PHE A O   1 
ATOM   452  C  CB  . PHE A 1 70  ? -1.852  -12.419 1.762   1.00 32.23 ? 76   PHE A CB  1 
ATOM   453  C  CG  . PHE A 1 70  ? -0.584  -12.461 2.567   1.00 28.91 ? 76   PHE A CG  1 
ATOM   454  C  CD1 . PHE A 1 70  ? -0.558  -11.970 3.860   1.00 29.51 ? 76   PHE A CD1 1 
ATOM   455  C  CD2 . PHE A 1 70  ? 0.578   -12.977 2.030   1.00 27.66 ? 76   PHE A CD2 1 
ATOM   456  C  CE1 . PHE A 1 70  ? 0.614   -11.996 4.604   1.00 32.12 ? 76   PHE A CE1 1 
ATOM   457  C  CE2 . PHE A 1 70  ? 1.746   -13.017 2.776   1.00 29.20 ? 76   PHE A CE2 1 
ATOM   458  C  CZ  . PHE A 1 70  ? 1.767   -12.529 4.064   1.00 30.73 ? 76   PHE A CZ  1 
ATOM   459  N  N   . GLU A 1 71  ? -5.129  -12.482 2.275   1.00 40.29 ? 77   GLU A N   1 
ATOM   460  C  CA  . GLU A 1 71  ? -6.349  -11.887 1.721   1.00 44.89 ? 77   GLU A CA  1 
ATOM   461  C  C   . GLU A 1 71  ? -6.055  -10.427 1.338   1.00 45.80 ? 77   GLU A C   1 
ATOM   462  O  O   . GLU A 1 71  ? -5.519  -9.672  2.136   1.00 48.06 ? 77   GLU A O   1 
ATOM   463  C  CB  . GLU A 1 71  ? -7.480  -11.953 2.756   1.00 48.04 ? 77   GLU A CB  1 
ATOM   464  C  CG  . GLU A 1 71  ? -8.865  -11.779 2.161   1.00 47.51 ? 77   GLU A CG  1 
ATOM   465  C  CD  . GLU A 1 71  ? -9.159  -12.802 1.090   1.00 46.67 ? 77   GLU A CD  1 
ATOM   466  O  OE1 . GLU A 1 71  ? -9.005  -14.004 1.387   1.00 45.90 ? 77   GLU A OE1 1 
ATOM   467  O  OE2 . GLU A 1 71  ? -9.487  -12.388 -0.039  1.00 47.47 ? 77   GLU A OE2 1 
ATOM   468  N  N   . ILE A 1 72  ? -6.387  -10.049 0.102   1.00 44.91 ? 78   ILE A N   1 
ATOM   469  C  CA  . ILE A 1 72  ? -6.217  -8.688  -0.350  1.00 43.27 ? 78   ILE A CA  1 
ATOM   470  C  C   . ILE A 1 72  ? -7.530  -7.963  -0.059  1.00 44.04 ? 78   ILE A C   1 
ATOM   471  O  O   . ILE A 1 72  ? -8.575  -8.356  -0.556  1.00 46.18 ? 78   ILE A O   1 
ATOM   472  C  CB  . ILE A 1 72  ? -5.814  -8.624  -1.836  1.00 47.25 ? 78   ILE A CB  1 
ATOM   473  C  CG1 . ILE A 1 72  ? -5.833  -7.190  -2.369  1.00 49.63 ? 78   ILE A CG1 1 
ATOM   474  C  CG2 . ILE A 1 72  ? -6.667  -9.543  -2.699  1.00 52.03 ? 78   ILE A CG2 1 
ATOM   475  C  CD1 . ILE A 1 72  ? -4.745  -6.307  -1.789  1.00 50.72 ? 78   ILE A CD1 1 
ATOM   476  N  N   . ILE A 1 73  ? -7.454  -6.936  0.794   1.00 44.25 ? 79   ILE A N   1 
ATOM   477  C  CA  . ILE A 1 73  ? -8.606  -6.140  1.210   1.00 40.76 ? 79   ILE A CA  1 
ATOM   478  C  C   . ILE A 1 73  ? -8.585  -4.778  0.508   1.00 38.15 ? 79   ILE A C   1 
ATOM   479  O  O   . ILE A 1 73  ? -9.627  -4.161  0.305   1.00 38.05 ? 79   ILE A O   1 
ATOM   480  C  CB  . ILE A 1 73  ? -8.635  -6.027  2.745   1.00 40.01 ? 79   ILE A CB  1 
ATOM   481  C  CG1 . ILE A 1 73  ? -9.033  -7.375  3.348   1.00 40.73 ? 79   ILE A CG1 1 
ATOM   482  C  CG2 . ILE A 1 73  ? -9.549  -4.899  3.218   1.00 38.79 ? 79   ILE A CG2 1 
ATOM   483  C  CD1 . ILE A 1 73  ? -9.017  -7.393  4.846   1.00 43.52 ? 79   ILE A CD1 1 
ATOM   484  N  N   . GLU A 1 74  ? -7.394  -4.294  0.164   1.00 36.27 ? 80   GLU A N   1 
ATOM   485  C  CA  . GLU A 1 74  ? -7.287  -3.047  -0.554  1.00 38.98 ? 80   GLU A CA  1 
ATOM   486  C  C   . GLU A 1 74  ? -7.734  -3.268  -2.005  1.00 38.70 ? 80   GLU A C   1 
ATOM   487  O  O   . GLU A 1 74  ? -7.651  -4.371  -2.529  1.00 39.91 ? 80   GLU A O   1 
ATOM   488  C  CB  . GLU A 1 74  ? -5.859  -2.514  -0.466  1.00 40.56 ? 80   GLU A CB  1 
ATOM   489  C  CG  . GLU A 1 74  ? -5.704  -1.127  -1.052  1.00 40.49 ? 80   GLU A CG  1 
ATOM   490  C  CD  . GLU A 1 74  ? -6.299  -0.031  -0.194  1.00 39.98 ? 80   GLU A CD  1 
ATOM   491  O  OE1 . GLU A 1 74  ? -7.285  0.578   -0.636  1.00 42.10 ? 80   GLU A OE1 1 
ATOM   492  O  OE2 . GLU A 1 74  ? -5.765  0.215   0.907   1.00 41.04 ? 80   GLU A OE2 1 
ATOM   493  N  N   . GLY A 1 75  ? -8.246  -2.206  -2.626  1.00 38.04 ? 81   GLY A N   1 
ATOM   494  C  CA  . GLY A 1 75  ? -8.559  -2.196  -4.046  1.00 39.00 ? 81   GLY A CA  1 
ATOM   495  C  C   . GLY A 1 75  ? -9.943  -2.736  -4.346  1.00 38.34 ? 81   GLY A C   1 
ATOM   496  O  O   . GLY A 1 75  ? -10.305 -2.849  -5.504  1.00 40.21 ? 81   GLY A O   1 
ATOM   497  N  N   . ARG A 1 76  ? -10.696 -3.077  -3.299  1.00 38.40 ? 82   ARG A N   1 
ATOM   498  C  CA  . ARG A 1 76  ? -12.094 -3.389  -3.407  1.00 41.55 ? 82   ARG A CA  1 
ATOM   499  C  C   . ARG A 1 76  ? -12.911 -2.152  -3.035  1.00 45.18 ? 82   ARG A C   1 
ATOM   500  O  O   . ARG A 1 76  ? -12.404 -1.263  -2.370  1.00 45.20 ? 82   ARG A O   1 
ATOM   501  C  CB  . ARG A 1 76  ? -12.457 -4.514  -2.444  1.00 44.45 ? 82   ARG A CB  1 
ATOM   502  C  CG  . ARG A 1 76  ? -11.597 -5.757  -2.591  1.00 49.17 ? 82   ARG A CG  1 
ATOM   503  C  CD  . ARG A 1 76  ? -11.742 -6.602  -1.346  1.00 52.45 ? 82   ARG A CD  1 
ATOM   504  N  NE  . ARG A 1 76  ? -11.085 -7.890  -1.478  1.00 56.59 ? 82   ARG A NE  1 
ATOM   505  C  CZ  . ARG A 1 76  ? -11.594 -8.925  -2.123  1.00 53.99 ? 82   ARG A CZ  1 
ATOM   506  N  NH1 . ARG A 1 76  ? -12.673 -8.771  -2.876  1.00 52.30 ? 82   ARG A NH1 1 
ATOM   507  N  NH2 . ARG A 1 76  ? -11.019 -10.106 -1.988  1.00 53.03 ? 82   ARG A NH2 1 
ATOM   508  N  N   . ASP A 1 77  ? -14.185 -2.130  -3.452  1.00 50.15 ? 83   ASP A N   1 
ATOM   509  C  CA  . ASP A 1 77  ? -15.158 -1.157  -2.952  1.00 49.85 ? 83   ASP A CA  1 
ATOM   510  C  C   . ASP A 1 77  ? -15.421 -1.469  -1.473  1.00 47.22 ? 83   ASP A C   1 
ATOM   511  O  O   . ASP A 1 77  ? -15.065 -2.546  -0.962  1.00 40.70 ? 83   ASP A O   1 
ATOM   512  C  CB  . ASP A 1 77  ? -16.438 -1.123  -3.805  1.00 55.07 ? 83   ASP A CB  1 
ATOM   513  C  CG  . ASP A 1 77  ? -17.335 -2.360  -3.754  1.00 62.63 ? 83   ASP A CG  1 
ATOM   514  O  OD1 . ASP A 1 77  ? -17.381 -3.043  -2.700  1.00 66.96 ? 83   ASP A OD1 1 
ATOM   515  O  OD2 . ASP A 1 77  ? -18.008 -2.628  -4.771  1.00 66.91 ? 83   ASP A OD2 1 
ATOM   516  N  N   . ARG A 1 78  ? -16.069 -0.518  -0.802  1.00 48.09 ? 84   ARG A N   1 
ATOM   517  C  CA  . ARG A 1 78  ? -16.275 -0.586  0.633   1.00 49.14 ? 84   ARG A CA  1 
ATOM   518  C  C   . ARG A 1 78  ? -17.154 -1.787  0.994   1.00 46.01 ? 84   ARG A C   1 
ATOM   519  O  O   . ARG A 1 78  ? -16.855 -2.476  1.965   1.00 49.14 ? 84   ARG A O   1 
ATOM   520  C  CB  . ARG A 1 78  ? -16.899 0.707   1.153   1.00 51.64 ? 84   ARG A CB  1 
ATOM   521  C  CG  . ARG A 1 78  ? -16.026 1.934   0.944   1.00 50.52 ? 84   ARG A CG  1 
ATOM   522  C  CD  . ARG A 1 78  ? -14.963 2.068   2.002   1.00 49.75 ? 84   ARG A CD  1 
ATOM   523  N  NE  . ARG A 1 78  ? -14.379 3.391   1.866   1.00 53.52 ? 84   ARG A NE  1 
ATOM   524  C  CZ  . ARG A 1 78  ? -13.913 4.123   2.864   1.00 52.25 ? 84   ARG A CZ  1 
ATOM   525  N  NH1 . ARG A 1 78  ? -13.517 5.364   2.624   1.00 51.91 ? 84   ARG A NH1 1 
ATOM   526  N  NH2 . ARG A 1 78  ? -13.871 3.619   4.085   1.00 50.86 ? 84   ARG A NH2 1 
ATOM   527  N  N   . ILE A 1 79  ? -18.211 -2.040  0.217   1.00 41.20 ? 85   ILE A N   1 
ATOM   528  C  CA  . ILE A 1 79  ? -19.135 -3.136  0.552   1.00 42.60 ? 85   ILE A CA  1 
ATOM   529  C  C   . ILE A 1 79  ? -18.354 -4.462  0.591   1.00 41.64 ? 85   ILE A C   1 
ATOM   530  O  O   . ILE A 1 79  ? -18.521 -5.239  1.524   1.00 38.49 ? 85   ILE A O   1 
ATOM   531  C  CB  . ILE A 1 79  ? -20.352 -3.205  -0.402  1.00 42.01 ? 85   ILE A CB  1 
ATOM   532  C  CG1 . ILE A 1 79  ? -21.101 -1.872  -0.497  1.00 44.59 ? 85   ILE A CG1 1 
ATOM   533  C  CG2 . ILE A 1 79  ? -21.307 -4.319  0.007   1.00 39.47 ? 85   ILE A CG2 1 
ATOM   534  C  CD1 . ILE A 1 79  ? -22.294 -1.903  -1.430  1.00 45.11 ? 85   ILE A CD1 1 
ATOM   535  N  N   . MET A 1 80  ? -17.503 -4.705  -0.416  1.00 44.58 ? 86   MET A N   1 
ATOM   536  C  CA  . MET A 1 80  ? -16.763 -5.978  -0.525  1.00 48.53 ? 86   MET A CA  1 
ATOM   537  C  C   . MET A 1 80  ? -15.749 -6.107  0.622   1.00 44.47 ? 86   MET A C   1 
ATOM   538  O  O   . MET A 1 80  ? -15.661 -7.150  1.251   1.00 42.51 ? 86   MET A O   1 
ATOM   539  C  CB  . MET A 1 80  ? -16.031 -6.133  -1.868  1.00 51.30 ? 86   MET A CB  1 
ATOM   540  C  CG  . MET A 1 80  ? -16.817 -6.895  -2.935  1.00 53.95 ? 86   MET A CG  1 
ATOM   541  S  SD  . MET A 1 80  ? -17.916 -8.231  -2.315  1.00 59.47 ? 86   MET A SD  1 
ATOM   542  C  CE  . MET A 1 80  ? -16.759 -9.300  -1.460  1.00 57.10 ? 86   MET A CE  1 
ATOM   543  N  N   . ALA A 1 81  ? -14.999 -5.034  0.881   1.00 44.20 ? 87   ALA A N   1 
ATOM   544  C  CA  . ALA A 1 81  ? -13.932 -5.010  1.889   1.00 41.13 ? 87   ALA A CA  1 
ATOM   545  C  C   . ALA A 1 81  ? -14.472 -5.381  3.282   1.00 36.95 ? 87   ALA A C   1 
ATOM   546  O  O   . ALA A 1 81  ? -13.907 -6.231  3.972   1.00 35.40 ? 87   ALA A O   1 
ATOM   547  C  CB  . ALA A 1 81  ? -13.290 -3.644  1.879   1.00 41.43 ? 87   ALA A CB  1 
ATOM   548  N  N   . TRP A 1 82  ? -15.568 -4.740  3.692   1.00 35.49 ? 88   TRP A N   1 
ATOM   549  C  CA  . TRP A 1 82  ? -16.177 -5.002  4.988   1.00 35.57 ? 88   TRP A CA  1 
ATOM   550  C  C   . TRP A 1 82  ? -16.797 -6.399  4.999   1.00 36.06 ? 88   TRP A C   1 
ATOM   551  O  O   . TRP A 1 82  ? -16.641 -7.107  5.987   1.00 40.66 ? 88   TRP A O   1 
ATOM   552  C  CB  . TRP A 1 82  ? -17.170 -3.903  5.388   1.00 33.73 ? 88   TRP A CB  1 
ATOM   553  C  CG  . TRP A 1 82  ? -16.477 -2.637  5.795   1.00 33.15 ? 88   TRP A CG  1 
ATOM   554  C  CD1 . TRP A 1 82  ? -16.422 -1.462  5.099   1.00 33.63 ? 88   TRP A CD1 1 
ATOM   555  C  CD2 . TRP A 1 82  ? -15.666 -2.440  6.969   1.00 32.83 ? 88   TRP A CD2 1 
ATOM   556  N  NE1 . TRP A 1 82  ? -15.667 -0.540  5.775   1.00 34.29 ? 88   TRP A NE1 1 
ATOM   557  C  CE2 . TRP A 1 82  ? -15.183 -1.113  6.921   1.00 32.57 ? 88   TRP A CE2 1 
ATOM   558  C  CE3 . TRP A 1 82  ? -15.303 -3.249  8.053   1.00 32.23 ? 88   TRP A CE3 1 
ATOM   559  C  CZ2 . TRP A 1 82  ? -14.376 -0.576  7.926   1.00 30.78 ? 88   TRP A CZ2 1 
ATOM   560  C  CZ3 . TRP A 1 82  ? -14.496 -2.719  9.037   1.00 30.88 ? 88   TRP A CZ3 1 
ATOM   561  C  CH2 . TRP A 1 82  ? -14.050 -1.399  8.978   1.00 29.53 ? 88   TRP A CH2 1 
ATOM   562  N  N   . THR A 1 83  ? -17.430 -6.813  3.895   1.00 35.70 ? 89   THR A N   1 
ATOM   563  C  CA  . THR A 1 83  ? -17.878 -8.220  3.751   1.00 38.09 ? 89   THR A CA  1 
ATOM   564  C  C   . THR A 1 83  ? -16.700 -9.178  4.019   1.00 38.15 ? 89   THR A C   1 
ATOM   565  O  O   . THR A 1 83  ? -16.838 -10.114 4.806   1.00 37.34 ? 89   THR A O   1 
ATOM   566  C  CB  . THR A 1 83  ? -18.524 -8.489  2.381   1.00 38.81 ? 89   THR A CB  1 
ATOM   567  O  OG1 . THR A 1 83  ? -19.597 -7.569  2.180   1.00 38.42 ? 89   THR A OG1 1 
ATOM   568  C  CG2 . THR A 1 83  ? -19.045 -9.906  2.239   1.00 37.01 ? 89   THR A CG2 1 
ATOM   569  N  N   . VAL A 1 84  ? -15.554 -8.927  3.364   1.00 39.32 ? 90   VAL A N   1 
ATOM   570  C  CA  . VAL A 1 84  ? -14.337 -9.756  3.480   1.00 37.88 ? 90   VAL A CA  1 
ATOM   571  C  C   . VAL A 1 84  ? -13.820 -9.700  4.923   1.00 38.11 ? 90   VAL A C   1 
ATOM   572  O  O   . VAL A 1 84  ? -13.478 -10.736 5.490   1.00 37.19 ? 90   VAL A O   1 
ATOM   573  C  CB  . VAL A 1 84  ? -13.239 -9.347  2.476   1.00 36.06 ? 90   VAL A CB  1 
ATOM   574  C  CG1 . VAL A 1 84  ? -11.936 -10.089 2.741   1.00 35.90 ? 90   VAL A CG1 1 
ATOM   575  C  CG2 . VAL A 1 84  ? -13.668 -9.560  1.029   1.00 35.13 ? 90   VAL A CG2 1 
ATOM   576  N  N   . VAL A 1 85  ? -13.777 -8.498  5.510   1.00 38.67 ? 91   VAL A N   1 
ATOM   577  C  CA  . VAL A 1 85  ? -13.352 -8.334  6.908   1.00 39.96 ? 91   VAL A CA  1 
ATOM   578  C  C   . VAL A 1 85  ? -14.289 -9.123  7.842   1.00 39.40 ? 91   VAL A C   1 
ATOM   579  O  O   . VAL A 1 85  ? -13.808 -9.900  8.646   1.00 41.10 ? 91   VAL A O   1 
ATOM   580  C  CB  . VAL A 1 85  ? -13.245 -6.847  7.305   1.00 40.49 ? 91   VAL A CB  1 
ATOM   581  C  CG1 . VAL A 1 85  ? -13.017 -6.679  8.802   1.00 39.97 ? 91   VAL A CG1 1 
ATOM   582  C  CG2 . VAL A 1 85  ? -12.151 -6.126  6.525   1.00 39.44 ? 91   VAL A CG2 1 
ATOM   583  N  N   . ASN A 1 86  ? -15.613 -8.945  7.725   1.00 41.07 ? 92   ASN A N   1 
ATOM   584  C  CA  . ASN A 1 86  ? -16.593 -9.651  8.592   1.00 45.44 ? 92   ASN A CA  1 
ATOM   585  C  C   . ASN A 1 86  ? -16.450 -11.177 8.455   1.00 42.37 ? 92   ASN A C   1 
ATOM   586  O  O   . ASN A 1 86  ? -16.519 -11.916 9.427   1.00 40.37 ? 92   ASN A O   1 
ATOM   587  C  CB  . ASN A 1 86  ? -18.044 -9.268  8.292   1.00 48.84 ? 92   ASN A CB  1 
ATOM   588  C  CG  . ASN A 1 86  ? -18.408 -7.881  8.775   1.00 60.03 ? 92   ASN A CG  1 
ATOM   589  O  OD1 . ASN A 1 86  ? -17.554 -7.127  9.243   1.00 67.20 ? 92   ASN A OD1 1 
ATOM   590  N  ND2 . ASN A 1 86  ? -19.679 -7.525  8.655   1.00 66.45 ? 92   ASN A ND2 1 
ATOM   591  N  N   . SER A 1 87  ? -16.282 -11.652 7.228   1.00 39.84 ? 93   SER A N   1 
ATOM   592  C  CA  . SER A 1 87  ? -16.187 -13.049 6.998   1.00 40.15 ? 93   SER A CA  1 
ATOM   593  C  C   . SER A 1 87  ? -14.906 -13.592 7.672   1.00 41.57 ? 93   SER A C   1 
ATOM   594  O  O   . SER A 1 87  ? -14.917 -14.672 8.261   1.00 42.62 ? 93   SER A O   1 
ATOM   595  C  CB  . SER A 1 87  ? -16.290 -13.328 5.518   1.00 40.25 ? 93   SER A CB  1 
ATOM   596  O  OG  . SER A 1 87  ? -15.646 -14.545 5.189   1.00 45.51 ? 93   SER A OG  1 
ATOM   597  N  N   . ILE A 1 88  ? -13.813 -12.818 7.662   1.00 39.07 ? 94   ILE A N   1 
ATOM   598  C  CA  . ILE A 1 88  ? -12.565 -13.231 8.325   1.00 39.32 ? 94   ILE A CA  1 
ATOM   599  C  C   . ILE A 1 88  ? -12.749 -13.248 9.854   1.00 43.58 ? 94   ILE A C   1 
ATOM   600  O  O   . ILE A 1 88  ? -12.157 -14.088 10.555  1.00 43.78 ? 94   ILE A O   1 
ATOM   601  C  CB  . ILE A 1 88  ? -11.387 -12.333 7.886   1.00 37.65 ? 94   ILE A CB  1 
ATOM   602  C  CG1 . ILE A 1 88  ? -10.899 -12.705 6.484   1.00 35.48 ? 94   ILE A CG1 1 
ATOM   603  C  CG2 . ILE A 1 88  ? -10.240 -12.357 8.887   1.00 36.73 ? 94   ILE A CG2 1 
ATOM   604  C  CD1 . ILE A 1 88  ? -10.118 -11.601 5.810   1.00 34.10 ? 94   ILE A CD1 1 
ATOM   605  N  N   . CYS A 1 89  ? -13.544 -12.312 10.379  1.00 46.07 ? 95   CYS A N   1 
ATOM   606  C  CA  . CYS A 1 89  ? -13.749 -12.165 11.833  1.00 49.74 ? 95   CYS A CA  1 
ATOM   607  C  C   . CYS A 1 89  ? -14.666 -13.267 12.404  1.00 52.79 ? 95   CYS A C   1 
ATOM   608  O  O   . CYS A 1 89  ? -14.471 -13.716 13.541  1.00 52.36 ? 95   CYS A O   1 
ATOM   609  C  CB  . CYS A 1 89  ? -14.293 -10.776 12.144  1.00 49.35 ? 95   CYS A CB  1 
ATOM   610  S  SG  . CYS A 1 89  ? -13.081 -9.475  11.792  1.00 49.12 ? 95   CYS A SG  1 
ATOM   611  N  N   . ASN A 1 90  ? -15.656 -13.707 11.619  1.00 52.00 ? 96   ASN A N   1 
ATOM   612  C  CA  . ASN A 1 90  ? -16.584 -14.748 12.041  1.00 51.67 ? 96   ASN A CA  1 
ATOM   613  C  C   . ASN A 1 90  ? -15.865 -16.101 12.141  1.00 52.54 ? 96   ASN A C   1 
ATOM   614  O  O   . ASN A 1 90  ? -16.198 -16.914 13.012  1.00 55.65 ? 96   ASN A O   1 
ATOM   615  C  CB  . ASN A 1 90  ? -17.784 -14.851 11.096  1.00 51.00 ? 96   ASN A CB  1 
ATOM   616  C  CG  . ASN A 1 90  ? -18.614 -13.588 11.102  1.00 51.01 ? 96   ASN A CG  1 
ATOM   617  O  OD1 . ASN A 1 90  ? -18.669 -12.892 12.111  1.00 51.50 ? 96   ASN A OD1 1 
ATOM   618  N  ND2 . ASN A 1 90  ? -19.237 -13.271 9.979   1.00 51.61 ? 96   ASN A ND2 1 
ATOM   619  N  N   . THR A 1 91  ? -14.887 -16.345 11.264  1.00 46.48 ? 97   THR A N   1 
ATOM   620  C  CA  . THR A 1 91  ? -14.315 -17.682 11.147  1.00 47.79 ? 97   THR A CA  1 
ATOM   621  C  C   . THR A 1 91  ? -12.967 -17.805 11.883  1.00 47.77 ? 97   THR A C   1 
ATOM   622  O  O   . THR A 1 91  ? -12.360 -18.871 11.827  1.00 51.82 ? 97   THR A O   1 
ATOM   623  C  CB  . THR A 1 91  ? -14.181 -18.103 9.675   1.00 47.14 ? 97   THR A CB  1 
ATOM   624  O  OG1 . THR A 1 91  ? -13.091 -17.401 9.073   1.00 45.92 ? 97   THR A OG1 1 
ATOM   625  C  CG2 . THR A 1 91  ? -15.457 -17.881 8.889   1.00 46.55 ? 97   THR A CG2 1 
ATOM   626  N  N   . THR A 1 92  ? -12.498 -16.744 12.560  1.00 46.59 ? 98   THR A N   1 
ATOM   627  C  CA  . THR A 1 92  ? -11.150 -16.742 13.208  1.00 46.01 ? 98   THR A CA  1 
ATOM   628  C  C   . THR A 1 92  ? -11.216 -16.205 14.644  1.00 49.47 ? 98   THR A C   1 
ATOM   629  O  O   . THR A 1 92  ? -10.411 -16.608 15.490  1.00 52.35 ? 98   THR A O   1 
ATOM   630  C  CB  . THR A 1 92  ? -10.120 -15.930 12.412  1.00 42.46 ? 98   THR A CB  1 
ATOM   631  O  OG1 . THR A 1 92  ? -10.502 -14.552 12.447  1.00 39.16 ? 98   THR A OG1 1 
ATOM   632  C  CG2 . THR A 1 92  ? -9.994  -16.403 10.981  1.00 42.96 ? 98   THR A CG2 1 
ATOM   633  N  N   . GLY A 1 93  ? -12.146 -15.275 14.898  1.00 50.41 ? 99   GLY A N   1 
ATOM   634  C  CA  . GLY A 1 93  ? -12.417 -14.761 16.226  1.00 48.93 ? 99   GLY A CA  1 
ATOM   635  C  C   . GLY A 1 93  ? -11.646 -13.487 16.501  1.00 52.27 ? 99   GLY A C   1 
ATOM   636  O  O   . GLY A 1 93  ? -11.775 -12.916 17.597  1.00 54.79 ? 99   GLY A O   1 
ATOM   637  N  N   . VAL A 1 94  ? -10.872 -13.026 15.504  1.00 52.62 ? 100  VAL A N   1 
ATOM   638  C  CA  . VAL A 1 94  ? -9.980  -11.867 15.668  1.00 51.71 ? 100  VAL A CA  1 
ATOM   639  C  C   . VAL A 1 94  ? -10.832 -10.587 15.681  1.00 48.48 ? 100  VAL A C   1 
ATOM   640  O  O   . VAL A 1 94  ? -11.768 -10.442 14.897  1.00 41.42 ? 100  VAL A O   1 
ATOM   641  C  CB  . VAL A 1 94  ? -8.865  -11.832 14.599  1.00 50.06 ? 100  VAL A CB  1 
ATOM   642  C  CG1 . VAL A 1 94  ? -8.126  -13.156 14.511  1.00 49.38 ? 100  VAL A CG1 1 
ATOM   643  C  CG2 . VAL A 1 94  ? -9.374  -11.428 13.228  1.00 51.21 ? 100  VAL A CG2 1 
ATOM   644  N  N   . GLU A 1 95  ? -10.511 -9.682  16.615  1.00 51.97 ? 101  GLU A N   1 
ATOM   645  C  CA  . GLU A 1 95  ? -11.223 -8.403  16.808  1.00 57.24 ? 101  GLU A CA  1 
ATOM   646  C  C   . GLU A 1 95  ? -11.342 -7.705  15.442  1.00 52.36 ? 101  GLU A C   1 
ATOM   647  O  O   . GLU A 1 95  ? -10.453 -7.812  14.609  1.00 47.59 ? 101  GLU A O   1 
ATOM   648  C  CB  . GLU A 1 95  ? -10.493 -7.587  17.889  1.00 61.33 ? 101  GLU A CB  1 
ATOM   649  C  CG  . GLU A 1 95  ? -11.033 -6.176  18.139  1.00 65.09 ? 101  GLU A CG  1 
ATOM   650  C  CD  . GLU A 1 95  ? -10.119 -5.275  18.972  1.00 68.03 ? 101  GLU A CD  1 
ATOM   651  O  OE1 . GLU A 1 95  ? -9.760  -5.670  20.111  1.00 71.02 ? 101  GLU A OE1 1 
ATOM   652  O  OE2 . GLU A 1 95  ? -9.745  -4.180  18.481  1.00 60.36 ? 101  GLU A OE2 1 
ATOM   653  N  N   . LYS A 1 96  ? -12.472 -7.027  15.219  1.00 54.47 ? 102  LYS A N   1 
ATOM   654  C  CA  . LYS A 1 96  ? -12.757 -6.296  13.977  1.00 55.62 ? 102  LYS A CA  1 
ATOM   655  C  C   . LYS A 1 96  ? -12.149 -4.897  14.078  1.00 57.08 ? 102  LYS A C   1 
ATOM   656  O  O   . LYS A 1 96  ? -12.470 -4.153  15.002  1.00 65.70 ? 102  LYS A O   1 
ATOM   657  C  CB  . LYS A 1 96  ? -14.270 -6.219  13.753  1.00 55.36 ? 102  LYS A CB  1 
ATOM   658  C  CG  . LYS A 1 96  ? -14.718 -6.243  12.299  1.00 60.43 ? 102  LYS A CG  1 
ATOM   659  C  CD  . LYS A 1 96  ? -16.117 -6.810  12.105  1.00 66.19 ? 102  LYS A CD  1 
ATOM   660  C  CE  . LYS A 1 96  ? -17.205 -5.755  12.205  1.00 71.90 ? 102  LYS A CE  1 
ATOM   661  N  NZ  . LYS A 1 96  ? -18.571 -6.338  12.200  1.00 71.79 ? 102  LYS A NZ  1 
ATOM   662  N  N   . PRO A 1 97  ? -11.253 -4.476  13.154  1.00 51.82 ? 103  PRO A N   1 
ATOM   663  C  CA  . PRO A 1 97  ? -10.634 -3.156  13.250  1.00 50.73 ? 103  PRO A CA  1 
ATOM   664  C  C   . PRO A 1 97  ? -11.653 -2.069  12.872  1.00 49.25 ? 103  PRO A C   1 
ATOM   665  O  O   . PRO A 1 97  ? -12.655 -2.386  12.227  1.00 42.87 ? 103  PRO A O   1 
ATOM   666  C  CB  . PRO A 1 97  ? -9.469  -3.245  12.259  1.00 52.44 ? 103  PRO A CB  1 
ATOM   667  C  CG  . PRO A 1 97  ? -9.974  -4.208  11.202  1.00 54.68 ? 103  PRO A CG  1 
ATOM   668  C  CD  . PRO A 1 97  ? -10.814 -5.217  11.962  1.00 53.47 ? 103  PRO A CD  1 
ATOM   669  N  N   . LYS A 1 98  ? -11.387 -0.823  13.300  1.00 49.78 ? 104  LYS A N   1 
ATOM   670  C  CA  . LYS A 1 98  ? -12.278 0.337   13.093  1.00 48.94 ? 104  LYS A CA  1 
ATOM   671  C  C   . LYS A 1 98  ? -12.156 0.842   11.656  1.00 46.21 ? 104  LYS A C   1 
ATOM   672  O  O   . LYS A 1 98  ? -13.127 1.320   11.112  1.00 52.98 ? 104  LYS A O   1 
ATOM   673  C  CB  . LYS A 1 98  ? -11.946 1.502   14.034  1.00 52.81 ? 104  LYS A CB  1 
ATOM   674  C  CG  . LYS A 1 98  ? -12.806 1.641   15.285  1.00 58.39 ? 104  LYS A CG  1 
ATOM   675  C  CD  . LYS A 1 98  ? -12.506 2.919   16.083  1.00 64.23 ? 104  LYS A CD  1 
ATOM   676  C  CE  . LYS A 1 98  ? -13.530 3.230   17.162  1.00 68.88 ? 104  LYS A CE  1 
ATOM   677  N  NZ  . LYS A 1 98  ? -13.473 2.267   18.293  1.00 69.49 ? 104  LYS A NZ  1 
ATOM   678  N  N   . PHE A 1 99  ? -10.947 0.763   11.087  1.00 45.84 ? 105  PHE A N   1 
ATOM   679  C  CA  . PHE A 1 99  ? -10.648 1.198   9.711   1.00 46.56 ? 105  PHE A CA  1 
ATOM   680  C  C   . PHE A 1 99  ? -10.304 -0.032  8.861   1.00 39.34 ? 105  PHE A C   1 
ATOM   681  O  O   . PHE A 1 99  ? -9.907  -1.042  9.407   1.00 42.57 ? 105  PHE A O   1 
ATOM   682  C  CB  . PHE A 1 99  ? -9.531  2.248   9.734   1.00 52.98 ? 105  PHE A CB  1 
ATOM   683  C  CG  . PHE A 1 99  ? -9.803  3.397   10.678  1.00 60.64 ? 105  PHE A CG  1 
ATOM   684  C  CD1 . PHE A 1 99  ? -10.818 4.310   10.414  1.00 60.94 ? 105  PHE A CD1 1 
ATOM   685  C  CD2 . PHE A 1 99  ? -9.077  3.541   11.856  1.00 66.46 ? 105  PHE A CD2 1 
ATOM   686  C  CE1 . PHE A 1 99  ? -11.088 5.347   11.297  1.00 65.56 ? 105  PHE A CE1 1 
ATOM   687  C  CE2 . PHE A 1 99  ? -9.352  4.578   12.741  1.00 68.79 ? 105  PHE A CE2 1 
ATOM   688  C  CZ  . PHE A 1 99  ? -10.354 5.481   12.458  1.00 67.75 ? 105  PHE A CZ  1 
ATOM   689  N  N   . LEU A 1 100 ? -10.524 0.046   7.544   1.00 34.66 ? 106  LEU A N   1 
ATOM   690  C  CA  . LEU A 1 100 ? -10.143 -1.018  6.614   1.00 32.80 ? 106  LEU A CA  1 
ATOM   691  C  C   . LEU A 1 100 ? -8.625  -1.077  6.522   1.00 34.42 ? 106  LEU A C   1 
ATOM   692  O  O   . LEU A 1 100 ? -8.000  -0.112  6.083   1.00 40.98 ? 106  LEU A O   1 
ATOM   693  C  CB  . LEU A 1 100 ? -10.695 -0.750  5.212   1.00 32.85 ? 106  LEU A CB  1 
ATOM   694  C  CG  . LEU A 1 100 ? -12.186 -1.002  4.972   1.00 34.78 ? 106  LEU A CG  1 
ATOM   695  C  CD1 . LEU A 1 100 ? -12.512 -0.759  3.500   1.00 33.81 ? 106  LEU A CD1 1 
ATOM   696  C  CD2 . LEU A 1 100 ? -12.621 -2.406  5.392   1.00 33.32 ? 106  LEU A CD2 1 
ATOM   697  N  N   . PRO A 1 101 ? -7.981  -2.214  6.859   1.00 32.66 ? 107  PRO A N   1 
ATOM   698  C  CA  . PRO A 1 101 ? -6.561  -2.394  6.604   1.00 32.88 ? 107  PRO A CA  1 
ATOM   699  C  C   . PRO A 1 101 ? -6.405  -2.936  5.172   1.00 30.92 ? 107  PRO A C   1 
ATOM   700  O  O   . PRO A 1 101 ? -7.337  -2.834  4.384   1.00 29.24 ? 107  PRO A O   1 
ATOM   701  C  CB  . PRO A 1 101 ? -6.186  -3.351  7.750   1.00 33.42 ? 107  PRO A CB  1 
ATOM   702  C  CG  . PRO A 1 101 ? -7.388  -4.254  7.891   1.00 32.73 ? 107  PRO A CG  1 
ATOM   703  C  CD  . PRO A 1 101 ? -8.575  -3.415  7.462   1.00 34.27 ? 107  PRO A CD  1 
ATOM   704  N  N   . ASP A 1 102 ? -5.236  -3.500  4.850   1.00 30.86 ? 108  ASP A N   1 
ATOM   705  C  CA  . ASP A 1 102 ? -4.840  -3.749  3.455   1.00 32.76 ? 108  ASP A CA  1 
ATOM   706  C  C   . ASP A 1 102 ? -4.846  -5.248  3.118   1.00 33.13 ? 108  ASP A C   1 
ATOM   707  O  O   . ASP A 1 102 ? -5.150  -5.630  1.985   1.00 31.99 ? 108  ASP A O   1 
ATOM   708  C  CB  . ASP A 1 102 ? -3.452  -3.168  3.173   1.00 31.71 ? 108  ASP A CB  1 
ATOM   709  C  CG  . ASP A 1 102 ? -3.372  -1.657  3.277   1.00 29.13 ? 108  ASP A CG  1 
ATOM   710  O  OD1 . ASP A 1 102 ? -4.267  -0.991  2.763   1.00 30.17 ? 108  ASP A OD1 1 
ATOM   711  O  OD2 . ASP A 1 102 ? -2.398  -1.166  3.855   1.00 28.79 ? 108  ASP A OD2 1 
ATOM   712  N  N   . LEU A 1 103 ? -4.429  -6.077  4.080   1.00 34.36 ? 109  LEU A N   1 
ATOM   713  C  CA  . LEU A 1 103 ? -4.304  -7.526  3.897   1.00 33.05 ? 109  LEU A CA  1 
ATOM   714  C  C   . LEU A 1 103 ? -4.805  -8.182  5.171   1.00 32.61 ? 109  LEU A C   1 
ATOM   715  O  O   . LEU A 1 103 ? -4.932  -7.515  6.189   1.00 35.11 ? 109  LEU A O   1 
ATOM   716  C  CB  . LEU A 1 103 ? -2.845  -7.941  3.647   1.00 32.13 ? 109  LEU A CB  1 
ATOM   717  C  CG  . LEU A 1 103 ? -2.110  -7.246  2.495   1.00 32.61 ? 109  LEU A CG  1 
ATOM   718  C  CD1 . LEU A 1 103 ? -0.686  -6.910  2.884   1.00 33.70 ? 109  LEU A CD1 1 
ATOM   719  C  CD2 . LEU A 1 103 ? -2.096  -8.088  1.240   1.00 32.79 ? 109  LEU A CD2 1 
ATOM   720  N  N   . TYR A 1 104 ? -5.084  -9.482  5.082   1.00 33.92 ? 110  TYR A N   1 
ATOM   721  C  CA  . TYR A 1 104 ? -5.118  -10.349 6.249   1.00 32.82 ? 110  TYR A CA  1 
ATOM   722  C  C   . TYR A 1 104 ? -4.184  -11.529 5.964   1.00 31.04 ? 110  TYR A C   1 
ATOM   723  O  O   . TYR A 1 104 ? -4.162  -12.051 4.842   1.00 24.04 ? 110  TYR A O   1 
ATOM   724  C  CB  . TYR A 1 104 ? -6.545  -10.788 6.598   1.00 32.77 ? 110  TYR A CB  1 
ATOM   725  C  CG  . TYR A 1 104 ? -6.616  -11.797 7.716   1.00 33.80 ? 110  TYR A CG  1 
ATOM   726  C  CD1 . TYR A 1 104 ? -6.561  -11.408 9.040   1.00 37.38 ? 110  TYR A CD1 1 
ATOM   727  C  CD2 . TYR A 1 104 ? -6.707  -13.153 7.454   1.00 34.97 ? 110  TYR A CD2 1 
ATOM   728  C  CE1 . TYR A 1 104 ? -6.622  -12.329 10.077  1.00 37.88 ? 110  TYR A CE1 1 
ATOM   729  C  CE2 . TYR A 1 104 ? -6.764  -14.087 8.476   1.00 37.68 ? 110  TYR A CE2 1 
ATOM   730  C  CZ  . TYR A 1 104 ? -6.720  -13.678 9.797   1.00 38.04 ? 110  TYR A CZ  1 
ATOM   731  O  OH  . TYR A 1 104 ? -6.785  -14.596 10.813  1.00 39.33 ? 110  TYR A OH  1 
ATOM   732  N  N   . ASP A 1 105 ? -3.424  -11.897 7.006   1.00 32.86 ? 111  ASP A N   1 
ATOM   733  C  CA  . ASP A 1 105 ? -2.484  -12.999 7.020   1.00 33.34 ? 111  ASP A CA  1 
ATOM   734  C  C   . ASP A 1 105 ? -3.133  -14.187 7.735   1.00 35.45 ? 111  ASP A C   1 
ATOM   735  O  O   . ASP A 1 105 ? -3.217  -14.169 8.983   1.00 38.94 ? 111  ASP A O   1 
ATOM   736  C  CB  . ASP A 1 105 ? -1.192  -12.597 7.729   1.00 33.95 ? 111  ASP A CB  1 
ATOM   737  C  CG  . ASP A 1 105 ? -0.138  -13.687 7.663   1.00 36.83 ? 111  ASP A CG  1 
ATOM   738  O  OD1 . ASP A 1 105 ? -0.533  -14.838 7.411   1.00 36.09 ? 111  ASP A OD1 1 
ATOM   739  O  OD2 . ASP A 1 105 ? 1.070   -13.378 7.850   1.00 38.18 ? 111  ASP A OD2 1 
ATOM   740  N  N   . TYR A 1 106 ? -3.576  -15.186 6.947   1.00 34.22 ? 112  TYR A N   1 
ATOM   741  C  CA  . TYR A 1 106 ? -4.204  -16.446 7.438   1.00 34.55 ? 112  TYR A CA  1 
ATOM   742  C  C   . TYR A 1 106 ? -3.200  -17.341 8.197   1.00 38.70 ? 112  TYR A C   1 
ATOM   743  O  O   . TYR A 1 106 ? -3.607  -18.174 9.011   1.00 41.07 ? 112  TYR A O   1 
ATOM   744  C  CB  . TYR A 1 106 ? -4.799  -17.257 6.283   1.00 32.54 ? 112  TYR A CB  1 
ATOM   745  C  CG  . TYR A 1 106 ? -6.066  -16.710 5.670   1.00 31.61 ? 112  TYR A CG  1 
ATOM   746  C  CD1 . TYR A 1 106 ? -7.290  -16.861 6.304   1.00 29.59 ? 112  TYR A CD1 1 
ATOM   747  C  CD2 . TYR A 1 106 ? -6.057  -16.082 4.430   1.00 31.47 ? 112  TYR A CD2 1 
ATOM   748  C  CE1 . TYR A 1 106 ? -8.459  -16.374 5.745   1.00 28.32 ? 112  TYR A CE1 1 
ATOM   749  C  CE2 . TYR A 1 106 ? -7.224  -15.598 3.853   1.00 29.66 ? 112  TYR A CE2 1 
ATOM   750  C  CZ  . TYR A 1 106 ? -8.429  -15.754 4.512   1.00 27.98 ? 112  TYR A CZ  1 
ATOM   751  O  OH  . TYR A 1 106 ? -9.585  -15.292 3.965   1.00 28.09 ? 112  TYR A OH  1 
ATOM   752  N  N   . LYS A 1 107 ? -1.894  -17.166 7.954   1.00 40.63 ? 113  LYS A N   1 
ATOM   753  C  CA  . LYS A 1 107 ? -0.853  -17.945 8.637   1.00 43.60 ? 113  LYS A CA  1 
ATOM   754  C  C   . LYS A 1 107 ? -0.534  -17.384 10.038  1.00 44.32 ? 113  LYS A C   1 
ATOM   755  O  O   . LYS A 1 107 ? -0.168  -18.135 10.915  1.00 45.77 ? 113  LYS A O   1 
ATOM   756  C  CB  . LYS A 1 107 ? 0.424   -18.002 7.790   1.00 44.71 ? 113  LYS A CB  1 
ATOM   757  C  CG  . LYS A 1 107 ? 1.558   -18.793 8.428   1.00 46.82 ? 113  LYS A CG  1 
ATOM   758  C  CD  . LYS A 1 107 ? 2.873   -18.703 7.705   1.00 48.06 ? 113  LYS A CD  1 
ATOM   759  C  CE  . LYS A 1 107 ? 4.024   -19.202 8.544   1.00 48.78 ? 113  LYS A CE  1 
ATOM   760  N  NZ  . LYS A 1 107 ? 5.168   -18.261 8.490   1.00 52.14 ? 113  LYS A NZ  1 
ATOM   761  N  N   . GLU A 1 108 ? -0.604  -16.064 10.236  1.00 46.86 ? 114  GLU A N   1 
ATOM   762  C  CA  . GLU A 1 108 ? -0.253  -15.450 11.536  1.00 48.32 ? 114  GLU A CA  1 
ATOM   763  C  C   . GLU A 1 108 ? -1.531  -15.002 12.258  1.00 48.62 ? 114  GLU A C   1 
ATOM   764  O  O   . GLU A 1 108 ? -1.516  -14.781 13.479  1.00 47.04 ? 114  GLU A O   1 
ATOM   765  C  CB  . GLU A 1 108 ? 0.694   -14.258 11.360  1.00 49.75 ? 114  GLU A CB  1 
ATOM   766  C  CG  . GLU A 1 108 ? 2.025   -14.619 10.732  1.00 50.88 ? 114  GLU A CG  1 
ATOM   767  C  CD  . GLU A 1 108 ? 2.940   -15.448 11.616  1.00 53.85 ? 114  GLU A CD  1 
ATOM   768  O  OE1 . GLU A 1 108 ? 3.075   -15.104 12.803  1.00 51.62 ? 114  GLU A OE1 1 
ATOM   769  O  OE2 . GLU A 1 108 ? 3.516   -16.441 11.110  1.00 61.80 ? 114  GLU A OE2 1 
ATOM   770  N  N   . ASN A 1 109 ? -2.613  -14.836 11.482  1.00 46.44 ? 115  ASN A N   1 
ATOM   771  C  CA  . ASN A 1 109 ? -3.963  -14.561 11.982  1.00 45.20 ? 115  ASN A CA  1 
ATOM   772  C  C   . ASN A 1 109 ? -3.990  -13.161 12.610  1.00 44.68 ? 115  ASN A C   1 
ATOM   773  O  O   . ASN A 1 109 ? -4.342  -12.972 13.792  1.00 47.40 ? 115  ASN A O   1 
ATOM   774  C  CB  . ASN A 1 109 ? -4.467  -15.718 12.854  1.00 42.45 ? 115  ASN A CB  1 
ATOM   775  C  CG  . ASN A 1 109 ? -4.715  -16.959 12.018  1.00 42.92 ? 115  ASN A CG  1 
ATOM   776  O  OD1 . ASN A 1 109 ? -5.717  -17.042 11.294  1.00 38.30 ? 115  ASN A OD1 1 
ATOM   777  N  ND2 . ASN A 1 109 ? -3.781  -17.902 12.069  1.00 40.20 ? 115  ASN A ND2 1 
ATOM   778  N  N   . ARG A 1 110 ? -3.606  -12.188 11.772  1.00 41.41 ? 116  ARG A N   1 
ATOM   779  C  CA  . ARG A 1 110 ? -3.608  -10.758 12.071  1.00 38.25 ? 116  ARG A CA  1 
ATOM   780  C  C   . ARG A 1 110 ? -3.817  -9.999  10.756  1.00 35.82 ? 116  ARG A C   1 
ATOM   781  O  O   . ARG A 1 110 ? -3.415  -10.467 9.707   1.00 36.63 ? 116  ARG A O   1 
ATOM   782  C  CB  . ARG A 1 110 ? -2.300  -10.339 12.752  1.00 35.10 ? 116  ARG A CB  1 
ATOM   783  C  CG  . ARG A 1 110 ? -1.072  -10.440 11.866  1.00 34.53 ? 116  ARG A CG  1 
ATOM   784  C  CD  . ARG A 1 110 ? 0.206   -10.637 12.665  1.00 35.08 ? 116  ARG A CD  1 
ATOM   785  N  NE  . ARG A 1 110 ? 1.393   -10.597 11.822  1.00 35.69 ? 116  ARG A NE  1 
ATOM   786  C  CZ  . ARG A 1 110 ? 2.614   -10.933 12.224  1.00 37.29 ? 116  ARG A CZ  1 
ATOM   787  N  NH1 . ARG A 1 110 ? 2.792   -11.378 13.453  1.00 37.34 ? 116  ARG A NH1 1 
ATOM   788  N  NH2 . ARG A 1 110 ? 3.654   -10.823 11.408  1.00 37.38 ? 116  ARG A NH2 1 
ATOM   789  N  N   . PHE A 1 111 ? -4.477  -8.843  10.833  1.00 36.48 ? 117  PHE A N   1 
ATOM   790  C  CA  . PHE A 1 111 ? -4.585  -7.909  9.706   1.00 35.08 ? 117  PHE A CA  1 
ATOM   791  C  C   . PHE A 1 111 ? -3.247  -7.188  9.533   1.00 34.22 ? 117  PHE A C   1 
ATOM   792  O  O   . PHE A 1 111 ? -2.450  -7.104  10.474  1.00 33.73 ? 117  PHE A O   1 
ATOM   793  C  CB  . PHE A 1 111 ? -5.741  -6.934  9.933   1.00 34.98 ? 117  PHE A CB  1 
ATOM   794  C  CG  . PHE A 1 111 ? -7.091  -7.606  9.903   1.00 36.10 ? 117  PHE A CG  1 
ATOM   795  C  CD1 . PHE A 1 111 ? -7.679  -7.948  8.698   1.00 36.77 ? 117  PHE A CD1 1 
ATOM   796  C  CD2 . PHE A 1 111 ? -7.752  -7.925  11.077  1.00 35.77 ? 117  PHE A CD2 1 
ATOM   797  C  CE1 . PHE A 1 111 ? -8.908  -8.582  8.668   1.00 38.86 ? 117  PHE A CE1 1 
ATOM   798  C  CE2 . PHE A 1 111 ? -8.983  -8.552  11.050  1.00 37.43 ? 117  PHE A CE2 1 
ATOM   799  C  CZ  . PHE A 1 111 ? -9.554  -8.891  9.846   1.00 41.14 ? 117  PHE A CZ  1 
ATOM   800  N  N   . ILE A 1 112 ? -2.993  -6.690  8.320   1.00 32.08 ? 118  ILE A N   1 
ATOM   801  C  CA  . ILE A 1 112 ? -1.758  -5.976  8.060   1.00 32.13 ? 118  ILE A CA  1 
ATOM   802  C  C   . ILE A 1 112 ? -2.107  -4.627  7.444   1.00 30.73 ? 118  ILE A C   1 
ATOM   803  O  O   . ILE A 1 112 ? -2.953  -4.546  6.528   1.00 28.78 ? 118  ILE A O   1 
ATOM   804  C  CB  . ILE A 1 112 ? -0.791  -6.765  7.147   1.00 33.79 ? 118  ILE A CB  1 
ATOM   805  C  CG1 . ILE A 1 112 ? -0.639  -8.222  7.588   1.00 33.80 ? 118  ILE A CG1 1 
ATOM   806  C  CG2 . ILE A 1 112 ? 0.558   -6.055  7.059   1.00 32.53 ? 118  ILE A CG2 1 
ATOM   807  C  CD1 . ILE A 1 112 ? 0.155   -9.070  6.631   1.00 35.70 ? 118  ILE A CD1 1 
ATOM   808  N  N   . GLU A 1 113 ? -1.399  -3.597  7.926   1.00 28.71 ? 119  GLU A N   1 
ATOM   809  C  CA  . GLU A 1 113 ? -1.464  -2.280  7.335   1.00 28.22 ? 119  GLU A CA  1 
ATOM   810  C  C   . GLU A 1 113 ? -0.113  -1.999  6.674   1.00 27.08 ? 119  GLU A C   1 
ATOM   811  O  O   . GLU A 1 113 ? 0.934   -2.083  7.316   1.00 25.81 ? 119  GLU A O   1 
ATOM   812  C  CB  . GLU A 1 113 ? -1.894  -1.256  8.388   1.00 28.36 ? 119  GLU A CB  1 
ATOM   813  C  CG  . GLU A 1 113 ? -1.968  0.173   7.888   1.00 26.58 ? 119  GLU A CG  1 
ATOM   814  C  CD  . GLU A 1 113 ? -2.802  0.402   6.653   1.00 25.84 ? 119  GLU A CD  1 
ATOM   815  O  OE1 . GLU A 1 113 ? -3.923  -0.162  6.556   1.00 26.25 ? 119  GLU A OE1 1 
ATOM   816  O  OE2 . GLU A 1 113 ? -2.329  1.161   5.798   1.00 25.49 ? 119  GLU A OE2 1 
ATOM   817  N  N   . ILE A 1 114 ? -0.184  -1.711  5.369   1.00 26.38 ? 120  ILE A N   1 
ATOM   818  C  CA  . ILE A 1 114 ? 0.949   -1.486  4.487   1.00 25.63 ? 120  ILE A CA  1 
ATOM   819  C  C   . ILE A 1 114 ? 1.126   0.029   4.315   1.00 24.62 ? 120  ILE A C   1 
ATOM   820  O  O   . ILE A 1 114 ? 0.201   0.697   3.822   1.00 24.97 ? 120  ILE A O   1 
ATOM   821  C  CB  . ILE A 1 114 ? 0.702   -2.153  3.119   1.00 25.87 ? 120  ILE A CB  1 
ATOM   822  C  CG1 . ILE A 1 114 ? 0.399   -3.645  3.217   1.00 25.51 ? 120  ILE A CG1 1 
ATOM   823  C  CG2 . ILE A 1 114 ? 1.865   -1.899  2.180   1.00 27.26 ? 120  ILE A CG2 1 
ATOM   824  C  CD1 . ILE A 1 114 ? 1.594   -4.467  3.572   1.00 26.32 ? 120  ILE A CD1 1 
ATOM   825  N  N   . GLY A 1 115 ? 2.306   0.544   4.692   1.00 21.99 ? 121  GLY A N   1 
ATOM   826  C  CA  . GLY A 1 115 ? 2.698   1.915   4.462   1.00 21.44 ? 121  GLY A CA  1 
ATOM   827  C  C   . GLY A 1 115 ? 3.801   2.018   3.425   1.00 22.66 ? 121  GLY A C   1 
ATOM   828  O  O   . GLY A 1 115 ? 4.786   1.288   3.461   1.00 21.19 ? 121  GLY A O   1 
ATOM   829  N  N   . VAL A 1 116 ? 3.615   2.942   2.474   1.00 25.95 ? 122  VAL A N   1 
ATOM   830  C  CA  . VAL A 1 116 ? 4.685   3.391   1.560   1.00 25.67 ? 122  VAL A CA  1 
ATOM   831  C  C   . VAL A 1 116 ? 4.927   4.879   1.798   1.00 24.77 ? 122  VAL A C   1 
ATOM   832  O  O   . VAL A 1 116 ? 3.993   5.658   1.776   1.00 24.26 ? 122  VAL A O   1 
ATOM   833  C  CB  . VAL A 1 116 ? 4.353   3.121   0.084   1.00 26.71 ? 122  VAL A CB  1 
ATOM   834  C  CG1 . VAL A 1 116 ? 5.599   3.297   -0.773  1.00 26.16 ? 122  VAL A CG1 1 
ATOM   835  C  CG2 . VAL A 1 116 ? 3.730   1.741   -0.120  1.00 27.17 ? 122  VAL A CG2 1 
ATOM   836  N  N   . THR A 1 117 ? 6.183   5.243   2.052   1.00 26.23 ? 123  THR A N   1 
ATOM   837  C  CA  . THR A 1 117 ? 6.539   6.592   2.462   1.00 27.99 ? 123  THR A CA  1 
ATOM   838  C  C   . THR A 1 117 ? 7.711   7.106   1.629   1.00 27.56 ? 123  THR A C   1 
ATOM   839  O  O   . THR A 1 117 ? 8.656   6.347   1.333   1.00 28.00 ? 123  THR A O   1 
ATOM   840  C  CB  . THR A 1 117 ? 6.886   6.692   3.958   1.00 30.14 ? 123  THR A CB  1 
ATOM   841  O  OG1 . THR A 1 117 ? 7.117   8.081   4.222   1.00 31.94 ? 123  THR A OG1 1 
ATOM   842  C  CG2 . THR A 1 117 ? 8.106   5.897   4.390   1.00 30.82 ? 123  THR A CG2 1 
ATOM   843  N  N   . ARG A 1 118 ? 7.640   8.409   1.319   1.00 28.21 ? 124  ARG A N   1 
ATOM   844  C  CA  . ARG A 1 118 ? 8.721   9.199   0.709   1.00 29.19 ? 124  ARG A CA  1 
ATOM   845  C  C   . ARG A 1 118 ? 9.633   9.766   1.801   1.00 31.17 ? 124  ARG A C   1 
ATOM   846  O  O   . ARG A 1 118 ? 10.697  10.318  1.508   1.00 33.44 ? 124  ARG A O   1 
ATOM   847  C  CB  . ARG A 1 118 ? 8.169   10.365  -0.121  1.00 27.77 ? 124  ARG A CB  1 
ATOM   848  C  CG  . ARG A 1 118 ? 7.614   9.968   -1.478  1.00 26.98 ? 124  ARG A CG  1 
ATOM   849  C  CD  . ARG A 1 118 ? 6.121   9.711   -1.421  1.00 28.18 ? 124  ARG A CD  1 
ATOM   850  N  NE  . ARG A 1 118 ? 5.279   10.843  -1.780  1.00 27.89 ? 124  ARG A NE  1 
ATOM   851  C  CZ  . ARG A 1 118 ? 3.947   10.826  -1.769  1.00 28.33 ? 124  ARG A CZ  1 
ATOM   852  N  NH1 . ARG A 1 118 ? 3.288   10.006  -0.973  1.00 27.12 ? 124  ARG A NH1 1 
ATOM   853  N  NH2 . ARG A 1 118 ? 3.272   11.632  -2.566  1.00 30.82 ? 124  ARG A NH2 1 
ATOM   854  N  N   . ARG A 1 119 ? 9.185   9.664   3.055   1.00 35.99 ? 125  ARG A N   1 
ATOM   855  C  CA  . ARG A 1 119 ? 9.869   10.249  4.203   1.00 38.13 ? 125  ARG A CA  1 
ATOM   856  C  C   . ARG A 1 119 ? 10.689  9.137   4.853   1.00 39.99 ? 125  ARG A C   1 
ATOM   857  O  O   . ARG A 1 119 ? 11.017  8.141   4.195   1.00 40.02 ? 125  ARG A O   1 
ATOM   858  C  CB  . ARG A 1 119 ? 8.845   10.896  5.145   1.00 39.80 ? 125  ARG A CB  1 
ATOM   859  C  CG  . ARG A 1 119 ? 8.389   12.281  4.701   1.00 41.06 ? 125  ARG A CG  1 
ATOM   860  C  CD  . ARG A 1 119 ? 7.324   12.838  5.628   1.00 42.81 ? 125  ARG A CD  1 
ATOM   861  N  NE  . ARG A 1 119 ? 6.086   12.075  5.555   1.00 42.02 ? 125  ARG A NE  1 
ATOM   862  C  CZ  . ARG A 1 119 ? 5.214   11.946  6.549   1.00 44.16 ? 125  ARG A CZ  1 
ATOM   863  N  NH1 . ARG A 1 119 ? 5.404   12.575  7.699   1.00 45.10 ? 125  ARG A NH1 1 
ATOM   864  N  NH2 . ARG A 1 119 ? 4.159   11.163  6.397   1.00 46.19 ? 125  ARG A NH2 1 
ATOM   865  N  N   . GLU A 1 120 ? 11.035  9.319   6.126   1.00 43.92 ? 126  GLU A N   1 
ATOM   866  C  CA  . GLU A 1 120 ? 11.734  8.298   6.852   1.00 47.77 ? 126  GLU A CA  1 
ATOM   867  C  C   . GLU A 1 120 ? 10.694  7.340   7.452   1.00 44.75 ? 126  GLU A C   1 
ATOM   868  O  O   . GLU A 1 120 ? 9.576   7.746   7.787   1.00 42.61 ? 126  GLU A O   1 
ATOM   869  C  CB  . GLU A 1 120 ? 12.724  8.971   7.804   1.00 55.18 ? 126  GLU A CB  1 
ATOM   870  C  CG  . GLU A 1 120 ? 13.979  9.442   7.076   1.00 61.41 ? 126  GLU A CG  1 
ATOM   871  C  CD  . GLU A 1 120 ? 14.668  10.688  7.611   1.00 70.42 ? 126  GLU A CD  1 
ATOM   872  O  OE1 . GLU A 1 120 ? 13.960  11.682  7.922   1.00 74.04 ? 126  GLU A OE1 1 
ATOM   873  O  OE2 . GLU A 1 120 ? 15.920  10.674  7.691   1.00 73.63 ? 126  GLU A OE2 1 
ATOM   874  N  N   . VAL A 1 121 ? 11.082  6.060   7.536   1.00 41.63 ? 127  VAL A N   1 
ATOM   875  C  CA  . VAL A 1 121 ? 10.186  4.960   7.835   1.00 39.60 ? 127  VAL A CA  1 
ATOM   876  C  C   . VAL A 1 121 ? 9.620   5.080   9.253   1.00 38.52 ? 127  VAL A C   1 
ATOM   877  O  O   . VAL A 1 121 ? 8.440   4.846   9.419   1.00 40.02 ? 127  VAL A O   1 
ATOM   878  C  CB  . VAL A 1 121 ? 10.850  3.590   7.606   1.00 39.92 ? 127  VAL A CB  1 
ATOM   879  C  CG1 . VAL A 1 121 ? 11.191  3.383   6.148   1.00 40.00 ? 127  VAL A CG1 1 
ATOM   880  C  CG2 . VAL A 1 121 ? 12.081  3.379   8.466   1.00 44.30 ? 127  VAL A CG2 1 
ATOM   881  N  N   . HIS A 1 122 ? 10.445  5.448   10.246  1.00 42.10 ? 128  HIS A N   1 
ATOM   882  C  CA  . HIS A 1 122 ? 9.994   5.575   11.659  1.00 44.94 ? 128  HIS A CA  1 
ATOM   883  C  C   . HIS A 1 122 ? 8.931   6.661   11.818  1.00 42.32 ? 128  HIS A C   1 
ATOM   884  O  O   . HIS A 1 122 ? 8.074   6.556   12.684  1.00 41.40 ? 128  HIS A O   1 
ATOM   885  C  CB  . HIS A 1 122 ? 11.161  5.803   12.641  1.00 49.69 ? 128  HIS A CB  1 
ATOM   886  C  CG  . HIS A 1 122 ? 11.819  7.136   12.553  1.00 54.51 ? 128  HIS A CG  1 
ATOM   887  N  ND1 . HIS A 1 122 ? 12.799  7.419   11.611  1.00 60.02 ? 128  HIS A ND1 1 
ATOM   888  C  CD2 . HIS A 1 122 ? 11.672  8.249   13.299  1.00 58.03 ? 128  HIS A CD2 1 
ATOM   889  C  CE1 . HIS A 1 122 ? 13.215  8.655   11.773  1.00 61.61 ? 128  HIS A CE1 1 
ATOM   890  N  NE2 . HIS A 1 122 ? 12.532  9.190   12.796  1.00 62.23 ? 128  HIS A NE2 1 
ATOM   891  N  N   . ILE A 1 123 ? 8.983   7.681   10.964  1.00 44.00 ? 129  ILE A N   1 
ATOM   892  C  CA  . ILE A 1 123 ? 8.040   8.788   11.021  1.00 45.79 ? 129  ILE A CA  1 
ATOM   893  C  C   . ILE A 1 123 ? 6.676   8.311   10.513  1.00 45.03 ? 129  ILE A C   1 
ATOM   894  O  O   . ILE A 1 123 ? 5.647   8.611   11.126  1.00 49.28 ? 129  ILE A O   1 
ATOM   895  C  CB  . ILE A 1 123 ? 8.594   9.998   10.245  1.00 46.73 ? 129  ILE A CB  1 
ATOM   896  C  CG1 . ILE A 1 123 ? 9.710   10.686  11.035  1.00 47.73 ? 129  ILE A CG1 1 
ATOM   897  C  CG2 . ILE A 1 123 ? 7.497   10.972  9.863   1.00 47.09 ? 129  ILE A CG2 1 
ATOM   898  C  CD1 . ILE A 1 123 ? 10.758  11.334  10.157  1.00 51.34 ? 129  ILE A CD1 1 
ATOM   899  N  N   . TYR A 1 124 ? 6.675   7.555   9.410   1.00 42.67 ? 130  TYR A N   1 
ATOM   900  C  CA  . TYR A 1 124 ? 5.439   7.039   8.841   1.00 42.27 ? 130  TYR A CA  1 
ATOM   901  C  C   . TYR A 1 124 ? 4.903   5.903   9.727   1.00 39.77 ? 130  TYR A C   1 
ATOM   902  O  O   . TYR A 1 124 ? 3.685   5.727   9.839   1.00 35.92 ? 130  TYR A O   1 
ATOM   903  C  CB  . TYR A 1 124 ? 5.647   6.626   7.379   1.00 43.67 ? 130  TYR A CB  1 
ATOM   904  C  CG  . TYR A 1 124 ? 4.386   6.609   6.550   1.00 45.85 ? 130  TYR A CG  1 
ATOM   905  C  CD1 . TYR A 1 124 ? 3.801   7.783   6.096   1.00 48.15 ? 130  TYR A CD1 1 
ATOM   906  C  CD2 . TYR A 1 124 ? 3.764   5.419   6.219   1.00 48.37 ? 130  TYR A CD2 1 
ATOM   907  C  CE1 . TYR A 1 124 ? 2.645   7.772   5.329   1.00 48.58 ? 130  TYR A CE1 1 
ATOM   908  C  CE2 . TYR A 1 124 ? 2.602   5.390   5.457   1.00 50.39 ? 130  TYR A CE2 1 
ATOM   909  C  CZ  . TYR A 1 124 ? 2.036   6.570   5.009   1.00 47.78 ? 130  TYR A CZ  1 
ATOM   910  O  OH  . TYR A 1 124 ? 0.896   6.528   4.254   1.00 41.58 ? 130  TYR A OH  1 
ATOM   911  N  N   . TYR A 1 125 ? 5.810   5.136   10.349  1.00 38.11 ? 131  TYR A N   1 
ATOM   912  C  CA  . TYR A 1 125 ? 5.412   4.072   11.263  1.00 39.48 ? 131  TYR A CA  1 
ATOM   913  C  C   . TYR A 1 125 ? 4.577   4.667   12.403  1.00 40.09 ? 131  TYR A C   1 
ATOM   914  O  O   . TYR A 1 125 ? 3.481   4.181   12.682  1.00 39.32 ? 131  TYR A O   1 
ATOM   915  C  CB  . TYR A 1 125 ? 6.602   3.294   11.840  1.00 41.83 ? 131  TYR A CB  1 
ATOM   916  C  CG  . TYR A 1 125 ? 6.168   2.173   12.755  1.00 43.11 ? 131  TYR A CG  1 
ATOM   917  C  CD1 . TYR A 1 125 ? 5.913   2.412   14.104  1.00 41.81 ? 131  TYR A CD1 1 
ATOM   918  C  CD2 . TYR A 1 125 ? 5.903   0.904   12.260  1.00 41.62 ? 131  TYR A CD2 1 
ATOM   919  C  CE1 . TYR A 1 125 ? 5.460   1.415   14.950  1.00 39.09 ? 131  TYR A CE1 1 
ATOM   920  C  CE2 . TYR A 1 125 ? 5.438   -0.105  13.095  1.00 44.85 ? 131  TYR A CE2 1 
ATOM   921  C  CZ  . TYR A 1 125 ? 5.224   0.146   14.444  1.00 42.93 ? 131  TYR A CZ  1 
ATOM   922  O  OH  . TYR A 1 125 ? 4.771   -0.845  15.272  1.00 39.33 ? 131  TYR A OH  1 
ATOM   923  N  N   . LEU A 1 126 ? 5.108   5.717   13.040  1.00 41.11 ? 132  LEU A N   1 
ATOM   924  C  CA  . LEU A 1 126 ? 4.459   6.382   14.188  1.00 39.91 ? 132  LEU A CA  1 
ATOM   925  C  C   . LEU A 1 126 ? 3.101   6.964   13.794  1.00 36.47 ? 132  LEU A C   1 
ATOM   926  O  O   . LEU A 1 126 ? 2.180   6.860   14.578  1.00 35.58 ? 132  LEU A O   1 
ATOM   927  C  CB  . LEU A 1 126 ? 5.377   7.474   14.749  1.00 40.44 ? 132  LEU A CB  1 
ATOM   928  C  CG  . LEU A 1 126 ? 6.619   6.967   15.486  1.00 40.64 ? 132  LEU A CG  1 
ATOM   929  C  CD1 . LEU A 1 126 ? 7.603   8.100   15.736  1.00 39.71 ? 132  LEU A CD1 1 
ATOM   930  C  CD2 . LEU A 1 126 ? 6.241   6.278   16.790  1.00 39.70 ? 132  LEU A CD2 1 
ATOM   931  N  N   . GLU A 1 127 ? 3.007   7.578   12.607  1.00 36.38 ? 133  GLU A N   1 
ATOM   932  C  CA  . GLU A 1 127 ? 1.747   8.183   12.097  1.00 39.81 ? 133  GLU A CA  1 
ATOM   933  C  C   . GLU A 1 127 ? 0.611   7.145   12.065  1.00 37.79 ? 133  GLU A C   1 
ATOM   934  O  O   . GLU A 1 127 ? -0.499  7.387   12.550  1.00 33.12 ? 133  GLU A O   1 
ATOM   935  C  CB  . GLU A 1 127 ? 1.946   8.746   10.688  1.00 44.09 ? 133  GLU A CB  1 
ATOM   936  C  CG  . GLU A 1 127 ? 1.946   10.257  10.624  1.00 51.31 ? 133  GLU A CG  1 
ATOM   937  C  CD  . GLU A 1 127 ? 2.120   10.824  9.220   1.00 62.89 ? 133  GLU A CD  1 
ATOM   938  O  OE1 . GLU A 1 127 ? 1.424   10.339  8.284   1.00 63.40 ? 133  GLU A OE1 1 
ATOM   939  O  OE2 . GLU A 1 127 ? 2.962   11.753  9.057   1.00 67.55 ? 133  GLU A OE2 1 
ATOM   940  N  N   . LYS A 1 128 ? 0.922   5.995   11.457  1.00 39.04 ? 134  LYS A N   1 
ATOM   941  C  CA  . LYS A 1 128 ? 0.055   4.834   11.352  1.00 41.78 ? 134  LYS A CA  1 
ATOM   942  C  C   . LYS A 1 128 ? -0.263  4.227   12.728  1.00 42.95 ? 134  LYS A C   1 
ATOM   943  O  O   . LYS A 1 128 ? -1.416  3.962   13.025  1.00 44.52 ? 134  LYS A O   1 
ATOM   944  C  CB  . LYS A 1 128 ? 0.747   3.761   10.510  1.00 43.57 ? 134  LYS A CB  1 
ATOM   945  C  CG  . LYS A 1 128 ? 0.803   4.048   9.023   1.00 44.74 ? 134  LYS A CG  1 
ATOM   946  C  CD  . LYS A 1 128 ? -0.496  3.761   8.346   1.00 45.50 ? 134  LYS A CD  1 
ATOM   947  C  CE  . LYS A 1 128 ? -0.437  4.040   6.865   1.00 47.54 ? 134  LYS A CE  1 
ATOM   948  N  NZ  . LYS A 1 128 ? -1.786  3.892   6.279   1.00 51.40 ? 134  LYS A NZ  1 
ATOM   949  N  N   . ALA A 1 129 ? 0.773   3.955   13.534  1.00 43.13 ? 135  ALA A N   1 
ATOM   950  C  CA  . ALA A 1 129 ? 0.614   3.349   14.856  1.00 42.82 ? 135  ALA A CA  1 
ATOM   951  C  C   . ALA A 1 129 ? -0.314  4.209   15.715  1.00 48.02 ? 135  ALA A C   1 
ATOM   952  O  O   . ALA A 1 129 ? -1.160  3.659   16.427  1.00 50.27 ? 135  ALA A O   1 
ATOM   953  C  CB  . ALA A 1 129 ? 1.951   3.171   15.518  1.00 41.36 ? 135  ALA A CB  1 
ATOM   954  N  N   . ASN A 1 130 ? -0.151  5.543   15.613  1.00 51.97 ? 136  ASN A N   1 
ATOM   955  C  CA  . ASN A 1 130 ? -0.953  6.556   16.341  1.00 51.93 ? 136  ASN A CA  1 
ATOM   956  C  C   . ASN A 1 130 ? -2.391  6.570   15.809  1.00 49.73 ? 136  ASN A C   1 
ATOM   957  O  O   . ASN A 1 130 ? -3.324  6.684   16.585  1.00 46.32 ? 136  ASN A O   1 
ATOM   958  C  CB  . ASN A 1 130 ? -0.327  7.958   16.268  1.00 54.54 ? 136  ASN A CB  1 
ATOM   959  C  CG  . ASN A 1 130 ? -1.076  9.017   17.061  1.00 56.08 ? 136  ASN A CG  1 
ATOM   960  O  OD1 . ASN A 1 130 ? -1.895  8.711   17.924  1.00 54.91 ? 136  ASN A OD1 1 
ATOM   961  N  ND2 . ASN A 1 130 ? -0.797  10.281  16.783  1.00 53.64 ? 136  ASN A ND2 1 
ATOM   962  N  N   . LYS A 1 131 ? -2.553  6.437   14.488  1.00 54.41 ? 137  LYS A N   1 
ATOM   963  C  CA  . LYS A 1 131 ? -3.877  6.471   13.844  1.00 55.82 ? 137  LYS A CA  1 
ATOM   964  C  C   . LYS A 1 131 ? -4.727  5.254   14.251  1.00 53.68 ? 137  LYS A C   1 
ATOM   965  O  O   . LYS A 1 131 ? -5.934  5.264   14.054  1.00 47.42 ? 137  LYS A O   1 
ATOM   966  C  CB  . LYS A 1 131 ? -3.742  6.543   12.321  1.00 57.90 ? 137  LYS A CB  1 
ATOM   967  C  CG  . LYS A 1 131 ? -5.068  6.429   11.589  1.00 64.19 ? 137  LYS A CG  1 
ATOM   968  C  CD  . LYS A 1 131 ? -5.082  6.981   10.190  1.00 73.09 ? 137  LYS A CD  1 
ATOM   969  C  CE  . LYS A 1 131 ? -6.500  7.157   9.684   1.00 80.67 ? 137  LYS A CE  1 
ATOM   970  N  NZ  . LYS A 1 131 ? -6.549  7.278   8.207   1.00 84.73 ? 137  LYS A NZ  1 
ATOM   971  N  N   . ILE A 1 132 ? -4.086  4.204   14.788  1.00 57.88 ? 138  ILE A N   1 
ATOM   972  C  CA  . ILE A 1 132 ? -4.767  3.031   15.357  1.00 59.27 ? 138  ILE A CA  1 
ATOM   973  C  C   . ILE A 1 132 ? -4.131  2.698   16.719  1.00 57.30 ? 138  ILE A C   1 
ATOM   974  O  O   . ILE A 1 132 ? -4.392  1.656   17.328  1.00 46.15 ? 138  ILE A O   1 
ATOM   975  C  CB  . ILE A 1 132 ? -4.705  1.833   14.388  1.00 62.78 ? 138  ILE A CB  1 
ATOM   976  C  CG1 . ILE A 1 132 ? -4.587  2.246   12.914  1.00 61.02 ? 138  ILE A CG1 1 
ATOM   977  C  CG2 . ILE A 1 132 ? -5.896  0.916   14.627  1.00 67.67 ? 138  ILE A CG2 1 
ATOM   978  C  CD1 . ILE A 1 132 ? -3.704  1.321   12.097  1.00 61.13 ? 138  ILE A CD1 1 
ATOM   979  N  N   . GLU A 1 135 ? -4.748  -1.671  16.402  1.00 76.98 ? 141  GLU A N   1 
ATOM   980  C  CA  . GLU A 1 135 ? -4.214  -1.878  17.747  1.00 79.20 ? 141  GLU A CA  1 
ATOM   981  C  C   . GLU A 1 135 ? -3.530  -3.252  17.824  1.00 78.62 ? 141  GLU A C   1 
ATOM   982  O  O   . GLU A 1 135 ? -2.436  -3.374  18.397  1.00 80.97 ? 141  GLU A O   1 
ATOM   983  C  CB  . GLU A 1 135 ? -5.344  -1.749  18.769  1.00 81.85 ? 141  GLU A CB  1 
ATOM   984  C  CG  . GLU A 1 135 ? -6.115  -0.445  18.645  1.00 77.77 ? 141  GLU A CG  1 
ATOM   985  C  CD  . GLU A 1 135 ? -7.482  -0.450  19.299  1.00 77.35 ? 141  GLU A CD  1 
ATOM   986  O  OE1 . GLU A 1 135 ? -7.991  0.657   19.594  1.00 76.88 ? 141  GLU A OE1 1 
ATOM   987  O  OE2 . GLU A 1 135 ? -8.036  -1.558  19.506  1.00 70.77 ? 141  GLU A OE2 1 
ATOM   988  N  N   . LYS A 1 136 ? -4.192  -4.270  17.249  1.00 71.76 ? 142  LYS A N   1 
ATOM   989  C  CA  . LYS A 1 136 ? -3.624  -5.613  17.026  1.00 61.26 ? 142  LYS A CA  1 
ATOM   990  C  C   . LYS A 1 136 ? -3.327  -5.812  15.533  1.00 53.71 ? 142  LYS A C   1 
ATOM   991  O  O   . LYS A 1 136 ? -3.134  -6.940  15.085  1.00 53.35 ? 142  LYS A O   1 
ATOM   992  C  CB  . LYS A 1 136 ? -4.595  -6.687  17.525  1.00 63.24 ? 142  LYS A CB  1 
ATOM   993  C  CG  . LYS A 1 136 ? -4.596  -6.873  19.034  1.00 70.85 ? 142  LYS A CG  1 
ATOM   994  C  CD  . LYS A 1 136 ? -5.607  -7.876  19.541  1.00 74.11 ? 142  LYS A CD  1 
ATOM   995  C  CE  . LYS A 1 136 ? -5.307  -8.328  20.956  1.00 76.35 ? 142  LYS A CE  1 
ATOM   996  N  NZ  . LYS A 1 136 ? -6.334  -9.272  21.451  1.00 77.86 ? 142  LYS A NZ  1 
ATOM   997  N  N   . THR A 1 137 ? -3.317  -4.714  14.766  1.00 45.56 ? 143  THR A N   1 
ATOM   998  C  CA  . THR A 1 137 ? -3.012  -4.746  13.341  1.00 41.04 ? 143  THR A CA  1 
ATOM   999  C  C   . THR A 1 137 ? -1.497  -4.634  13.147  1.00 34.45 ? 143  THR A C   1 
ATOM   1000 O  O   . THR A 1 137 ? -0.868  -3.703  13.620  1.00 28.98 ? 143  THR A O   1 
ATOM   1001 C  CB  . THR A 1 137 ? -3.727  -3.631  12.564  1.00 42.60 ? 143  THR A CB  1 
ATOM   1002 O  OG1 . THR A 1 137 ? -5.132  -3.725  12.794  1.00 43.48 ? 143  THR A OG1 1 
ATOM   1003 C  CG2 . THR A 1 137 ? -3.464  -3.683  11.072  1.00 41.66 ? 143  THR A CG2 1 
ATOM   1004 N  N   . HIS A 1 138 ? -0.938  -5.595  12.414  1.00 31.96 ? 144  HIS A N   1 
ATOM   1005 C  CA  . HIS A 1 138 ? 0.461   -5.609  12.126  1.00 31.38 ? 144  HIS A CA  1 
ATOM   1006 C  C   . HIS A 1 138 ? 0.760   -4.495  11.120  1.00 32.38 ? 144  HIS A C   1 
ATOM   1007 O  O   . HIS A 1 138 ? 0.025   -4.349  10.138  1.00 35.44 ? 144  HIS A O   1 
ATOM   1008 C  CB  . HIS A 1 138 ? 0.872   -6.987  11.626  1.00 30.73 ? 144  HIS A CB  1 
ATOM   1009 C  CG  . HIS A 1 138 ? 2.307   -7.267  11.871  1.00 31.85 ? 144  HIS A CG  1 
ATOM   1010 N  ND1 . HIS A 1 138 ? 2.738   -7.887  13.023  1.00 32.88 ? 144  HIS A ND1 1 
ATOM   1011 C  CD2 . HIS A 1 138 ? 3.410   -6.984  11.139  1.00 33.36 ? 144  HIS A CD2 1 
ATOM   1012 C  CE1 . HIS A 1 138 ? 4.056   -7.983  12.995  1.00 34.44 ? 144  HIS A CE1 1 
ATOM   1013 N  NE2 . HIS A 1 138 ? 4.495   -7.425  11.847  1.00 34.17 ? 144  HIS A NE2 1 
ATOM   1014 N  N   . ILE A 1 139 ? 1.810   -3.701  11.385  1.00 30.96 ? 145  ILE A N   1 
ATOM   1015 C  CA  . ILE A 1 139 ? 2.183   -2.588  10.505  1.00 29.39 ? 145  ILE A CA  1 
ATOM   1016 C  C   . ILE A 1 139 ? 3.482   -2.963  9.787   1.00 28.34 ? 145  ILE A C   1 
ATOM   1017 O  O   . ILE A 1 139 ? 4.396   -3.499  10.388  1.00 29.04 ? 145  ILE A O   1 
ATOM   1018 C  CB  . ILE A 1 139 ? 2.288   -1.247  11.262  1.00 30.99 ? 145  ILE A CB  1 
ATOM   1019 C  CG1 . ILE A 1 139 ? 1.004   -0.947  12.048  1.00 32.29 ? 145  ILE A CG1 1 
ATOM   1020 C  CG2 . ILE A 1 139 ? 2.624   -0.110  10.303  1.00 31.39 ? 145  ILE A CG2 1 
ATOM   1021 C  CD1 . ILE A 1 139 ? 0.932   0.440   12.644  1.00 31.03 ? 145  ILE A CD1 1 
ATOM   1022 N  N   . HIS A 1 140 ? 3.521   -2.710  8.479   1.00 26.85 ? 146  HIS A N   1 
ATOM   1023 C  CA  . HIS A 1 140 ? 4.710   -2.874  7.678   1.00 26.72 ? 146  HIS A CA  1 
ATOM   1024 C  C   . HIS A 1 140 ? 4.829   -1.617  6.823   1.00 25.80 ? 146  HIS A C   1 
ATOM   1025 O  O   . HIS A 1 140 ? 3.859   -1.215  6.239   1.00 26.82 ? 146  HIS A O   1 
ATOM   1026 C  CB  . HIS A 1 140 ? 4.624   -4.161  6.840   1.00 27.41 ? 146  HIS A CB  1 
ATOM   1027 C  CG  . HIS A 1 140 ? 5.937   -4.684  6.354   1.00 26.71 ? 146  HIS A CG  1 
ATOM   1028 N  ND1 . HIS A 1 140 ? 6.183   -6.035  6.209   1.00 28.39 ? 146  HIS A ND1 1 
ATOM   1029 C  CD2 . HIS A 1 140 ? 7.079   -4.059  6.003   1.00 25.46 ? 146  HIS A CD2 1 
ATOM   1030 C  CE1 . HIS A 1 140 ? 7.406   -6.213  5.757   1.00 25.94 ? 146  HIS A CE1 1 
ATOM   1031 N  NE2 . HIS A 1 140 ? 7.974   -5.021  5.631   1.00 24.97 ? 146  HIS A NE2 1 
ATOM   1032 N  N   . ILE A 1 141 ? 6.012   -1.011  6.791   1.00 25.56 ? 147  ILE A N   1 
ATOM   1033 C  CA  . ILE A 1 141 ? 6.241   0.240   6.088   1.00 25.66 ? 147  ILE A CA  1 
ATOM   1034 C  C   . ILE A 1 141 ? 7.412   0.048   5.118   1.00 27.31 ? 147  ILE A C   1 
ATOM   1035 O  O   . ILE A 1 141 ? 8.476   -0.436  5.508   1.00 26.69 ? 147  ILE A O   1 
ATOM   1036 C  CB  . ILE A 1 141 ? 6.549   1.353   7.099   1.00 25.09 ? 147  ILE A CB  1 
ATOM   1037 C  CG1 . ILE A 1 141 ? 5.498   1.403   8.210   1.00 25.26 ? 147  ILE A CG1 1 
ATOM   1038 C  CG2 . ILE A 1 141 ? 6.741   2.687   6.406   1.00 24.85 ? 147  ILE A CG2 1 
ATOM   1039 C  CD1 . ILE A 1 141 ? 4.135   1.813   7.770   1.00 24.44 ? 147  ILE A CD1 1 
ATOM   1040 N  N   . PHE A 1 142 ? 7.206   0.413   3.851   1.00 29.13 ? 148  PHE A N   1 
ATOM   1041 C  CA  . PHE A 1 142 ? 8.267   0.359   2.846   1.00 28.76 ? 148  PHE A CA  1 
ATOM   1042 C  C   . PHE A 1 142 ? 8.560   1.794   2.462   1.00 29.18 ? 148  PHE A C   1 
ATOM   1043 O  O   . PHE A 1 142 ? 7.661   2.605   2.474   1.00 30.47 ? 148  PHE A O   1 
ATOM   1044 C  CB  . PHE A 1 142 ? 7.865   -0.481  1.632   1.00 28.93 ? 148  PHE A CB  1 
ATOM   1045 C  CG  . PHE A 1 142 ? 7.629   -1.942  1.938   1.00 30.10 ? 148  PHE A CG  1 
ATOM   1046 C  CD1 . PHE A 1 142 ? 6.373   -2.400  2.297   1.00 29.13 ? 148  PHE A CD1 1 
ATOM   1047 C  CD2 . PHE A 1 142 ? 8.672   -2.859  1.883   1.00 33.60 ? 148  PHE A CD2 1 
ATOM   1048 C  CE1 . PHE A 1 142 ? 6.163   -3.745  2.567   1.00 32.53 ? 148  PHE A CE1 1 
ATOM   1049 C  CE2 . PHE A 1 142 ? 8.464   -4.204  2.165   1.00 33.64 ? 148  PHE A CE2 1 
ATOM   1050 C  CZ  . PHE A 1 142 ? 7.208   -4.647  2.506   1.00 32.94 ? 148  PHE A CZ  1 
ATOM   1051 N  N   . SER A 1 143 ? 9.834   2.100   2.231   1.00 30.45 ? 149  SER A N   1 
ATOM   1052 C  CA  . SER A 1 143 ? 10.211  3.371   1.645   1.00 30.67 ? 149  SER A CA  1 
ATOM   1053 C  C   . SER A 1 143 ? 10.717  3.146   0.210   1.00 30.18 ? 149  SER A C   1 
ATOM   1054 O  O   . SER A 1 143 ? 10.804  2.021   -0.259  1.00 32.71 ? 149  SER A O   1 
ATOM   1055 C  CB  . SER A 1 143 ? 11.228  4.038   2.499   1.00 28.74 ? 149  SER A CB  1 
ATOM   1056 O  OG  . SER A 1 143 ? 12.471  3.413   2.315   1.00 26.68 ? 149  SER A OG  1 
ATOM   1057 N  N   . PHE A 1 144 ? 11.063  4.234   -0.475  1.00 30.36 ? 150  PHE A N   1 
ATOM   1058 C  CA  . PHE A 1 144 ? 11.621  4.178   -1.821  1.00 30.10 ? 150  PHE A CA  1 
ATOM   1059 C  C   . PHE A 1 144 ? 13.146  4.060   -1.715  1.00 30.58 ? 150  PHE A C   1 
ATOM   1060 O  O   . PHE A 1 144 ? 13.842  4.227   -2.692  1.00 30.70 ? 150  PHE A O   1 
ATOM   1061 C  CB  . PHE A 1 144 ? 11.173  5.404   -2.637  1.00 29.14 ? 150  PHE A CB  1 
ATOM   1062 C  CG  . PHE A 1 144 ? 9.697   5.453   -2.957  1.00 27.38 ? 150  PHE A CG  1 
ATOM   1063 C  CD1 . PHE A 1 144 ? 8.779   5.888   -2.011  1.00 27.16 ? 150  PHE A CD1 1 
ATOM   1064 C  CD2 . PHE A 1 144 ? 9.221   5.028   -4.190  1.00 25.31 ? 150  PHE A CD2 1 
ATOM   1065 C  CE1 . PHE A 1 144 ? 7.423   5.904   -2.294  1.00 27.04 ? 150  PHE A CE1 1 
ATOM   1066 C  CE2 . PHE A 1 144 ? 7.869   5.060   -4.480  1.00 24.57 ? 150  PHE A CE2 1 
ATOM   1067 C  CZ  . PHE A 1 144 ? 6.975   5.496   -3.534  1.00 26.60 ? 150  PHE A CZ  1 
ATOM   1068 N  N   . THR A 1 145 ? 13.651  3.775   -0.513  1.00 32.86 ? 151  THR A N   1 
ATOM   1069 C  CA  . THR A 1 145 ? 15.097  3.740   -0.255  1.00 36.43 ? 151  THR A CA  1 
ATOM   1070 C  C   . THR A 1 145 ? 15.528  2.321   0.144   1.00 37.34 ? 151  THR A C   1 
ATOM   1071 O  O   . THR A 1 145 ? 16.688  2.095   0.481   1.00 40.67 ? 151  THR A O   1 
ATOM   1072 C  CB  . THR A 1 145 ? 15.487  4.789   0.802   1.00 37.24 ? 151  THR A CB  1 
ATOM   1073 O  OG1 . THR A 1 145 ? 15.106  4.341   2.111   1.00 34.74 ? 151  THR A OG1 1 
ATOM   1074 C  CG2 . THR A 1 145 ? 14.876  6.150   0.518   1.00 35.96 ? 151  THR A CG2 1 
ATOM   1075 N  N   . GLY A 1 146 ? 14.588  1.371   0.095   1.00 38.79 ? 152  GLY A N   1 
ATOM   1076 C  CA  . GLY A 1 146 ? 14.829  0.000   0.506   1.00 38.56 ? 152  GLY A CA  1 
ATOM   1077 C  C   . GLY A 1 146 ? 14.906  -0.142  2.016   1.00 37.90 ? 152  GLY A C   1 
ATOM   1078 O  O   . GLY A 1 146 ? 15.578  -1.034  2.526   1.00 44.96 ? 152  GLY A O   1 
ATOM   1079 N  N   . GLU A 1 147 ? 14.224  0.746   2.730   1.00 35.53 ? 153  GLU A N   1 
ATOM   1080 C  CA  . GLU A 1 147 ? 14.173  0.725   4.166   1.00 38.62 ? 153  GLU A CA  1 
ATOM   1081 C  C   . GLU A 1 147 ? 12.770  0.262   4.556   1.00 35.63 ? 153  GLU A C   1 
ATOM   1082 O  O   . GLU A 1 147 ? 11.799  0.616   3.900   1.00 36.64 ? 153  GLU A O   1 
ATOM   1083 C  CB  . GLU A 1 147 ? 14.500  2.102   4.756   1.00 42.75 ? 153  GLU A CB  1 
ATOM   1084 C  CG  . GLU A 1 147 ? 15.982  2.399   4.928   1.00 48.00 ? 153  GLU A CG  1 
ATOM   1085 C  CD  . GLU A 1 147 ? 16.313  3.243   6.160   1.00 59.93 ? 153  GLU A CD  1 
ATOM   1086 O  OE1 . GLU A 1 147 ? 15.485  4.125   6.531   1.00 65.05 ? 153  GLU A OE1 1 
ATOM   1087 O  OE2 . GLU A 1 147 ? 17.388  3.010   6.774   1.00 65.66 ? 153  GLU A OE2 1 
ATOM   1088 N  N   . GLU A 1 148 ? 12.675  -0.537  5.617   1.00 35.09 ? 154  GLU A N   1 
ATOM   1089 C  CA  . GLU A 1 148 ? 11.400  -1.051  6.039   1.00 36.19 ? 154  GLU A CA  1 
ATOM   1090 C  C   . GLU A 1 148 ? 11.320  -1.029  7.568   1.00 34.35 ? 154  GLU A C   1 
ATOM   1091 O  O   . GLU A 1 148 ? 12.315  -1.060  8.235   1.00 34.90 ? 154  GLU A O   1 
ATOM   1092 C  CB  . GLU A 1 148 ? 11.131  -2.419  5.391   1.00 39.07 ? 154  GLU A CB  1 
ATOM   1093 C  CG  . GLU A 1 148 ? 12.145  -3.523  5.679   1.00 39.19 ? 154  GLU A CG  1 
ATOM   1094 C  CD  . GLU A 1 148 ? 11.727  -4.907  5.174   1.00 40.18 ? 154  GLU A CD  1 
ATOM   1095 O  OE1 . GLU A 1 148 ? 10.517  -5.159  5.023   1.00 38.67 ? 154  GLU A OE1 1 
ATOM   1096 O  OE2 . GLU A 1 148 ? 12.612  -5.732  4.903   1.00 39.84 ? 154  GLU A OE2 1 
ATOM   1097 N  N   . MET A 1 149 ? 10.097  -0.895  8.088   1.00 37.42 ? 155  MET A N   1 
ATOM   1098 C  CA  . MET A 1 149 ? 9.804   -0.990  9.513   1.00 36.94 ? 155  MET A CA  1 
ATOM   1099 C  C   . MET A 1 149 ? 8.458   -1.703  9.721   1.00 38.56 ? 155  MET A C   1 
ATOM   1100 O  O   . MET A 1 149 ? 7.506   -1.538  8.922   1.00 35.08 ? 155  MET A O   1 
ATOM   1101 C  CB  . MET A 1 149 ? 9.755   0.386   10.166  1.00 36.66 ? 155  MET A CB  1 
ATOM   1102 C  CG  . MET A 1 149 ? 10.375  0.361   11.536  1.00 40.50 ? 155  MET A CG  1 
ATOM   1103 S  SD  . MET A 1 149 ? 9.536   1.425   12.722  1.00 44.62 ? 155  MET A SD  1 
ATOM   1104 C  CE  . MET A 1 149 ? 10.682  2.799   12.684  1.00 44.43 ? 155  MET A CE  1 
ATOM   1105 N  N   . ALA A 1 150 ? 8.397   -2.502  10.799  1.00 39.35 ? 156  ALA A N   1 
ATOM   1106 C  CA  . ALA A 1 150 ? 7.299   -3.431  11.054  1.00 38.80 ? 156  ALA A CA  1 
ATOM   1107 C  C   . ALA A 1 150 ? 7.168   -3.673  12.560  1.00 39.39 ? 156  ALA A C   1 
ATOM   1108 O  O   . ALA A 1 150 ? 8.183   -3.861  13.224  1.00 40.24 ? 156  ALA A O   1 
ATOM   1109 C  CB  . ALA A 1 150 ? 7.567   -4.722  10.318  1.00 38.29 ? 156  ALA A CB  1 
ATOM   1110 N  N   . THR A 1 151 ? 5.929   -3.716  13.071  1.00 40.72 ? 157  THR A N   1 
ATOM   1111 C  CA  . THR A 1 151 ? 5.674   -3.964  14.507  1.00 44.67 ? 157  THR A CA  1 
ATOM   1112 C  C   . THR A 1 151 ? 6.516   -5.165  14.976  1.00 49.67 ? 157  THR A C   1 
ATOM   1113 O  O   . THR A 1 151 ? 6.669   -6.172  14.228  1.00 49.34 ? 157  THR A O   1 
ATOM   1114 C  CB  . THR A 1 151 ? 4.188   -4.207  14.828  1.00 42.40 ? 157  THR A CB  1 
ATOM   1115 O  OG1 . THR A 1 151 ? 3.766   -5.360  14.115  1.00 43.24 ? 157  THR A OG1 1 
ATOM   1116 C  CG2 . THR A 1 151 ? 3.259   -3.075  14.458  1.00 42.82 ? 157  THR A CG2 1 
ATOM   1117 N  N   . LYS A 1 152 ? 7.069   -5.046  16.198  1.00 48.75 ? 158  LYS A N   1 
ATOM   1118 C  CA  . LYS A 1 152 ? 7.896   -6.085  16.855  1.00 49.32 ? 158  LYS A CA  1 
ATOM   1119 C  C   . LYS A 1 152 ? 9.036   -6.544  15.928  1.00 50.39 ? 158  LYS A C   1 
ATOM   1120 O  O   . LYS A 1 152 ? 9.626   -7.616  16.147  1.00 51.97 ? 158  LYS A O   1 
ATOM   1121 C  CB  . LYS A 1 152 ? 7.023   -7.267  17.284  1.00 50.88 ? 158  LYS A CB  1 
ATOM   1122 C  CG  . LYS A 1 152 ? 5.830   -6.888  18.154  1.00 56.47 ? 158  LYS A CG  1 
ATOM   1123 C  CD  . LYS A 1 152 ? 5.044   -8.077  18.686  1.00 63.56 ? 158  LYS A CD  1 
ATOM   1124 C  CE  . LYS A 1 152 ? 4.065   -7.721  19.791  1.00 66.82 ? 158  LYS A CE  1 
ATOM   1125 N  NZ  . LYS A 1 152 ? 3.697   -8.908  20.605  1.00 67.45 ? 158  LYS A NZ  1 
ATOM   1126 N  N   . ALA A 1 153 ? 9.364   -5.706  14.927  1.00 46.13 ? 159  ALA A N   1 
ATOM   1127 C  CA  . ALA A 1 153 ? 10.338  -5.991  13.864  1.00 40.70 ? 159  ALA A CA  1 
ATOM   1128 C  C   . ALA A 1 153 ? 10.095  -7.382  13.272  1.00 39.35 ? 159  ALA A C   1 
ATOM   1129 O  O   . ALA A 1 153 ? 11.020  -8.107  13.042  1.00 40.01 ? 159  ALA A O   1 
ATOM   1130 C  CB  . ALA A 1 153 ? 11.736  -5.853  14.405  1.00 38.29 ? 159  ALA A CB  1 
ATOM   1131 N  N   . ASP A 1 154 ? 8.821   -7.723  13.048  1.00 41.86 ? 160  ASP A N   1 
ATOM   1132 C  CA  . ASP A 1 154 ? 8.405   -9.002  12.480  1.00 41.15 ? 160  ASP A CA  1 
ATOM   1133 C  C   . ASP A 1 154 ? 7.930   -8.716  11.047  1.00 40.23 ? 160  ASP A C   1 
ATOM   1134 O  O   . ASP A 1 154 ? 6.832   -8.209  10.808  1.00 42.31 ? 160  ASP A O   1 
ATOM   1135 C  CB  . ASP A 1 154 ? 7.385   -9.667  13.408  1.00 42.45 ? 160  ASP A CB  1 
ATOM   1136 C  CG  . ASP A 1 154 ? 6.717   -10.928 12.877  1.00 46.49 ? 160  ASP A CG  1 
ATOM   1137 O  OD1 . ASP A 1 154 ? 7.311   -11.592 11.996  1.00 49.67 ? 160  ASP A OD1 1 
ATOM   1138 O  OD2 . ASP A 1 154 ? 5.594   -11.239 13.360  1.00 46.47 ? 160  ASP A OD2 1 
ATOM   1139 N  N   . TYR A 1 155 ? 8.804   -9.020  10.090  1.00 38.56 ? 161  TYR A N   1 
ATOM   1140 C  CA  . TYR A 1 155 ? 8.683   -8.544  8.721   1.00 38.78 ? 161  TYR A CA  1 
ATOM   1141 C  C   . TYR A 1 155 ? 7.864   -9.525  7.861   1.00 36.55 ? 161  TYR A C   1 
ATOM   1142 O  O   . TYR A 1 155 ? 7.847   -9.403  6.626   1.00 34.39 ? 161  TYR A O   1 
ATOM   1143 C  CB  . TYR A 1 155 ? 10.082  -8.304  8.143   1.00 38.88 ? 161  TYR A CB  1 
ATOM   1144 C  CG  . TYR A 1 155 ? 10.860  -7.192  8.802   1.00 39.58 ? 161  TYR A CG  1 
ATOM   1145 C  CD1 . TYR A 1 155 ? 10.521  -5.865  8.579   1.00 41.35 ? 161  TYR A CD1 1 
ATOM   1146 C  CD2 . TYR A 1 155 ? 11.951  -7.453  9.616   1.00 37.61 ? 161  TYR A CD2 1 
ATOM   1147 C  CE1 . TYR A 1 155 ? 11.242  -4.828  9.145   1.00 38.82 ? 161  TYR A CE1 1 
ATOM   1148 C  CE2 . TYR A 1 155 ? 12.670  -6.428  10.207  1.00 36.82 ? 161  TYR A CE2 1 
ATOM   1149 C  CZ  . TYR A 1 155 ? 12.317  -5.114  9.961   1.00 37.20 ? 161  TYR A CZ  1 
ATOM   1150 O  OH  . TYR A 1 155 ? 13.005  -4.084  10.513  1.00 40.34 ? 161  TYR A OH  1 
ATOM   1151 N  N   . THR A 1 156 ? 7.211   -10.499 8.506   1.00 36.08 ? 162  THR A N   1 
ATOM   1152 C  CA  . THR A 1 156 ? 6.117   -11.302 7.916   1.00 39.01 ? 162  THR A CA  1 
ATOM   1153 C  C   . THR A 1 156 ? 6.631   -12.167 6.744   1.00 37.04 ? 162  THR A C   1 
ATOM   1154 O  O   . THR A 1 156 ? 6.413   -13.364 6.722   1.00 35.36 ? 162  THR A O   1 
ATOM   1155 C  CB  . THR A 1 156 ? 4.925   -10.412 7.521   1.00 43.05 ? 162  THR A CB  1 
ATOM   1156 O  OG1 . THR A 1 156 ? 4.636   -9.422  8.520   1.00 47.71 ? 162  THR A OG1 1 
ATOM   1157 C  CG2 . THR A 1 156 ? 3.670   -11.215 7.258   1.00 43.84 ? 162  THR A CG2 1 
ATOM   1158 N  N   . LEU A 1 157 ? 7.296   -11.555 5.759   1.00 37.88 ? 163  LEU A N   1 
ATOM   1159 C  CA  . LEU A 1 157 ? 7.710   -12.233 4.527   1.00 37.20 ? 163  LEU A CA  1 
ATOM   1160 C  C   . LEU A 1 157 ? 9.178   -12.666 4.603   1.00 35.84 ? 163  LEU A C   1 
ATOM   1161 O  O   . LEU A 1 157 ? 9.936   -12.210 5.450   1.00 35.09 ? 163  LEU A O   1 
ATOM   1162 C  CB  . LEU A 1 157 ? 7.511   -11.271 3.354   1.00 37.32 ? 163  LEU A CB  1 
ATOM   1163 C  CG  . LEU A 1 157 ? 6.064   -10.927 3.018   1.00 39.18 ? 163  LEU A CG  1 
ATOM   1164 C  CD1 . LEU A 1 157 ? 6.016   -9.904  1.884   1.00 40.44 ? 163  LEU A CD1 1 
ATOM   1165 C  CD2 . LEU A 1 157 ? 5.268   -12.180 2.659   1.00 38.08 ? 163  LEU A CD2 1 
ATOM   1166 N  N   . ASP A 1 158 ? 9.569   -13.528 3.664   1.00 36.71 ? 164  ASP A N   1 
ATOM   1167 C  CA  . ASP A 1 158 ? 10.970  -13.893 3.478   1.00 41.66 ? 164  ASP A CA  1 
ATOM   1168 C  C   . ASP A 1 158 ? 11.689  -12.759 2.723   1.00 41.63 ? 164  ASP A C   1 
ATOM   1169 O  O   . ASP A 1 158 ? 11.067  -11.894 2.132   1.00 40.66 ? 164  ASP A O   1 
ATOM   1170 C  CB  . ASP A 1 158 ? 11.115  -15.265 2.811   1.00 40.96 ? 164  ASP A CB  1 
ATOM   1171 C  CG  . ASP A 1 158 ? 10.508  -15.348 1.424   1.00 45.39 ? 164  ASP A CG  1 
ATOM   1172 O  OD1 . ASP A 1 158 ? 9.553   -14.579 1.147   1.00 49.91 ? 164  ASP A OD1 1 
ATOM   1173 O  OD2 . ASP A 1 158 ? 10.979  -16.189 0.637   1.00 49.38 ? 164  ASP A OD2 1 
ATOM   1174 N  N   . GLU A 1 159 ? 13.022  -12.802 2.744   1.00 42.56 ? 165  GLU A N   1 
ATOM   1175 C  CA  . GLU A 1 159 ? 13.850  -11.708 2.318   1.00 45.05 ? 165  GLU A CA  1 
ATOM   1176 C  C   . GLU A 1 159 ? 13.656  -11.483 0.816   1.00 42.57 ? 165  GLU A C   1 
ATOM   1177 O  O   . GLU A 1 159 ? 13.514  -10.332 0.392   1.00 47.72 ? 165  GLU A O   1 
ATOM   1178 C  CB  . GLU A 1 159 ? 15.309  -11.975 2.695   1.00 48.91 ? 165  GLU A CB  1 
ATOM   1179 C  CG  . GLU A 1 159 ? 15.540  -12.128 4.194   1.00 51.74 ? 165  GLU A CG  1 
ATOM   1180 C  CD  . GLU A 1 159 ? 16.199  -10.946 4.894   1.00 57.82 ? 165  GLU A CD  1 
ATOM   1181 O  OE1 . GLU A 1 159 ? 17.176  -10.389 4.334   1.00 64.03 ? 165  GLU A OE1 1 
ATOM   1182 O  OE2 . GLU A 1 159 ? 15.759  -10.602 6.016   1.00 59.42 ? 165  GLU A OE2 1 
ATOM   1183 N  N   . GLU A 1 160 ? 13.613  -12.572 0.042   1.00 39.82 ? 166  GLU A N   1 
ATOM   1184 C  CA  . GLU A 1 160 ? 13.430  -12.521 -1.420  1.00 41.53 ? 166  GLU A CA  1 
ATOM   1185 C  C   . GLU A 1 160 ? 12.142  -11.764 -1.763  1.00 38.69 ? 166  GLU A C   1 
ATOM   1186 O  O   . GLU A 1 160 ? 12.127  -10.957 -2.684  1.00 37.94 ? 166  GLU A O   1 
ATOM   1187 C  CB  . GLU A 1 160 ? 13.364  -13.908 -2.066  1.00 43.17 ? 166  GLU A CB  1 
ATOM   1188 C  CG  . GLU A 1 160 ? 12.960  -13.850 -3.531  1.00 49.56 ? 166  GLU A CG  1 
ATOM   1189 C  CD  . GLU A 1 160 ? 13.008  -15.147 -4.328  1.00 59.25 ? 166  GLU A CD  1 
ATOM   1190 O  OE1 . GLU A 1 160 ? 12.730  -15.089 -5.554  1.00 61.91 ? 166  GLU A OE1 1 
ATOM   1191 O  OE2 . GLU A 1 160 ? 13.305  -16.213 -3.735  1.00 65.47 ? 166  GLU A OE2 1 
ATOM   1192 N  N   . SER A 1 161 ? 11.072  -12.039 -1.017  1.00 36.04 ? 167  SER A N   1 
ATOM   1193 C  CA  . SER A 1 161 ? 9.800   -11.386 -1.235  1.00 36.68 ? 167  SER A CA  1 
ATOM   1194 C  C   . SER A 1 161 ? 9.892   -9.890  -0.911  1.00 35.07 ? 167  SER A C   1 
ATOM   1195 O  O   . SER A 1 161 ? 9.354   -9.060  -1.634  1.00 36.43 ? 167  SER A O   1 
ATOM   1196 C  CB  . SER A 1 161 ? 8.720   -12.062 -0.452  1.00 37.34 ? 167  SER A CB  1 
ATOM   1197 O  OG  . SER A 1 161 ? 8.476   -13.341 -1.009  1.00 38.81 ? 167  SER A OG  1 
ATOM   1198 N  N   . ARG A 1 162 ? 10.611  -9.555  0.158   1.00 33.17 ? 168  ARG A N   1 
ATOM   1199 C  CA  . ARG A 1 162 ? 10.781  -8.177  0.576   1.00 32.60 ? 168  ARG A CA  1 
ATOM   1200 C  C   . ARG A 1 162 ? 11.767  -7.427  -0.340  1.00 31.12 ? 168  ARG A C   1 
ATOM   1201 O  O   . ARG A 1 162 ? 11.806  -6.215  -0.317  1.00 30.54 ? 168  ARG A O   1 
ATOM   1202 C  CB  . ARG A 1 162 ? 11.197  -8.150  2.051   1.00 33.98 ? 168  ARG A CB  1 
ATOM   1203 C  CG  . ARG A 1 162 ? 10.143  -8.743  2.978   1.00 33.76 ? 168  ARG A CG  1 
ATOM   1204 C  CD  . ARG A 1 162 ? 10.327  -8.354  4.430   1.00 34.75 ? 168  ARG A CD  1 
ATOM   1205 N  NE  . ARG A 1 162 ? 11.169  -9.299  5.156   1.00 36.70 ? 168  ARG A NE  1 
ATOM   1206 C  CZ  . ARG A 1 162 ? 12.408  -9.050  5.571   1.00 35.22 ? 168  ARG A CZ  1 
ATOM   1207 N  NH1 . ARG A 1 162 ? 12.884  -7.822  5.553   1.00 36.37 ? 168  ARG A NH1 1 
ATOM   1208 N  NH2 . ARG A 1 162 ? 13.180  -10.035 5.982   1.00 34.93 ? 168  ARG A NH2 1 
ATOM   1209 N  N   . ALA A 1 163 ? 12.546  -8.133  -1.162  1.00 29.34 ? 169  ALA A N   1 
ATOM   1210 C  CA  . ALA A 1 163 ? 13.523  -7.495  -2.030  1.00 29.36 ? 169  ALA A CA  1 
ATOM   1211 C  C   . ALA A 1 163 ? 12.890  -7.077  -3.375  1.00 31.09 ? 169  ALA A C   1 
ATOM   1212 O  O   . ALA A 1 163 ? 13.204  -6.015  -3.944  1.00 29.50 ? 169  ALA A O   1 
ATOM   1213 C  CB  . ALA A 1 163 ? 14.681  -8.440  -2.207  1.00 29.89 ? 169  ALA A CB  1 
ATOM   1214 N  N   . ARG A 1 164 ? 12.008  -7.924  -3.911  1.00 33.29 ? 170  ARG A N   1 
ATOM   1215 C  CA  . ARG A 1 164 ? 11.231  -7.602  -5.094  1.00 36.20 ? 170  ARG A CA  1 
ATOM   1216 C  C   . ARG A 1 164 ? 10.432  -6.304  -4.861  1.00 34.27 ? 170  ARG A C   1 
ATOM   1217 O  O   . ARG A 1 164 ? 10.292  -5.464  -5.749  1.00 33.06 ? 170  ARG A O   1 
ATOM   1218 C  CB  . ARG A 1 164 ? 10.260  -8.742  -5.421  1.00 42.73 ? 170  ARG A CB  1 
ATOM   1219 C  CG  . ARG A 1 164 ? 10.896  -10.014 -5.962  1.00 47.96 ? 170  ARG A CG  1 
ATOM   1220 C  CD  . ARG A 1 164 ? 9.813   -10.936 -6.507  1.00 56.63 ? 170  ARG A CD  1 
ATOM   1221 N  NE  . ARG A 1 164 ? 10.092  -12.368 -6.369  1.00 65.08 ? 170  ARG A NE  1 
ATOM   1222 C  CZ  . ARG A 1 164 ? 9.578   -13.176 -5.433  1.00 70.73 ? 170  ARG A CZ  1 
ATOM   1223 N  NH1 . ARG A 1 164 ? 8.828   -12.691 -4.454  1.00 70.11 ? 170  ARG A NH1 1 
ATOM   1224 N  NH2 . ARG A 1 164 ? 9.830   -14.477 -5.474  1.00 71.58 ? 170  ARG A NH2 1 
ATOM   1225 N  N   . ILE A 1 165 ? 9.860   -6.162  -3.663  1.00 31.56 ? 171  ILE A N   1 
ATOM   1226 C  CA  . ILE A 1 165 ? 9.065   -5.008  -3.329  1.00 29.20 ? 171  ILE A CA  1 
ATOM   1227 C  C   . ILE A 1 165 ? 9.955   -3.762  -3.335  1.00 27.25 ? 171  ILE A C   1 
ATOM   1228 O  O   . ILE A 1 165 ? 9.589   -2.742  -3.902  1.00 27.72 ? 171  ILE A O   1 
ATOM   1229 C  CB  . ILE A 1 165 ? 8.348   -5.222  -1.983  1.00 29.67 ? 171  ILE A CB  1 
ATOM   1230 C  CG1 . ILE A 1 165 ? 7.279   -6.308  -2.125  1.00 30.14 ? 171  ILE A CG1 1 
ATOM   1231 C  CG2 . ILE A 1 165 ? 7.769   -3.914  -1.452  1.00 29.83 ? 171  ILE A CG2 1 
ATOM   1232 C  CD1 . ILE A 1 165 ? 6.541   -6.623  -0.855  1.00 30.45 ? 171  ILE A CD1 1 
ATOM   1233 N  N   . LYS A 1 166 ? 11.119  -3.873  -2.698  1.00 24.92 ? 172  LYS A N   1 
ATOM   1234 C  CA  . LYS A 1 166 ? 11.990  -2.767  -2.459  1.00 24.01 ? 172  LYS A CA  1 
ATOM   1235 C  C   . LYS A 1 166 ? 12.557  -2.283  -3.791  1.00 25.93 ? 172  LYS A C   1 
ATOM   1236 O  O   . LYS A 1 166 ? 12.616  -1.081  -4.063  1.00 25.82 ? 172  LYS A O   1 
ATOM   1237 C  CB  . LYS A 1 166 ? 13.104  -3.202  -1.505  1.00 24.09 ? 172  LYS A CB  1 
ATOM   1238 C  CG  . LYS A 1 166 ? 12.706  -3.291  -0.034  1.00 23.77 ? 172  LYS A CG  1 
ATOM   1239 C  CD  . LYS A 1 166 ? 13.771  -3.881  0.838   1.00 23.80 ? 172  LYS A CD  1 
ATOM   1240 C  CE  . LYS A 1 166 ? 13.319  -4.065  2.263   1.00 24.89 ? 172  LYS A CE  1 
ATOM   1241 N  NZ  . LYS A 1 166 ? 14.255  -4.939  3.010   1.00 25.39 ? 172  LYS A NZ  1 
ATOM   1242 N  N   . THR A 1 167 ? 12.982  -3.248  -4.614  1.00 27.12 ? 173  THR A N   1 
ATOM   1243 C  CA  . THR A 1 167 ? 13.488  -2.990  -5.964  1.00 26.89 ? 173  THR A CA  1 
ATOM   1244 C  C   . THR A 1 167 ? 12.455  -2.208  -6.787  1.00 26.88 ? 173  THR A C   1 
ATOM   1245 O  O   . THR A 1 167 ? 12.792  -1.299  -7.552  1.00 28.88 ? 173  THR A O   1 
ATOM   1246 C  CB  . THR A 1 167 ? 13.798  -4.306  -6.677  1.00 25.32 ? 173  THR A CB  1 
ATOM   1247 O  OG1 . THR A 1 167 ? 14.647  -5.043  -5.797  1.00 26.04 ? 173  THR A OG1 1 
ATOM   1248 C  CG2 . THR A 1 167 ? 14.438  -4.101  -8.032  1.00 25.39 ? 173  THR A CG2 1 
ATOM   1249 N  N   . ARG A 1 168 ? 11.195  -2.617  -6.651  1.00 25.12 ? 174  ARG A N   1 
ATOM   1250 C  CA  . ARG A 1 168 ? 10.161  -2.154  -7.484  1.00 24.96 ? 174  ARG A CA  1 
ATOM   1251 C  C   . ARG A 1 168 ? 9.886   -0.700  -7.103  1.00 26.74 ? 174  ARG A C   1 
ATOM   1252 O  O   . ARG A 1 168 ? 9.828   0.160   -7.987  1.00 31.24 ? 174  ARG A O   1 
ATOM   1253 C  CB  . ARG A 1 168 ? 8.955   -3.086  -7.367  1.00 24.33 ? 174  ARG A CB  1 
ATOM   1254 C  CG  . ARG A 1 168 ? 7.698   -2.552  -8.027  1.00 23.93 ? 174  ARG A CG  1 
ATOM   1255 C  CD  . ARG A 1 168 ? 7.912   -2.217  -9.473  1.00 23.75 ? 174  ARG A CD  1 
ATOM   1256 N  NE  . ARG A 1 168 ? 6.656   -1.768  -10.056 1.00 24.95 ? 174  ARG A NE  1 
ATOM   1257 C  CZ  . ARG A 1 168 ? 6.543   -0.883  -11.050 1.00 24.82 ? 174  ARG A CZ  1 
ATOM   1258 N  NH1 . ARG A 1 168 ? 7.608   -0.461  -11.716 1.00 24.28 ? 174  ARG A NH1 1 
ATOM   1259 N  NH2 . ARG A 1 168 ? 5.352   -0.399  -11.348 1.00 25.27 ? 174  ARG A NH2 1 
ATOM   1260 N  N   . LEU A 1 169 ? 9.770   -0.434  -5.796  1.00 24.48 ? 175  LEU A N   1 
ATOM   1261 C  CA  . LEU A 1 169 ? 9.597   0.916   -5.280  1.00 23.53 ? 175  LEU A CA  1 
ATOM   1262 C  C   . LEU A 1 169 ? 10.751  1.798   -5.768  1.00 23.84 ? 175  LEU A C   1 
ATOM   1263 O  O   . LEU A 1 169 ? 10.524  2.858   -6.337  1.00 26.72 ? 175  LEU A O   1 
ATOM   1264 C  CB  . LEU A 1 169 ? 9.536   0.878   -3.748  1.00 23.46 ? 175  LEU A CB  1 
ATOM   1265 C  CG  . LEU A 1 169 ? 8.226   0.354   -3.167  1.00 23.96 ? 175  LEU A CG  1 
ATOM   1266 C  CD1 . LEU A 1 169 ? 8.326   0.103   -1.679  1.00 23.04 ? 175  LEU A CD1 1 
ATOM   1267 C  CD2 . LEU A 1 169 ? 7.085   1.312   -3.475  1.00 25.17 ? 175  LEU A CD2 1 
ATOM   1268 N  N   . PHE A 1 170 ? 11.986  1.344   -5.545  1.00 23.38 ? 176  PHE A N   1 
ATOM   1269 C  CA  . PHE A 1 170 ? 13.198  2.076   -5.948  1.00 22.98 ? 176  PHE A CA  1 
ATOM   1270 C  C   . PHE A 1 170 ? 13.171  2.321   -7.458  1.00 21.46 ? 176  PHE A C   1 
ATOM   1271 O  O   . PHE A 1 170 ? 13.600  3.362   -7.916  1.00 21.62 ? 176  PHE A O   1 
ATOM   1272 C  CB  . PHE A 1 170 ? 14.461  1.314   -5.523  1.00 23.70 ? 176  PHE A CB  1 
ATOM   1273 C  CG  . PHE A 1 170 ? 15.757  2.061   -5.699  1.00 23.67 ? 176  PHE A CG  1 
ATOM   1274 C  CD1 . PHE A 1 170 ? 16.417  2.060   -6.912  1.00 25.90 ? 176  PHE A CD1 1 
ATOM   1275 C  CD2 . PHE A 1 170 ? 16.318  2.764   -4.657  1.00 24.84 ? 176  PHE A CD2 1 
ATOM   1276 C  CE1 . PHE A 1 170 ? 17.607  2.747   -7.081  1.00 25.98 ? 176  PHE A CE1 1 
ATOM   1277 C  CE2 . PHE A 1 170 ? 17.500  3.465   -4.825  1.00 25.53 ? 176  PHE A CE2 1 
ATOM   1278 C  CZ  . PHE A 1 170 ? 18.148  3.447   -6.034  1.00 25.82 ? 176  PHE A CZ  1 
ATOM   1279 N  N   . THR A 1 171 ? 12.663  1.354   -8.221  1.00 21.45 ? 177  THR A N   1 
ATOM   1280 C  CA  . THR A 1 171 ? 12.631  1.488   -9.661  1.00 22.91 ? 177  THR A CA  1 
ATOM   1281 C  C   . THR A 1 171 ? 11.691  2.642   -10.027 1.00 23.08 ? 177  THR A C   1 
ATOM   1282 O  O   . THR A 1 171 ? 12.046  3.491   -10.867 1.00 23.53 ? 177  THR A O   1 
ATOM   1283 C  CB  . THR A 1 171 ? 12.253  0.180   -10.373 1.00 23.18 ? 177  THR A CB  1 
ATOM   1284 O  OG1 . THR A 1 171 ? 13.334  -0.757  -10.291 1.00 22.95 ? 177  THR A OG1 1 
ATOM   1285 C  CG2 . THR A 1 171 ? 11.931  0.418   -11.834 1.00 22.74 ? 177  THR A CG2 1 
ATOM   1286 N  N   . ILE A 1 172 ? 10.506  2.647   -9.402  1.00 22.64 ? 178  ILE A N   1 
ATOM   1287 C  CA  . ILE A 1 172 ? 9.516   3.714   -9.559  1.00 22.54 ? 178  ILE A CA  1 
ATOM   1288 C  C   . ILE A 1 172 ? 10.169  5.061   -9.210  1.00 22.23 ? 178  ILE A C   1 
ATOM   1289 O  O   . ILE A 1 172 ? 10.104  6.002   -9.973  1.00 23.06 ? 178  ILE A O   1 
ATOM   1290 C  CB  . ILE A 1 172 ? 8.261   3.436   -8.708  1.00 22.47 ? 178  ILE A CB  1 
ATOM   1291 C  CG1 . ILE A 1 172 ? 7.440   2.283   -9.291  1.00 22.56 ? 178  ILE A CG1 1 
ATOM   1292 C  CG2 . ILE A 1 172 ? 7.420   4.697   -8.557  1.00 23.25 ? 178  ILE A CG2 1 
ATOM   1293 C  CD1 . ILE A 1 172 ? 6.307   1.809   -8.398  1.00 22.23 ? 178  ILE A CD1 1 
ATOM   1294 N  N   . ARG A 1 173 ? 10.807  5.153   -8.049  1.00 22.41 ? 179  ARG A N   1 
ATOM   1295 C  CA  . ARG A 1 173 ? 11.518  6.361   -7.710  1.00 24.12 ? 179  ARG A CA  1 
ATOM   1296 C  C   . ARG A 1 173 ? 12.447  6.762   -8.864  1.00 24.68 ? 179  ARG A C   1 
ATOM   1297 O  O   . ARG A 1 173 ? 12.461  7.925   -9.264  1.00 25.22 ? 179  ARG A O   1 
ATOM   1298 C  CB  . ARG A 1 173 ? 12.319  6.189   -6.421  1.00 24.89 ? 179  ARG A CB  1 
ATOM   1299 C  CG  . ARG A 1 173 ? 13.250  7.351   -6.120  1.00 25.90 ? 179  ARG A CG  1 
ATOM   1300 C  CD  . ARG A 1 173 ? 13.906  7.143   -4.771  1.00 28.62 ? 179  ARG A CD  1 
ATOM   1301 N  NE  . ARG A 1 173 ? 15.137  7.905   -4.579  1.00 30.86 ? 179  ARG A NE  1 
ATOM   1302 C  CZ  . ARG A 1 173 ? 15.972  7.737   -3.561  1.00 30.38 ? 179  ARG A CZ  1 
ATOM   1303 N  NH1 . ARG A 1 173 ? 15.685  6.852   -2.616  1.00 32.03 ? 179  ARG A NH1 1 
ATOM   1304 N  NH2 . ARG A 1 173 ? 17.092  8.436   -3.505  1.00 27.27 ? 179  ARG A NH2 1 
ATOM   1305 N  N   . GLN A 1 174 ? 13.220  5.807   -9.388  1.00 24.86 ? 180  GLN A N   1 
ATOM   1306 C  CA  . GLN A 1 174 ? 14.288  6.142   -10.354 1.00 26.45 ? 180  GLN A CA  1 
ATOM   1307 C  C   . GLN A 1 174 ? 13.676  6.540   -11.708 1.00 27.28 ? 180  GLN A C   1 
ATOM   1308 O  O   . GLN A 1 174 ? 14.249  7.366   -12.427 1.00 25.34 ? 180  GLN A O   1 
ATOM   1309 C  CB  . GLN A 1 174 ? 15.284  4.982   -10.516 1.00 25.76 ? 180  GLN A CB  1 
ATOM   1310 C  CG  . GLN A 1 174 ? 16.243  4.805   -9.346  1.00 24.35 ? 180  GLN A CG  1 
ATOM   1311 C  CD  . GLN A 1 174 ? 16.969  6.079   -9.011  1.00 23.42 ? 180  GLN A CD  1 
ATOM   1312 O  OE1 . GLN A 1 174 ? 17.368  6.845   -9.889  1.00 22.87 ? 180  GLN A OE1 1 
ATOM   1313 N  NE2 . GLN A 1 174 ? 17.118  6.329   -7.723  1.00 22.47 ? 180  GLN A NE2 1 
ATOM   1314 N  N   . GLU A 1 175 ? 12.543  5.924   -12.062 1.00 29.23 ? 181  GLU A N   1 
ATOM   1315 C  CA  . GLU A 1 175 ? 11.828  6.269   -13.276 1.00 33.84 ? 181  GLU A CA  1 
ATOM   1316 C  C   . GLU A 1 175 ? 11.292  7.701   -13.132 1.00 34.22 ? 181  GLU A C   1 
ATOM   1317 O  O   . GLU A 1 175 ? 11.428  8.516   -14.056 1.00 34.13 ? 181  GLU A O   1 
ATOM   1318 C  CB  . GLU A 1 175 ? 10.706  5.267   -13.578 1.00 39.71 ? 181  GLU A CB  1 
ATOM   1319 C  CG  . GLU A 1 175 ? 11.061  4.223   -14.636 1.00 45.97 ? 181  GLU A CG  1 
ATOM   1320 C  CD  . GLU A 1 175 ? 11.505  4.770   -15.997 1.00 53.42 ? 181  GLU A CD  1 
ATOM   1321 O  OE1 . GLU A 1 175 ? 10.997  5.857   -16.410 1.00 59.26 ? 181  GLU A OE1 1 
ATOM   1322 O  OE2 . GLU A 1 175 ? 12.375  4.123   -16.650 1.00 53.80 ? 181  GLU A OE2 1 
ATOM   1323 N  N   . MET A 1 176 ? 10.729  8.008   -11.955 1.00 33.80 ? 182  MET A N   1 
ATOM   1324 C  CA  . MET A 1 176 ? 10.193  9.345   -11.671 1.00 32.96 ? 182  MET A CA  1 
ATOM   1325 C  C   . MET A 1 176 ? 11.296  10.398  -11.858 1.00 32.79 ? 182  MET A C   1 
ATOM   1326 O  O   . MET A 1 176 ? 11.065  11.420  -12.487 1.00 32.93 ? 182  MET A O   1 
ATOM   1327 C  CB  . MET A 1 176 ? 9.603   9.438   -10.258 1.00 31.15 ? 182  MET A CB  1 
ATOM   1328 C  CG  . MET A 1 176 ? 8.130   9.061   -10.191 1.00 30.63 ? 182  MET A CG  1 
ATOM   1329 S  SD  . MET A 1 176 ? 7.477   9.178   -8.510  1.00 30.73 ? 182  MET A SD  1 
ATOM   1330 C  CE  . MET A 1 176 ? 5.855   8.438   -8.699  1.00 29.64 ? 182  MET A CE  1 
ATOM   1331 N  N   . ALA A 1 177 ? 12.494  10.116  -11.342 1.00 32.09 ? 183  ALA A N   1 
ATOM   1332 C  CA  . ALA A 1 177 ? 13.618  11.038  -11.405 1.00 32.26 ? 183  ALA A CA  1 
ATOM   1333 C  C   . ALA A 1 177 ? 14.156  11.190  -12.849 1.00 35.86 ? 183  ALA A C   1 
ATOM   1334 O  O   . ALA A 1 177 ? 14.615  12.284  -13.228 1.00 33.92 ? 183  ALA A O   1 
ATOM   1335 C  CB  . ALA A 1 177 ? 14.679  10.572  -10.450 1.00 30.43 ? 183  ALA A CB  1 
ATOM   1336 N  N   . SER A 1 178 ? 14.095  10.123  -13.661 1.00 37.43 ? 184  SER A N   1 
ATOM   1337 C  CA  . SER A 1 178 ? 14.411  10.211  -15.100 1.00 37.09 ? 184  SER A CA  1 
ATOM   1338 C  C   . SER A 1 178 ? 13.594  11.320  -15.749 1.00 35.37 ? 184  SER A C   1 
ATOM   1339 O  O   . SER A 1 178 ? 14.134  12.089  -16.511 1.00 35.87 ? 184  SER A O   1 
ATOM   1340 C  CB  . SER A 1 178 ? 14.160  8.927   -15.815 1.00 38.86 ? 184  SER A CB  1 
ATOM   1341 O  OG  . SER A 1 178 ? 14.926  7.897   -15.222 1.00 45.79 ? 184  SER A OG  1 
ATOM   1342 N  N   . ARG A 1 179 ? 12.301  11.383  -15.409 1.00 35.80 ? 185  ARG A N   1 
ATOM   1343 C  CA  . ARG A 1 179 ? 11.336  12.339  -15.979 1.00 35.91 ? 185  ARG A CA  1 
ATOM   1344 C  C   . ARG A 1 179 ? 11.277  13.649  -15.163 1.00 35.38 ? 185  ARG A C   1 
ATOM   1345 O  O   . ARG A 1 179 ? 10.434  14.485  -15.426 1.00 36.04 ? 185  ARG A O   1 
ATOM   1346 C  CB  . ARG A 1 179 ? 9.958   11.668  -16.071 1.00 37.64 ? 185  ARG A CB  1 
ATOM   1347 C  CG  . ARG A 1 179 ? 9.880   10.511  -17.063 1.00 40.24 ? 185  ARG A CG  1 
ATOM   1348 C  CD  . ARG A 1 179 ? 8.792   9.496   -16.730 1.00 44.87 ? 185  ARG A CD  1 
ATOM   1349 N  NE  . ARG A 1 179 ? 8.797   8.292   -17.570 1.00 50.48 ? 185  ARG A NE  1 
ATOM   1350 C  CZ  . ARG A 1 179 ? 7.819   7.945   -18.420 1.00 52.80 ? 185  ARG A CZ  1 
ATOM   1351 N  NH1 . ARG A 1 179 ? 6.796   8.760   -18.634 1.00 50.77 ? 185  ARG A NH1 1 
ATOM   1352 N  NH2 . ARG A 1 179 ? 7.858   6.779   -19.044 1.00 48.81 ? 185  ARG A NH2 1 
ATOM   1353 N  N   . SER A 1 180 ? 12.184  13.832  -14.194 1.00 34.51 ? 186  SER A N   1 
ATOM   1354 C  CA  . SER A 1 180 ? 12.256  15.016  -13.327 1.00 33.85 ? 186  SER A CA  1 
ATOM   1355 C  C   . SER A 1 180 ? 10.953  15.216  -12.561 1.00 33.94 ? 186  SER A C   1 
ATOM   1356 O  O   . SER A 1 180 ? 10.528  16.342  -12.395 1.00 34.39 ? 186  SER A O   1 
ATOM   1357 C  CB  . SER A 1 180 ? 12.611  16.257  -14.087 1.00 34.40 ? 186  SER A CB  1 
ATOM   1358 O  OG  . SER A 1 180 ? 13.980  16.224  -14.465 1.00 37.17 ? 186  SER A OG  1 
ATOM   1359 N  N   . LEU A 1 181 ? 10.383  14.109  -12.063 1.00 34.62 ? 187  LEU A N   1 
ATOM   1360 C  CA  . LEU A 1 181 ? 9.106   14.079  -11.343 1.00 32.25 ? 187  LEU A CA  1 
ATOM   1361 C  C   . LEU A 1 181 ? 9.268   13.712  -9.864  1.00 30.28 ? 187  LEU A C   1 
ATOM   1362 O  O   . LEU A 1 181 ? 8.321   13.884  -9.087  1.00 28.42 ? 187  LEU A O   1 
ATOM   1363 C  CB  . LEU A 1 181 ? 8.207   13.054  -12.032 1.00 33.58 ? 187  LEU A CB  1 
ATOM   1364 C  CG  . LEU A 1 181 ? 7.673   13.491  -13.386 1.00 32.89 ? 187  LEU A CG  1 
ATOM   1365 C  CD1 . LEU A 1 181 ? 6.893   12.357  -14.034 1.00 32.94 ? 187  LEU A CD1 1 
ATOM   1366 C  CD2 . LEU A 1 181 ? 6.814   14.738  -13.221 1.00 33.64 ? 187  LEU A CD2 1 
ATOM   1367 N  N   . TRP A 1 182 ? 10.451  13.227  -9.471  1.00 29.61 ? 188  TRP A N   1 
ATOM   1368 C  CA  . TRP A 1 182 ? 10.649  12.711  -8.119  1.00 29.95 ? 188  TRP A CA  1 
ATOM   1369 C  C   . TRP A 1 182 ? 10.537  13.840  -7.089  1.00 30.25 ? 188  TRP A C   1 
ATOM   1370 O  O   . TRP A 1 182 ? 9.836   13.708  -6.098  1.00 30.83 ? 188  TRP A O   1 
ATOM   1371 C  CB  . TRP A 1 182 ? 11.984  11.969  -8.006  1.00 28.74 ? 188  TRP A CB  1 
ATOM   1372 C  CG  . TRP A 1 182 ? 12.330  11.564  -6.610  1.00 27.20 ? 188  TRP A CG  1 
ATOM   1373 C  CD1 . TRP A 1 182 ? 13.378  12.018  -5.871  1.00 27.17 ? 188  TRP A CD1 1 
ATOM   1374 C  CD2 . TRP A 1 182 ? 11.601  10.665  -5.760  1.00 28.23 ? 188  TRP A CD2 1 
ATOM   1375 N  NE1 . TRP A 1 182 ? 13.366  11.449  -4.627  1.00 28.72 ? 188  TRP A NE1 1 
ATOM   1376 C  CE2 . TRP A 1 182 ? 12.293  10.608  -4.530  1.00 28.41 ? 188  TRP A CE2 1 
ATOM   1377 C  CE3 . TRP A 1 182 ? 10.458  9.877   -5.925  1.00 28.72 ? 188  TRP A CE3 1 
ATOM   1378 C  CZ2 . TRP A 1 182 ? 11.891  9.789   -3.477  1.00 28.33 ? 188  TRP A CZ2 1 
ATOM   1379 C  CZ3 . TRP A 1 182 ? 10.063  9.063   -4.883  1.00 29.44 ? 188  TRP A CZ3 1 
ATOM   1380 C  CH2 . TRP A 1 182 ? 10.769  9.020   -3.678  1.00 28.85 ? 188  TRP A CH2 1 
ATOM   1381 N  N   . ASP A 1 183 ? 11.221  14.955  -7.340  1.00 32.35 ? 189  ASP A N   1 
ATOM   1382 C  CA  . ASP A 1 183 ? 11.291  16.060  -6.368  1.00 36.04 ? 189  ASP A CA  1 
ATOM   1383 C  C   . ASP A 1 183 ? 9.880   16.551  -5.977  1.00 32.19 ? 189  ASP A C   1 
ATOM   1384 O  O   . ASP A 1 183 ? 9.600   16.782  -4.816  1.00 27.67 ? 189  ASP A O   1 
ATOM   1385 C  CB  . ASP A 1 183 ? 12.153  17.202  -6.914  1.00 40.65 ? 189  ASP A CB  1 
ATOM   1386 C  CG  . ASP A 1 183 ? 13.129  17.747  -5.892  1.00 48.82 ? 189  ASP A CG  1 
ATOM   1387 O  OD1 . ASP A 1 183 ? 12.740  17.859  -4.696  1.00 56.31 ? 189  ASP A OD1 1 
ATOM   1388 O  OD2 . ASP A 1 183 ? 14.277  18.039  -6.295  1.00 56.55 ? 189  ASP A OD2 1 
ATOM   1389 N  N   . SER A 1 184 ? 9.011   16.742  -6.973  1.00 30.94 ? 190  SER A N   1 
ATOM   1390 C  CA  . SER A 1 184 ? 7.635   17.125  -6.743  1.00 31.17 ? 190  SER A CA  1 
ATOM   1391 C  C   . SER A 1 184 ? 7.002   16.103  -5.790  1.00 31.01 ? 190  SER A C   1 
ATOM   1392 O  O   . SER A 1 184 ? 6.496   16.469  -4.713  1.00 29.95 ? 190  SER A O   1 
ATOM   1393 C  CB  . SER A 1 184 ? 6.887   17.255  -8.072  1.00 31.69 ? 190  SER A CB  1 
ATOM   1394 O  OG  . SER A 1 184 ? 5.494   17.498  -7.901  1.00 29.89 ? 190  SER A OG  1 
ATOM   1395 N  N   . PHE A 1 185 ? 7.123   14.827  -6.187  1.00 30.91 ? 191  PHE A N   1 
ATOM   1396 C  CA  . PHE A 1 185 ? 6.481   13.667  -5.561  1.00 30.81 ? 191  PHE A CA  1 
ATOM   1397 C  C   . PHE A 1 185 ? 6.943   13.503  -4.103  1.00 30.40 ? 191  PHE A C   1 
ATOM   1398 O  O   . PHE A 1 185 ? 6.137   13.336  -3.196  1.00 29.70 ? 191  PHE A O   1 
ATOM   1399 C  CB  . PHE A 1 185 ? 6.752   12.409  -6.394  1.00 28.84 ? 191  PHE A CB  1 
ATOM   1400 C  CG  . PHE A 1 185 ? 6.020   11.186  -5.909  1.00 28.56 ? 191  PHE A CG  1 
ATOM   1401 C  CD1 . PHE A 1 185 ? 4.633   11.120  -5.960  1.00 31.29 ? 191  PHE A CD1 1 
ATOM   1402 C  CD2 . PHE A 1 185 ? 6.704   10.116  -5.369  1.00 27.38 ? 191  PHE A CD2 1 
ATOM   1403 C  CE1 . PHE A 1 185 ? 3.945   10.004  -5.494  1.00 30.47 ? 191  PHE A CE1 1 
ATOM   1404 C  CE2 . PHE A 1 185 ? 6.019   9.004   -4.902  1.00 29.44 ? 191  PHE A CE2 1 
ATOM   1405 C  CZ  . PHE A 1 185 ? 4.640   8.949   -4.959  1.00 29.59 ? 191  PHE A CZ  1 
ATOM   1406 N  N   . ARG A 1 186 ? 8.256   13.561  -3.906  1.00 32.52 ? 192  ARG A N   1 
ATOM   1407 C  CA  . ARG A 1 186 ? 8.890   13.427  -2.610  1.00 34.64 ? 192  ARG A CA  1 
ATOM   1408 C  C   . ARG A 1 186 ? 8.228   14.368  -1.600  1.00 32.50 ? 192  ARG A C   1 
ATOM   1409 O  O   . ARG A 1 186 ? 7.911   13.957  -0.491  1.00 30.34 ? 192  ARG A O   1 
ATOM   1410 C  CB  . ARG A 1 186 ? 10.389  13.721  -2.738  1.00 38.95 ? 192  ARG A CB  1 
ATOM   1411 C  CG  . ARG A 1 186 ? 11.235  13.159  -1.601  1.00 43.67 ? 192  ARG A CG  1 
ATOM   1412 C  CD  . ARG A 1 186 ? 11.647  14.227  -0.610  1.00 45.19 ? 192  ARG A CD  1 
ATOM   1413 N  NE  . ARG A 1 186 ? 12.418  15.245  -1.303  1.00 47.80 ? 192  ARG A NE  1 
ATOM   1414 C  CZ  . ARG A 1 186 ? 12.676  16.450  -0.818  1.00 52.29 ? 192  ARG A CZ  1 
ATOM   1415 N  NH1 . ARG A 1 186 ? 12.247  16.767  0.396   1.00 48.06 ? 192  ARG A NH1 1 
ATOM   1416 N  NH2 . ARG A 1 186 ? 13.361  17.321  -1.549  1.00 52.14 ? 192  ARG A NH2 1 
ATOM   1417 N  N   . GLN A 1 187 ? 8.002   15.620  -2.021  1.00 33.14 ? 193  GLN A N   1 
ATOM   1418 C  CA  . GLN A 1 187 ? 7.659   16.731  -1.130  1.00 31.36 ? 193  GLN A CA  1 
ATOM   1419 C  C   . GLN A 1 187 ? 6.150   16.824  -0.880  1.00 31.74 ? 193  GLN A C   1 
ATOM   1420 O  O   . GLN A 1 187 ? 5.747   17.603  -0.055  1.00 31.22 ? 193  GLN A O   1 
ATOM   1421 C  CB  . GLN A 1 187 ? 8.157   18.045  -1.721  1.00 29.91 ? 193  GLN A CB  1 
ATOM   1422 C  CG  . GLN A 1 187 ? 9.667   18.111  -1.835  1.00 31.06 ? 193  GLN A CG  1 
ATOM   1423 C  CD  . GLN A 1 187 ? 10.148  19.490  -2.213  1.00 31.97 ? 193  GLN A CD  1 
ATOM   1424 O  OE1 . GLN A 1 187 ? 10.156  20.409  -1.396  1.00 32.93 ? 193  GLN A OE1 1 
ATOM   1425 N  NE2 . GLN A 1 187 ? 10.556  19.640  -3.460  1.00 32.83 ? 193  GLN A NE2 1 
ATOM   1426 N  N   . SER A 1 188 ? 5.330   16.026  -1.574  1.00 33.83 ? 194  SER A N   1 
ATOM   1427 C  CA  . SER A 1 188 ? 3.875   16.143  -1.468  1.00 36.64 ? 194  SER A CA  1 
ATOM   1428 C  C   . SER A 1 188 ? 3.306   15.066  -0.530  1.00 37.85 ? 194  SER A C   1 
ATOM   1429 O  O   . SER A 1 188 ? 2.109   14.807  -0.519  1.00 36.09 ? 194  SER A O   1 
ATOM   1430 C  CB  . SER A 1 188 ? 3.207   16.149  -2.844  1.00 36.09 ? 194  SER A CB  1 
ATOM   1431 O  OG  . SER A 1 188 ? 3.235   14.868  -3.437  1.00 38.08 ? 194  SER A OG  1 
ATOM   1432 N  N   . GLU A 1 189 ? 4.172   14.456  0.282   1.00 44.64 ? 195  GLU A N   1 
ATOM   1433 C  CA  . GLU A 1 189 ? 3.716   13.662  1.422   1.00 49.71 ? 195  GLU A CA  1 
ATOM   1434 C  C   . GLU A 1 189 ? 3.480   14.601  2.616   1.00 52.76 ? 195  GLU A C   1 
ATOM   1435 O  O   . GLU A 1 189 ? 4.223   15.566  2.818   1.00 50.48 ? 195  GLU A O   1 
ATOM   1436 C  CB  . GLU A 1 189 ? 4.703   12.534  1.758   1.00 48.48 ? 195  GLU A CB  1 
ATOM   1437 C  CG  . GLU A 1 189 ? 4.034   11.378  2.492   1.00 50.18 ? 195  GLU A CG  1 
ATOM   1438 C  CD  . GLU A 1 189 ? 4.838   10.100  2.685   1.00 50.53 ? 195  GLU A CD  1 
ATOM   1439 O  OE1 . GLU A 1 189 ? 5.218   9.481   1.671   1.00 48.94 ? 195  GLU A OE1 1 
ATOM   1440 O  OE2 . GLU A 1 189 ? 5.052   9.702   3.853   1.00 50.19 ? 195  GLU A OE2 1 
ATOM   1441 N  N   . ARG A 1 190 ? 2.413   14.313  3.375   1.00 60.28 ? 196  ARG A N   1 
ATOM   1442 C  CA  . ARG A 1 190 ? 2.192   14.829  4.734   1.00 63.56 ? 196  ARG A CA  1 
ATOM   1443 C  C   . ARG A 1 190 ? 3.538   15.023  5.450   1.00 69.40 ? 196  ARG A C   1 
ATOM   1444 O  O   . ARG A 1 190 ? 3.978   16.151  5.730   1.00 72.85 ? 196  ARG A O   1 
ATOM   1445 C  CB  . ARG A 1 190 ? 1.337   13.846  5.543   1.00 65.97 ? 196  ARG A CB  1 
ATOM   1446 C  CG  . ARG A 1 190 ? -0.087  13.658  5.034   1.00 68.34 ? 196  ARG A CG  1 
ATOM   1447 C  CD  . ARG A 1 190 ? -1.023  13.155  6.122   1.00 69.51 ? 196  ARG A CD  1 
ATOM   1448 N  NE  . ARG A 1 190 ? -0.655  11.836  6.632   1.00 74.17 ? 196  ARG A NE  1 
ATOM   1449 C  CZ  . ARG A 1 190 ? -1.447  10.763  6.595   1.00 79.38 ? 196  ARG A CZ  1 
ATOM   1450 N  NH1 . ARG A 1 190 ? -1.008  9.589   7.018   1.00 72.55 ? 196  ARG A NH1 1 
ATOM   1451 N  NH2 . ARG A 1 190 ? -2.681  10.865  6.136   1.00 88.20 ? 196  ARG A NH2 1 
HETATM 1452 MN MN  . MN  B 2 .   ? -1.981  0.983   3.504   1.00 22.89 ? 901  MN  A MN  1 
HETATM 1453 MN MN  . MN  C 2 .   ? -5.733  0.507   2.842   1.00 46.84 ? 902  MN  A MN  1 
HETATM 1454 O  OAA . HO1 D 3 .   ? -7.457  3.937   2.226   1.00 45.43 ? 903  HO1 A OAA 1 
HETATM 1455 C  CAO . HO1 D 3 .   ? -6.473  3.261   2.616   1.00 48.54 ? 903  HO1 A CAO 1 
HETATM 1456 O  OAC . HO1 D 3 .   ? -6.597  2.018   2.709   1.00 54.06 ? 903  HO1 A OAC 1 
HETATM 1457 C  CAU . HO1 D 3 .   ? -5.222  3.861   2.831   1.00 47.71 ? 903  HO1 A CAU 1 
HETATM 1458 N  NAN . HO1 D 3 .   ? -5.153  5.268   2.805   1.00 46.90 ? 903  HO1 A NAN 1 
HETATM 1459 C  CAS . HO1 D 3 .   ? -4.028  3.115   3.036   1.00 46.94 ? 903  HO1 A CAS 1 
HETATM 1460 O  OAD . HO1 D 3 .   ? -4.050  1.729   3.059   1.00 40.21 ? 903  HO1 A OAD 1 
HETATM 1461 C  CAV . HO1 D 3 .   ? -2.797  3.769   3.196   1.00 45.96 ? 903  HO1 A CAV 1 
HETATM 1462 O  OAB . HO1 D 3 .   ? -1.725  3.176   3.368   1.00 41.12 ? 903  HO1 A OAB 1 
HETATM 1463 C  CAI . HO1 D 3 .   ? -2.775  5.157   3.170   1.00 47.87 ? 903  HO1 A CAI 1 
HETATM 1464 C  CAR . HO1 D 3 .   ? -3.928  5.935   2.982   1.00 51.11 ? 903  HO1 A CAR 1 
HETATM 1465 C  CAP . HO1 D 3 .   ? -3.834  7.345   2.968   1.00 61.04 ? 903  HO1 A CAP 1 
HETATM 1466 C  CAH . HO1 D 3 .   ? -2.567  7.954   2.957   1.00 67.99 ? 903  HO1 A CAH 1 
HETATM 1467 C  CAF . HO1 D 3 .   ? -4.950  8.196   2.969   1.00 64.88 ? 903  HO1 A CAF 1 
HETATM 1468 C  CAE . HO1 D 3 .   ? -4.766  9.587   2.957   1.00 66.34 ? 903  HO1 A CAE 1 
HETATM 1469 C  CAG . HO1 D 3 .   ? -3.491  10.166  2.944   1.00 67.06 ? 903  HO1 A CAG 1 
HETATM 1470 C  CAQ . HO1 D 3 .   ? -2.358  9.343   2.947   1.00 70.90 ? 903  HO1 A CAQ 1 
HETATM 1471 C  CAT . HO1 D 3 .   ? -1.072  9.814   2.927   1.00 74.79 ? 903  HO1 A CAT 1 
HETATM 1472 N  NAM . HO1 D 3 .   ? 0.048   9.064   2.946   1.00 74.35 ? 903  HO1 A NAM 1 
HETATM 1473 N  NAK . HO1 D 3 .   ? 1.057   9.811   2.913   1.00 70.41 ? 903  HO1 A NAK 1 
HETATM 1474 N  NAJ . HO1 D 3 .   ? 0.675   11.019  2.871   1.00 72.77 ? 903  HO1 A NAJ 1 
HETATM 1475 N  NAL . HO1 D 3 .   ? -0.663  11.079  2.870   1.00 75.88 ? 903  HO1 A NAL 1 
HETATM 1476 O  OAA . HO1 E 3 .   ? -8.417  2.543   -1.005  1.00 46.26 ? 904  HO1 A OAA 1 
HETATM 1477 C  CAO . HO1 E 3 .   ? -7.406  3.008   -1.566  1.00 49.14 ? 904  HO1 A CAO 1 
HETATM 1478 O  OAC . HO1 E 3 .   ? -7.082  2.387   -2.599  1.00 46.70 ? 904  HO1 A OAC 1 
HETATM 1479 C  CAU . HO1 E 3 .   ? -6.762  4.234   -1.115  1.00 54.99 ? 904  HO1 A CAU 1 
HETATM 1480 N  NAN . HO1 E 3 .   ? -5.287  4.451   -0.980  1.00 50.72 ? 904  HO1 A NAN 1 
HETATM 1481 C  CAS . HO1 E 3 .   ? -7.599  5.360   -0.769  1.00 57.24 ? 904  HO1 A CAS 1 
HETATM 1482 O  OAD . HO1 E 3 .   ? -8.989  5.234   -0.854  1.00 51.02 ? 904  HO1 A OAD 1 
HETATM 1483 C  CAV . HO1 E 3 .   ? -7.063  6.607   -0.330  1.00 55.79 ? 904  HO1 A CAV 1 
HETATM 1484 O  OAB . HO1 E 3 .   ? -7.747  7.593   -0.016  1.00 55.56 ? 904  HO1 A OAB 1 
HETATM 1485 C  CAI . HO1 E 3 .   ? -5.688  6.770   -0.225  1.00 54.15 ? 904  HO1 A CAI 1 
HETATM 1486 C  CAR . HO1 E 3 .   ? -4.767  5.753   -0.528  1.00 50.76 ? 904  HO1 A CAR 1 
HETATM 1487 C  CAP . HO1 E 3 .   ? -3.402  6.125   -0.389  1.00 50.20 ? 904  HO1 A CAP 1 
HETATM 1488 C  CAH . HO1 E 3 .   ? -2.980  7.480   -0.540  1.00 50.94 ? 904  HO1 A CAH 1 
HETATM 1489 C  CAF . HO1 E 3 .   ? -2.401  5.194   -0.135  1.00 53.75 ? 904  HO1 A CAF 1 
HETATM 1490 C  CAE . HO1 E 3 .   ? -1.052  5.591   -0.011  1.00 51.45 ? 904  HO1 A CAE 1 
HETATM 1491 C  CAG . HO1 E 3 .   ? -0.666  6.926   -0.158  1.00 51.04 ? 904  HO1 A CAG 1 
HETATM 1492 C  CAQ . HO1 E 3 .   ? -1.631  7.921   -0.428  1.00 51.83 ? 904  HO1 A CAQ 1 
HETATM 1493 C  CAT . HO1 E 3 .   ? -1.260  9.255   -0.595  1.00 49.77 ? 904  HO1 A CAT 1 
HETATM 1494 N  NAM . HO1 E 3 .   ? -2.008  10.355  -0.498  1.00 45.35 ? 904  HO1 A NAM 1 
HETATM 1495 N  NAK . HO1 E 3 .   ? -1.203  11.369  -0.763  1.00 42.46 ? 904  HO1 A NAK 1 
HETATM 1496 N  NAJ . HO1 E 3 .   ? -0.096  11.001  -1.007  1.00 41.27 ? 904  HO1 A NAJ 1 
HETATM 1497 N  NAL . HO1 E 3 .   ? -0.046  9.741   -0.916  1.00 48.71 ? 904  HO1 A NAL 1 
HETATM 1498 O  O   . HOH F 4 .   ? -10.610 2.390   -1.608  1.00 22.76 ? 1001 HOH A O   1 
HETATM 1499 O  O   . HOH F 4 .   ? -9.892  3.717   0.590   1.00 24.55 ? 1002 HOH A O   1 
HETATM 1500 O  O   . HOH F 4 .   ? -4.414  3.566   7.142   1.00 19.65 ? 1003 HOH A O   1 
HETATM 1501 O  O   . HOH F 4 .   ? 0.735   4.171   2.395   1.00 26.92 ? 1004 HOH A O   1 
HETATM 1502 O  O   . HOH F 4 .   ? -10.466 1.053   -4.099  1.00 29.48 ? 1005 HOH A O   1 
# 
loop_
_pdbx_poly_seq_scheme.asym_id 
_pdbx_poly_seq_scheme.entity_id 
_pdbx_poly_seq_scheme.seq_id 
_pdbx_poly_seq_scheme.mon_id 
_pdbx_poly_seq_scheme.ndb_seq_num 
_pdbx_poly_seq_scheme.pdb_seq_num 
_pdbx_poly_seq_scheme.auth_seq_num 
_pdbx_poly_seq_scheme.pdb_mon_id 
_pdbx_poly_seq_scheme.auth_mon_id 
_pdbx_poly_seq_scheme.pdb_strand_id 
_pdbx_poly_seq_scheme.pdb_ins_code 
_pdbx_poly_seq_scheme.hetero 
A 1 1   MET 1   -5  ?   ?   ?   A . n 
A 1 2   GLY 2   -4  ?   ?   ?   A . n 
A 1 3   SER 3   -3  ?   ?   ?   A . n 
A 1 4   GLY 4   -2  ?   ?   ?   A . n 
A 1 5   MET 5   -1  ?   ?   ?   A . n 
A 1 6   ALA 6   0   0   ALA ALA A . n 
A 1 7   MET 7   1   1   MET MET A . n 
A 1 8   GLU 8   2   2   GLU GLU A . n 
A 1 9   ASP 9   3   3   ASP ASP A . n 
A 1 10  PHE 10  4   4   PHE PHE A . n 
A 1 11  VAL 11  5   5   VAL VAL A . n 
A 1 12  ARG 12  6   6   ARG ARG A . n 
A 1 13  GLN 13  7   7   GLN GLN A . n 
A 1 14  CYS 14  8   8   CYS CYS A . n 
A 1 15  PHE 15  9   9   PHE PHE A . n 
A 1 16  ASN 16  10  10  ASN ASN A . n 
A 1 17  PRO 17  11  11  PRO PRO A . n 
A 1 18  MET 18  12  12  MET MET A . n 
A 1 19  ILE 19  13  13  ILE ILE A . n 
A 1 20  VAL 20  14  14  VAL VAL A . n 
A 1 21  GLU 21  15  15  GLU GLU A . n 
A 1 22  LEU 22  16  16  LEU LEU A . n 
A 1 23  ALA 23  17  17  ALA ALA A . n 
A 1 24  GLU 24  18  18  GLU GLU A . n 
A 1 25  LYS 25  19  19  LYS LYS A . n 
A 1 26  ALA 26  20  20  ALA ALA A . n 
A 1 27  MET 27  21  21  MET MET A . n 
A 1 28  LYS 28  22  22  LYS LYS A . n 
A 1 29  GLU 29  23  23  GLU GLU A . n 
A 1 30  TYR 30  24  24  TYR TYR A . n 
A 1 31  GLY 31  25  25  GLY GLY A . n 
A 1 32  GLU 32  26  26  GLU GLU A . n 
A 1 33  ASP 33  27  27  ASP ASP A . n 
A 1 34  PRO 34  28  28  PRO PRO A . n 
A 1 35  LYS 35  29  29  LYS LYS A . n 
A 1 36  ILE 36  30  30  ILE ILE A . n 
A 1 37  GLU 37  31  31  GLU GLU A . n 
A 1 38  THR 38  32  32  THR THR A . n 
A 1 39  ASN 39  33  33  ASN ASN A . n 
A 1 40  LYS 40  34  34  LYS LYS A . n 
A 1 41  PHE 41  35  35  PHE PHE A . n 
A 1 42  ALA 42  36  36  ALA ALA A . n 
A 1 43  ALA 43  37  37  ALA ALA A . n 
A 1 44  ILE 44  38  38  ILE ILE A . n 
A 1 45  CYS 45  39  39  CYS CYS A . n 
A 1 46  THR 46  40  40  THR THR A . n 
A 1 47  HIS 47  41  41  HIS HIS A . n 
A 1 48  LEU 48  42  42  LEU LEU A . n 
A 1 49  GLU 49  43  43  GLU GLU A . n 
A 1 50  VAL 50  44  44  VAL VAL A . n 
A 1 51  CYS 51  45  45  CYS CYS A . n 
A 1 52  PHE 52  46  46  PHE PHE A . n 
A 1 53  MET 53  47  47  MET MET A . n 
A 1 54  TYR 54  48  48  TYR TYR A . n 
A 1 55  SER 55  49  49  SER SER A . n 
A 1 56  ASP 56  50  50  ASP ASP A . n 
A 1 57  PHE 57  51  51  PHE PHE A . n 
A 1 58  GLY 58  52  52  GLY GLY A . n 
A 1 59  SER 59  65  ?   ?   ?   A . n 
A 1 60  GLY 60  66  ?   ?   ?   A . n 
A 1 61  ASP 61  67  ?   ?   ?   A . n 
A 1 62  PRO 62  68  ?   ?   ?   A . n 
A 1 63  ASN 63  69  ?   ?   ?   A . n 
A 1 64  ALA 64  70  ?   ?   ?   A . n 
A 1 65  LEU 65  71  ?   ?   ?   A . n 
A 1 66  LEU 66  72  ?   ?   ?   A . n 
A 1 67  LYS 67  73  ?   ?   ?   A . n 
A 1 68  HIS 68  74  74  HIS HIS A . n 
A 1 69  ARG 69  75  75  ARG ARG A . n 
A 1 70  PHE 70  76  76  PHE PHE A . n 
A 1 71  GLU 71  77  77  GLU GLU A . n 
A 1 72  ILE 72  78  78  ILE ILE A . n 
A 1 73  ILE 73  79  79  ILE ILE A . n 
A 1 74  GLU 74  80  80  GLU GLU A . n 
A 1 75  GLY 75  81  81  GLY GLY A . n 
A 1 76  ARG 76  82  82  ARG ARG A . n 
A 1 77  ASP 77  83  83  ASP ASP A . n 
A 1 78  ARG 78  84  84  ARG ARG A . n 
A 1 79  ILE 79  85  85  ILE ILE A . n 
A 1 80  MET 80  86  86  MET MET A . n 
A 1 81  ALA 81  87  87  ALA ALA A . n 
A 1 82  TRP 82  88  88  TRP TRP A . n 
A 1 83  THR 83  89  89  THR THR A . n 
A 1 84  VAL 84  90  90  VAL VAL A . n 
A 1 85  VAL 85  91  91  VAL VAL A . n 
A 1 86  ASN 86  92  92  ASN ASN A . n 
A 1 87  SER 87  93  93  SER SER A . n 
A 1 88  ILE 88  94  94  ILE ILE A . n 
A 1 89  CYS 89  95  95  CYS CYS A . n 
A 1 90  ASN 90  96  96  ASN ASN A . n 
A 1 91  THR 91  97  97  THR THR A . n 
A 1 92  THR 92  98  98  THR THR A . n 
A 1 93  GLY 93  99  99  GLY GLY A . n 
A 1 94  VAL 94  100 100 VAL VAL A . n 
A 1 95  GLU 95  101 101 GLU GLU A . n 
A 1 96  LYS 96  102 102 LYS LYS A . n 
A 1 97  PRO 97  103 103 PRO PRO A . n 
A 1 98  LYS 98  104 104 LYS LYS A . n 
A 1 99  PHE 99  105 105 PHE PHE A . n 
A 1 100 LEU 100 106 106 LEU LEU A . n 
A 1 101 PRO 101 107 107 PRO PRO A . n 
A 1 102 ASP 102 108 108 ASP ASP A . n 
A 1 103 LEU 103 109 109 LEU LEU A . n 
A 1 104 TYR 104 110 110 TYR TYR A . n 
A 1 105 ASP 105 111 111 ASP ASP A . n 
A 1 106 TYR 106 112 112 TYR TYR A . n 
A 1 107 LYS 107 113 113 LYS LYS A . n 
A 1 108 GLU 108 114 114 GLU GLU A . n 
A 1 109 ASN 109 115 115 ASN ASN A . n 
A 1 110 ARG 110 116 116 ARG ARG A . n 
A 1 111 PHE 111 117 117 PHE PHE A . n 
A 1 112 ILE 112 118 118 ILE ILE A . n 
A 1 113 GLU 113 119 119 GLU GLU A . n 
A 1 114 ILE 114 120 120 ILE ILE A . n 
A 1 115 GLY 115 121 121 GLY GLY A . n 
A 1 116 VAL 116 122 122 VAL VAL A . n 
A 1 117 THR 117 123 123 THR THR A . n 
A 1 118 ARG 118 124 124 ARG ARG A . n 
A 1 119 ARG 119 125 125 ARG ARG A . n 
A 1 120 GLU 120 126 126 GLU GLU A . n 
A 1 121 VAL 121 127 127 VAL VAL A . n 
A 1 122 HIS 122 128 128 HIS HIS A . n 
A 1 123 ILE 123 129 129 ILE ILE A . n 
A 1 124 TYR 124 130 130 TYR TYR A . n 
A 1 125 TYR 125 131 131 TYR TYR A . n 
A 1 126 LEU 126 132 132 LEU LEU A . n 
A 1 127 GLU 127 133 133 GLU GLU A . n 
A 1 128 LYS 128 134 134 LYS LYS A . n 
A 1 129 ALA 129 135 135 ALA ALA A . n 
A 1 130 ASN 130 136 136 ASN ASN A . n 
A 1 131 LYS 131 137 137 LYS LYS A . n 
A 1 132 ILE 132 138 138 ILE ILE A . n 
A 1 133 LYS 133 139 ?   ?   ?   A . n 
A 1 134 SER 134 140 ?   ?   ?   A . n 
A 1 135 GLU 135 141 141 GLU GLU A . n 
A 1 136 LYS 136 142 142 LYS LYS A . n 
A 1 137 THR 137 143 143 THR THR A . n 
A 1 138 HIS 138 144 144 HIS HIS A . n 
A 1 139 ILE 139 145 145 ILE ILE A . n 
A 1 140 HIS 140 146 146 HIS HIS A . n 
A 1 141 ILE 141 147 147 ILE ILE A . n 
A 1 142 PHE 142 148 148 PHE PHE A . n 
A 1 143 SER 143 149 149 SER SER A . n 
A 1 144 PHE 144 150 150 PHE PHE A . n 
A 1 145 THR 145 151 151 THR THR A . n 
A 1 146 GLY 146 152 152 GLY GLY A . n 
A 1 147 GLU 147 153 153 GLU GLU A . n 
A 1 148 GLU 148 154 154 GLU GLU A . n 
A 1 149 MET 149 155 155 MET MET A . n 
A 1 150 ALA 150 156 156 ALA ALA A . n 
A 1 151 THR 151 157 157 THR THR A . n 
A 1 152 LYS 152 158 158 LYS LYS A . n 
A 1 153 ALA 153 159 159 ALA ALA A . n 
A 1 154 ASP 154 160 160 ASP ASP A . n 
A 1 155 TYR 155 161 161 TYR TYR A . n 
A 1 156 THR 156 162 162 THR THR A . n 
A 1 157 LEU 157 163 163 LEU LEU A . n 
A 1 158 ASP 158 164 164 ASP ASP A . n 
A 1 159 GLU 159 165 165 GLU GLU A . n 
A 1 160 GLU 160 166 166 GLU GLU A . n 
A 1 161 SER 161 167 167 SER SER A . n 
A 1 162 ARG 162 168 168 ARG ARG A . n 
A 1 163 ALA 163 169 169 ALA ALA A . n 
A 1 164 ARG 164 170 170 ARG ARG A . n 
A 1 165 ILE 165 171 171 ILE ILE A . n 
A 1 166 LYS 166 172 172 LYS LYS A . n 
A 1 167 THR 167 173 173 THR THR A . n 
A 1 168 ARG 168 174 174 ARG ARG A . n 
A 1 169 LEU 169 175 175 LEU LEU A . n 
A 1 170 PHE 170 176 176 PHE PHE A . n 
A 1 171 THR 171 177 177 THR THR A . n 
A 1 172 ILE 172 178 178 ILE ILE A . n 
A 1 173 ARG 173 179 179 ARG ARG A . n 
A 1 174 GLN 174 180 180 GLN GLN A . n 
A 1 175 GLU 175 181 181 GLU GLU A . n 
A 1 176 MET 176 182 182 MET MET A . n 
A 1 177 ALA 177 183 183 ALA ALA A . n 
A 1 178 SER 178 184 184 SER SER A . n 
A 1 179 ARG 179 185 185 ARG ARG A . n 
A 1 180 SER 180 186 186 SER SER A . n 
A 1 181 LEU 181 187 187 LEU LEU A . n 
A 1 182 TRP 182 188 188 TRP TRP A . n 
A 1 183 ASP 183 189 189 ASP ASP A . n 
A 1 184 SER 184 190 190 SER SER A . n 
A 1 185 PHE 185 191 191 PHE PHE A . n 
A 1 186 ARG 186 192 192 ARG ARG A . n 
A 1 187 GLN 187 193 193 GLN GLN A . n 
A 1 188 SER 188 194 194 SER SER A . n 
A 1 189 GLU 189 195 195 GLU GLU A . n 
A 1 190 ARG 190 196 196 ARG ARG A . n 
A 1 191 GLY 191 197 ?   ?   ?   A . n 
A 1 192 GLU 192 198 ?   ?   ?   A . n 
# 
loop_
_pdbx_nonpoly_scheme.asym_id 
_pdbx_nonpoly_scheme.entity_id 
_pdbx_nonpoly_scheme.mon_id 
_pdbx_nonpoly_scheme.ndb_seq_num 
_pdbx_nonpoly_scheme.pdb_seq_num 
_pdbx_nonpoly_scheme.auth_seq_num 
_pdbx_nonpoly_scheme.pdb_mon_id 
_pdbx_nonpoly_scheme.auth_mon_id 
_pdbx_nonpoly_scheme.pdb_strand_id 
_pdbx_nonpoly_scheme.pdb_ins_code 
B 2 MN  1 901  901 MN  MN  A . 
C 2 MN  1 902  902 MN  MN  A . 
D 3 HO1 1 903  1   HO1 DRG A . 
E 3 HO1 1 904  5   HO1 DRG A . 
F 4 HOH 1 1001 8   HOH HOH A . 
F 4 HOH 2 1002 1   HOH HOH A . 
F 4 HOH 3 1003 4   HOH HOH A . 
F 4 HOH 4 1004 6   HOH HOH A . 
F 4 HOH 5 1005 11  HOH HOH A . 
# 
_pdbx_struct_assembly.id                   1 
_pdbx_struct_assembly.details              author_and_software_defined_assembly 
_pdbx_struct_assembly.method_details       PISA 
_pdbx_struct_assembly.oligomeric_details   monomeric 
_pdbx_struct_assembly.oligomeric_count     1 
# 
_pdbx_struct_assembly_gen.assembly_id       1 
_pdbx_struct_assembly_gen.oper_expression   1 
_pdbx_struct_assembly_gen.asym_id_list      A,B,C,D,E,F 
# 
loop_
_pdbx_struct_assembly_prop.biol_id 
_pdbx_struct_assembly_prop.type 
_pdbx_struct_assembly_prop.value 
_pdbx_struct_assembly_prop.details 
1 'ABSA (A^2)' 150  ? 
1 MORE         -7   ? 
1 'SSA (A^2)'  9360 ? 
# 
_pdbx_struct_oper_list.id                   1 
_pdbx_struct_oper_list.type                 'identity operation' 
_pdbx_struct_oper_list.name                 1_555 
_pdbx_struct_oper_list.symmetry_operation   x,y,z 
_pdbx_struct_oper_list.matrix[1][1]         1.0000000000 
_pdbx_struct_oper_list.matrix[1][2]         0.0000000000 
_pdbx_struct_oper_list.matrix[1][3]         0.0000000000 
_pdbx_struct_oper_list.vector[1]            0.0000000000 
_pdbx_struct_oper_list.matrix[2][1]         0.0000000000 
_pdbx_struct_oper_list.matrix[2][2]         1.0000000000 
_pdbx_struct_oper_list.matrix[2][3]         0.0000000000 
_pdbx_struct_oper_list.vector[2]            0.0000000000 
_pdbx_struct_oper_list.matrix[3][1]         0.0000000000 
_pdbx_struct_oper_list.matrix[3][2]         0.0000000000 
_pdbx_struct_oper_list.matrix[3][3]         1.0000000000 
_pdbx_struct_oper_list.vector[3]            0.0000000000 
# 
loop_
_pdbx_struct_conn_angle.id 
_pdbx_struct_conn_angle.ptnr1_label_atom_id 
_pdbx_struct_conn_angle.ptnr1_label_alt_id 
_pdbx_struct_conn_angle.ptnr1_label_asym_id 
_pdbx_struct_conn_angle.ptnr1_label_comp_id 
_pdbx_struct_conn_angle.ptnr1_label_seq_id 
_pdbx_struct_conn_angle.ptnr1_auth_atom_id 
_pdbx_struct_conn_angle.ptnr1_auth_asym_id 
_pdbx_struct_conn_angle.ptnr1_auth_comp_id 
_pdbx_struct_conn_angle.ptnr1_auth_seq_id 
_pdbx_struct_conn_angle.ptnr1_PDB_ins_code 
_pdbx_struct_conn_angle.ptnr1_symmetry 
_pdbx_struct_conn_angle.ptnr2_label_atom_id 
_pdbx_struct_conn_angle.ptnr2_label_alt_id 
_pdbx_struct_conn_angle.ptnr2_label_asym_id 
_pdbx_struct_conn_angle.ptnr2_label_comp_id 
_pdbx_struct_conn_angle.ptnr2_label_seq_id 
_pdbx_struct_conn_angle.ptnr2_auth_atom_id 
_pdbx_struct_conn_angle.ptnr2_auth_asym_id 
_pdbx_struct_conn_angle.ptnr2_auth_comp_id 
_pdbx_struct_conn_angle.ptnr2_auth_seq_id 
_pdbx_struct_conn_angle.ptnr2_PDB_ins_code 
_pdbx_struct_conn_angle.ptnr2_symmetry 
_pdbx_struct_conn_angle.ptnr3_label_atom_id 
_pdbx_struct_conn_angle.ptnr3_label_alt_id 
_pdbx_struct_conn_angle.ptnr3_label_asym_id 
_pdbx_struct_conn_angle.ptnr3_label_comp_id 
_pdbx_struct_conn_angle.ptnr3_label_seq_id 
_pdbx_struct_conn_angle.ptnr3_auth_atom_id 
_pdbx_struct_conn_angle.ptnr3_auth_asym_id 
_pdbx_struct_conn_angle.ptnr3_auth_comp_id 
_pdbx_struct_conn_angle.ptnr3_auth_seq_id 
_pdbx_struct_conn_angle.ptnr3_PDB_ins_code 
_pdbx_struct_conn_angle.ptnr3_symmetry 
_pdbx_struct_conn_angle.value 
_pdbx_struct_conn_angle.value_esd 
1  NE2 ? A HIS 47  ? A HIS 41  ? 1_555 MN ? B MN . ? A MN 901 ? 1_555 OD2 ? A ASP 102 ? A ASP 108 ? 1_555 101.1 ? 
2  NE2 ? A HIS 47  ? A HIS 41  ? 1_555 MN ? B MN . ? A MN 901 ? 1_555 OE2 ? A GLU 113 ? A GLU 119 ? 1_555 171.9 ? 
3  OD2 ? A ASP 102 ? A ASP 108 ? 1_555 MN ? B MN . ? A MN 901 ? 1_555 OE2 ? A GLU 113 ? A GLU 119 ? 1_555 83.7  ? 
4  NE2 ? A HIS 47  ? A HIS 41  ? 1_555 MN ? B MN . ? A MN 901 ? 1_555 O   ? A ILE 114 ? A ILE 120 ? 1_555 82.4  ? 
5  OD2 ? A ASP 102 ? A ASP 108 ? 1_555 MN ? B MN . ? A MN 901 ? 1_555 O   ? A ILE 114 ? A ILE 120 ? 1_555 92.2  ? 
6  OE2 ? A GLU 113 ? A GLU 119 ? 1_555 MN ? B MN . ? A MN 901 ? 1_555 O   ? A ILE 114 ? A ILE 120 ? 1_555 90.9  ? 
7  NE2 ? A HIS 47  ? A HIS 41  ? 1_555 MN ? B MN . ? A MN 901 ? 1_555 OAD ? D HO1 .   ? A HO1 903 ? 1_555 93.8  ? 
8  OD2 ? A ASP 102 ? A ASP 108 ? 1_555 MN ? B MN . ? A MN 901 ? 1_555 OAD ? D HO1 .   ? A HO1 903 ? 1_555 100.4 ? 
9  OE2 ? A GLU 113 ? A GLU 119 ? 1_555 MN ? B MN . ? A MN 901 ? 1_555 OAD ? D HO1 .   ? A HO1 903 ? 1_555 91.8  ? 
10 O   ? A ILE 114 ? A ILE 120 ? 1_555 MN ? B MN . ? A MN 901 ? 1_555 OAD ? D HO1 .   ? A HO1 903 ? 1_555 167.4 ? 
11 NE2 ? A HIS 47  ? A HIS 41  ? 1_555 MN ? B MN . ? A MN 901 ? 1_555 OAB ? D HO1 .   ? A HO1 903 ? 1_555 85.5  ? 
12 OD2 ? A ASP 102 ? A ASP 108 ? 1_555 MN ? B MN . ? A MN 901 ? 1_555 OAB ? D HO1 .   ? A HO1 903 ? 1_555 172.9 ? 
13 OE2 ? A GLU 113 ? A GLU 119 ? 1_555 MN ? B MN . ? A MN 901 ? 1_555 OAB ? D HO1 .   ? A HO1 903 ? 1_555 90.1  ? 
14 O   ? A ILE 114 ? A ILE 120 ? 1_555 MN ? B MN . ? A MN 901 ? 1_555 OAB ? D HO1 .   ? A HO1 903 ? 1_555 91.3  ? 
15 OAD ? D HO1 .   ? A HO1 903 ? 1_555 MN ? B MN . ? A MN 901 ? 1_555 OAB ? D HO1 .   ? A HO1 903 ? 1_555 76.4  ? 
16 OE2 ? A GLU 74  ? A GLU 80  ? 1_555 MN ? C MN . ? A MN 902 ? 1_555 OD1 ? A ASP 102 ? A ASP 108 ? 1_555 82.4  ? 
17 OE2 ? A GLU 74  ? A GLU 80  ? 1_555 MN ? C MN . ? A MN 902 ? 1_555 OAC ? D HO1 .   ? A HO1 903 ? 1_555 92.6  ? 
18 OD1 ? A ASP 102 ? A ASP 108 ? 1_555 MN ? C MN . ? A MN 902 ? 1_555 OAC ? D HO1 .   ? A HO1 903 ? 1_555 164.0 ? 
19 OE2 ? A GLU 74  ? A GLU 80  ? 1_555 MN ? C MN . ? A MN 902 ? 1_555 OAD ? D HO1 .   ? A HO1 903 ? 1_555 101.7 ? 
20 OD1 ? A ASP 102 ? A ASP 108 ? 1_555 MN ? C MN . ? A MN 902 ? 1_555 OAD ? D HO1 .   ? A HO1 903 ? 1_555 81.9  ? 
21 OAC ? D HO1 .   ? A HO1 903 ? 1_555 MN ? C MN . ? A MN 902 ? 1_555 OAD ? D HO1 .   ? A HO1 903 ? 1_555 84.3  ? 
# 
loop_
_pdbx_audit_revision_history.ordinal 
_pdbx_audit_revision_history.data_content_type 
_pdbx_audit_revision_history.major_revision 
_pdbx_audit_revision_history.minor_revision 
_pdbx_audit_revision_history.revision_date 
1 'Structure model' 1 0 2019-07-17 
2 'Structure model' 1 1 2020-01-01 
3 'Structure model' 1 2 2020-01-29 
4 'Structure model' 1 3 2023-10-11 
# 
_pdbx_audit_revision_details.ordinal             1 
_pdbx_audit_revision_details.revision_ordinal    1 
_pdbx_audit_revision_details.data_content_type   'Structure model' 
_pdbx_audit_revision_details.provider            repository 
_pdbx_audit_revision_details.type                'Initial release' 
_pdbx_audit_revision_details.description         ? 
_pdbx_audit_revision_details.details             ? 
# 
loop_
_pdbx_audit_revision_group.ordinal 
_pdbx_audit_revision_group.revision_ordinal 
_pdbx_audit_revision_group.data_content_type 
_pdbx_audit_revision_group.group 
1 2 'Structure model' 'Author supporting evidence' 
2 3 'Structure model' 'Database references'        
3 4 'Structure model' 'Data collection'            
4 4 'Structure model' 'Database references'        
5 4 'Structure model' 'Derived calculations'       
6 4 'Structure model' 'Refinement description'     
# 
loop_
_pdbx_audit_revision_category.ordinal 
_pdbx_audit_revision_category.revision_ordinal 
_pdbx_audit_revision_category.data_content_type 
_pdbx_audit_revision_category.category 
1 2 'Structure model' pdbx_audit_support            
2 3 'Structure model' citation                      
3 3 'Structure model' citation_author               
4 4 'Structure model' chem_comp_atom                
5 4 'Structure model' chem_comp_bond                
6 4 'Structure model' database_2                    
7 4 'Structure model' pdbx_initial_refinement_model 
8 4 'Structure model' struct_conn                   
# 
loop_
_pdbx_audit_revision_item.ordinal 
_pdbx_audit_revision_item.revision_ordinal 
_pdbx_audit_revision_item.data_content_type 
_pdbx_audit_revision_item.item 
1  2 'Structure model' '_pdbx_audit_support.funding_organization' 
2  3 'Structure model' '_citation.country'                        
3  3 'Structure model' '_citation.journal_abbrev'                 
4  3 'Structure model' '_citation.journal_id_ASTM'                
5  3 'Structure model' '_citation.journal_id_CSD'                 
6  3 'Structure model' '_citation.journal_id_ISSN'                
7  3 'Structure model' '_citation.journal_volume'                 
8  3 'Structure model' '_citation.page_first'                     
9  3 'Structure model' '_citation.page_last'                      
10 3 'Structure model' '_citation.pdbx_database_id_DOI'           
11 3 'Structure model' '_citation.pdbx_database_id_PubMed'        
12 3 'Structure model' '_citation.title'                          
13 3 'Structure model' '_citation.year'                           
14 4 'Structure model' '_database_2.pdbx_DOI'                     
15 4 'Structure model' '_database_2.pdbx_database_accession'      
16 4 'Structure model' '_struct_conn.pdbx_dist_value'             
17 4 'Structure model' '_struct_conn.ptnr1_label_atom_id'         
18 4 'Structure model' '_struct_conn.ptnr2_auth_seq_id'           
19 4 'Structure model' '_struct_conn.ptnr2_label_asym_id'         
# 
loop_
_software.citation_id 
_software.classification 
_software.compiler_name 
_software.compiler_version 
_software.contact_author 
_software.contact_author_email 
_software.date 
_software.description 
_software.dependencies 
_software.hardware 
_software.language 
_software.location 
_software.mods 
_software.name 
_software.os 
_software.os_version 
_software.type 
_software.version 
_software.pdbx_ordinal 
? refinement       ? ? ? ? ? ? ? ? ? ? ? REFMAC ? ? ? 5.8.0230 1 
? 'data reduction' ? ? ? ? ? ? ? ? ? ? ? APEX   ? ? ? .        2 
? 'data scaling'   ? ? ? ? ? ? ? ? ? ? ? APEX   ? ? ? .        3 
? phasing          ? ? ? ? ? ? ? ? ? ? ? PHASER ? ? ? .        4 
# 
loop_
_pdbx_validate_torsion.id 
_pdbx_validate_torsion.PDB_model_num 
_pdbx_validate_torsion.auth_comp_id 
_pdbx_validate_torsion.auth_asym_id 
_pdbx_validate_torsion.auth_seq_id 
_pdbx_validate_torsion.PDB_ins_code 
_pdbx_validate_torsion.label_alt_id 
_pdbx_validate_torsion.phi 
_pdbx_validate_torsion.psi 
1 1 THR A 98  ? ? -133.04 -31.51  
2 1 ARG A 125 ? ? -98.10  -158.85 
3 1 LYS A 158 ? ? 52.13   20.00   
4 1 THR A 162 ? ? 65.18   -53.48  
# 
_pdbx_validate_planes.id              1 
_pdbx_validate_planes.PDB_model_num   1 
_pdbx_validate_planes.auth_comp_id    ARG 
_pdbx_validate_planes.auth_asym_id    A 
_pdbx_validate_planes.auth_seq_id     124 
_pdbx_validate_planes.PDB_ins_code    ? 
_pdbx_validate_planes.label_alt_id    ? 
_pdbx_validate_planes.rmsd            0.129 
_pdbx_validate_planes.type            'SIDE CHAIN' 
# 
loop_
_pdbx_unobs_or_zero_occ_residues.id 
_pdbx_unobs_or_zero_occ_residues.PDB_model_num 
_pdbx_unobs_or_zero_occ_residues.polymer_flag 
_pdbx_unobs_or_zero_occ_residues.occupancy_flag 
_pdbx_unobs_or_zero_occ_residues.auth_asym_id 
_pdbx_unobs_or_zero_occ_residues.auth_comp_id 
_pdbx_unobs_or_zero_occ_residues.auth_seq_id 
_pdbx_unobs_or_zero_occ_residues.PDB_ins_code 
_pdbx_unobs_or_zero_occ_residues.label_asym_id 
_pdbx_unobs_or_zero_occ_residues.label_comp_id 
_pdbx_unobs_or_zero_occ_residues.label_seq_id 
1  1 Y 1 A MET -5  ? A MET 1   
2  1 Y 1 A GLY -4  ? A GLY 2   
3  1 Y 1 A SER -3  ? A SER 3   
4  1 Y 1 A GLY -2  ? A GLY 4   
5  1 Y 1 A MET -1  ? A MET 5   
6  1 Y 1 A SER 65  ? A SER 59  
7  1 Y 1 A GLY 66  ? A GLY 60  
8  1 Y 1 A ASP 67  ? A ASP 61  
9  1 Y 1 A PRO 68  ? A PRO 62  
10 1 Y 1 A ASN 69  ? A ASN 63  
11 1 Y 1 A ALA 70  ? A ALA 64  
12 1 Y 1 A LEU 71  ? A LEU 65  
13 1 Y 1 A LEU 72  ? A LEU 66  
14 1 Y 1 A LYS 73  ? A LYS 67  
15 1 Y 1 A LYS 139 ? A LYS 133 
16 1 Y 1 A SER 140 ? A SER 134 
17 1 Y 1 A GLY 197 ? A GLY 191 
18 1 Y 1 A GLU 198 ? A GLU 192 
# 
loop_
_chem_comp_atom.comp_id 
_chem_comp_atom.atom_id 
_chem_comp_atom.type_symbol 
_chem_comp_atom.pdbx_aromatic_flag 
_chem_comp_atom.pdbx_stereo_config 
_chem_comp_atom.pdbx_ordinal 
ALA N    N  N N 1   
ALA CA   C  N S 2   
ALA C    C  N N 3   
ALA O    O  N N 4   
ALA CB   C  N N 5   
ALA OXT  O  N N 6   
ALA H    H  N N 7   
ALA H2   H  N N 8   
ALA HA   H  N N 9   
ALA HB1  H  N N 10  
ALA HB2  H  N N 11  
ALA HB3  H  N N 12  
ALA HXT  H  N N 13  
ARG N    N  N N 14  
ARG CA   C  N S 15  
ARG C    C  N N 16  
ARG O    O  N N 17  
ARG CB   C  N N 18  
ARG CG   C  N N 19  
ARG CD   C  N N 20  
ARG NE   N  N N 21  
ARG CZ   C  N N 22  
ARG NH1  N  N N 23  
ARG NH2  N  N N 24  
ARG OXT  O  N N 25  
ARG H    H  N N 26  
ARG H2   H  N N 27  
ARG HA   H  N N 28  
ARG HB2  H  N N 29  
ARG HB3  H  N N 30  
ARG HG2  H  N N 31  
ARG HG3  H  N N 32  
ARG HD2  H  N N 33  
ARG HD3  H  N N 34  
ARG HE   H  N N 35  
ARG HH11 H  N N 36  
ARG HH12 H  N N 37  
ARG HH21 H  N N 38  
ARG HH22 H  N N 39  
ARG HXT  H  N N 40  
ASN N    N  N N 41  
ASN CA   C  N S 42  
ASN C    C  N N 43  
ASN O    O  N N 44  
ASN CB   C  N N 45  
ASN CG   C  N N 46  
ASN OD1  O  N N 47  
ASN ND2  N  N N 48  
ASN OXT  O  N N 49  
ASN H    H  N N 50  
ASN H2   H  N N 51  
ASN HA   H  N N 52  
ASN HB2  H  N N 53  
ASN HB3  H  N N 54  
ASN HD21 H  N N 55  
ASN HD22 H  N N 56  
ASN HXT  H  N N 57  
ASP N    N  N N 58  
ASP CA   C  N S 59  
ASP C    C  N N 60  
ASP O    O  N N 61  
ASP CB   C  N N 62  
ASP CG   C  N N 63  
ASP OD1  O  N N 64  
ASP OD2  O  N N 65  
ASP OXT  O  N N 66  
ASP H    H  N N 67  
ASP H2   H  N N 68  
ASP HA   H  N N 69  
ASP HB2  H  N N 70  
ASP HB3  H  N N 71  
ASP HD2  H  N N 72  
ASP HXT  H  N N 73  
CYS N    N  N N 74  
CYS CA   C  N R 75  
CYS C    C  N N 76  
CYS O    O  N N 77  
CYS CB   C  N N 78  
CYS SG   S  N N 79  
CYS OXT  O  N N 80  
CYS H    H  N N 81  
CYS H2   H  N N 82  
CYS HA   H  N N 83  
CYS HB2  H  N N 84  
CYS HB3  H  N N 85  
CYS HG   H  N N 86  
CYS HXT  H  N N 87  
GLN N    N  N N 88  
GLN CA   C  N S 89  
GLN C    C  N N 90  
GLN O    O  N N 91  
GLN CB   C  N N 92  
GLN CG   C  N N 93  
GLN CD   C  N N 94  
GLN OE1  O  N N 95  
GLN NE2  N  N N 96  
GLN OXT  O  N N 97  
GLN H    H  N N 98  
GLN H2   H  N N 99  
GLN HA   H  N N 100 
GLN HB2  H  N N 101 
GLN HB3  H  N N 102 
GLN HG2  H  N N 103 
GLN HG3  H  N N 104 
GLN HE21 H  N N 105 
GLN HE22 H  N N 106 
GLN HXT  H  N N 107 
GLU N    N  N N 108 
GLU CA   C  N S 109 
GLU C    C  N N 110 
GLU O    O  N N 111 
GLU CB   C  N N 112 
GLU CG   C  N N 113 
GLU CD   C  N N 114 
GLU OE1  O  N N 115 
GLU OE2  O  N N 116 
GLU OXT  O  N N 117 
GLU H    H  N N 118 
GLU H2   H  N N 119 
GLU HA   H  N N 120 
GLU HB2  H  N N 121 
GLU HB3  H  N N 122 
GLU HG2  H  N N 123 
GLU HG3  H  N N 124 
GLU HE2  H  N N 125 
GLU HXT  H  N N 126 
GLY N    N  N N 127 
GLY CA   C  N N 128 
GLY C    C  N N 129 
GLY O    O  N N 130 
GLY OXT  O  N N 131 
GLY H    H  N N 132 
GLY H2   H  N N 133 
GLY HA2  H  N N 134 
GLY HA3  H  N N 135 
GLY HXT  H  N N 136 
HIS N    N  N N 137 
HIS CA   C  N S 138 
HIS C    C  N N 139 
HIS O    O  N N 140 
HIS CB   C  N N 141 
HIS CG   C  Y N 142 
HIS ND1  N  Y N 143 
HIS CD2  C  Y N 144 
HIS CE1  C  Y N 145 
HIS NE2  N  Y N 146 
HIS OXT  O  N N 147 
HIS H    H  N N 148 
HIS H2   H  N N 149 
HIS HA   H  N N 150 
HIS HB2  H  N N 151 
HIS HB3  H  N N 152 
HIS HD1  H  N N 153 
HIS HD2  H  N N 154 
HIS HE1  H  N N 155 
HIS HE2  H  N N 156 
HIS HXT  H  N N 157 
HO1 OAA  O  N N 158 
HO1 CAO  C  N N 159 
HO1 OAC  O  N N 160 
HO1 CAU  C  N N 161 
HO1 NAN  N  N N 162 
HO1 CAS  C  N N 163 
HO1 OAD  O  N N 164 
HO1 CAV  C  N N 165 
HO1 OAB  O  N N 166 
HO1 CAI  C  N N 167 
HO1 CAR  C  N N 168 
HO1 CAP  C  Y N 169 
HO1 CAH  C  Y N 170 
HO1 CAF  C  Y N 171 
HO1 CAE  C  Y N 172 
HO1 CAG  C  Y N 173 
HO1 CAQ  C  Y N 174 
HO1 CAT  C  Y N 175 
HO1 NAM  N  Y N 176 
HO1 NAK  N  Y N 177 
HO1 NAJ  N  Y N 178 
HO1 NAL  N  Y N 179 
HO1 H1   H  N N 180 
HO1 H2   H  N N 181 
HO1 H3   H  N N 182 
HO1 H4   H  N N 183 
HO1 H5   H  N N 184 
HO1 H6   H  N N 185 
HO1 H7   H  N N 186 
HO1 H8   H  N N 187 
HO1 H9   H  N N 188 
HOH O    O  N N 189 
HOH H1   H  N N 190 
HOH H2   H  N N 191 
ILE N    N  N N 192 
ILE CA   C  N S 193 
ILE C    C  N N 194 
ILE O    O  N N 195 
ILE CB   C  N S 196 
ILE CG1  C  N N 197 
ILE CG2  C  N N 198 
ILE CD1  C  N N 199 
ILE OXT  O  N N 200 
ILE H    H  N N 201 
ILE H2   H  N N 202 
ILE HA   H  N N 203 
ILE HB   H  N N 204 
ILE HG12 H  N N 205 
ILE HG13 H  N N 206 
ILE HG21 H  N N 207 
ILE HG22 H  N N 208 
ILE HG23 H  N N 209 
ILE HD11 H  N N 210 
ILE HD12 H  N N 211 
ILE HD13 H  N N 212 
ILE HXT  H  N N 213 
LEU N    N  N N 214 
LEU CA   C  N S 215 
LEU C    C  N N 216 
LEU O    O  N N 217 
LEU CB   C  N N 218 
LEU CG   C  N N 219 
LEU CD1  C  N N 220 
LEU CD2  C  N N 221 
LEU OXT  O  N N 222 
LEU H    H  N N 223 
LEU H2   H  N N 224 
LEU HA   H  N N 225 
LEU HB2  H  N N 226 
LEU HB3  H  N N 227 
LEU HG   H  N N 228 
LEU HD11 H  N N 229 
LEU HD12 H  N N 230 
LEU HD13 H  N N 231 
LEU HD21 H  N N 232 
LEU HD22 H  N N 233 
LEU HD23 H  N N 234 
LEU HXT  H  N N 235 
LYS N    N  N N 236 
LYS CA   C  N S 237 
LYS C    C  N N 238 
LYS O    O  N N 239 
LYS CB   C  N N 240 
LYS CG   C  N N 241 
LYS CD   C  N N 242 
LYS CE   C  N N 243 
LYS NZ   N  N N 244 
LYS OXT  O  N N 245 
LYS H    H  N N 246 
LYS H2   H  N N 247 
LYS HA   H  N N 248 
LYS HB2  H  N N 249 
LYS HB3  H  N N 250 
LYS HG2  H  N N 251 
LYS HG3  H  N N 252 
LYS HD2  H  N N 253 
LYS HD3  H  N N 254 
LYS HE2  H  N N 255 
LYS HE3  H  N N 256 
LYS HZ1  H  N N 257 
LYS HZ2  H  N N 258 
LYS HZ3  H  N N 259 
LYS HXT  H  N N 260 
MET N    N  N N 261 
MET CA   C  N S 262 
MET C    C  N N 263 
MET O    O  N N 264 
MET CB   C  N N 265 
MET CG   C  N N 266 
MET SD   S  N N 267 
MET CE   C  N N 268 
MET OXT  O  N N 269 
MET H    H  N N 270 
MET H2   H  N N 271 
MET HA   H  N N 272 
MET HB2  H  N N 273 
MET HB3  H  N N 274 
MET HG2  H  N N 275 
MET HG3  H  N N 276 
MET HE1  H  N N 277 
MET HE2  H  N N 278 
MET HE3  H  N N 279 
MET HXT  H  N N 280 
MN  MN   MN N N 281 
PHE N    N  N N 282 
PHE CA   C  N S 283 
PHE C    C  N N 284 
PHE O    O  N N 285 
PHE CB   C  N N 286 
PHE CG   C  Y N 287 
PHE CD1  C  Y N 288 
PHE CD2  C  Y N 289 
PHE CE1  C  Y N 290 
PHE CE2  C  Y N 291 
PHE CZ   C  Y N 292 
PHE OXT  O  N N 293 
PHE H    H  N N 294 
PHE H2   H  N N 295 
PHE HA   H  N N 296 
PHE HB2  H  N N 297 
PHE HB3  H  N N 298 
PHE HD1  H  N N 299 
PHE HD2  H  N N 300 
PHE HE1  H  N N 301 
PHE HE2  H  N N 302 
PHE HZ   H  N N 303 
PHE HXT  H  N N 304 
PRO N    N  N N 305 
PRO CA   C  N S 306 
PRO C    C  N N 307 
PRO O    O  N N 308 
PRO CB   C  N N 309 
PRO CG   C  N N 310 
PRO CD   C  N N 311 
PRO OXT  O  N N 312 
PRO H    H  N N 313 
PRO HA   H  N N 314 
PRO HB2  H  N N 315 
PRO HB3  H  N N 316 
PRO HG2  H  N N 317 
PRO HG3  H  N N 318 
PRO HD2  H  N N 319 
PRO HD3  H  N N 320 
PRO HXT  H  N N 321 
SER N    N  N N 322 
SER CA   C  N S 323 
SER C    C  N N 324 
SER O    O  N N 325 
SER CB   C  N N 326 
SER OG   O  N N 327 
SER OXT  O  N N 328 
SER H    H  N N 329 
SER H2   H  N N 330 
SER HA   H  N N 331 
SER HB2  H  N N 332 
SER HB3  H  N N 333 
SER HG   H  N N 334 
SER HXT  H  N N 335 
THR N    N  N N 336 
THR CA   C  N S 337 
THR C    C  N N 338 
THR O    O  N N 339 
THR CB   C  N R 340 
THR OG1  O  N N 341 
THR CG2  C  N N 342 
THR OXT  O  N N 343 
THR H    H  N N 344 
THR H2   H  N N 345 
THR HA   H  N N 346 
THR HB   H  N N 347 
THR HG1  H  N N 348 
THR HG21 H  N N 349 
THR HG22 H  N N 350 
THR HG23 H  N N 351 
THR HXT  H  N N 352 
TRP N    N  N N 353 
TRP CA   C  N S 354 
TRP C    C  N N 355 
TRP O    O  N N 356 
TRP CB   C  N N 357 
TRP CG   C  Y N 358 
TRP CD1  C  Y N 359 
TRP CD2  C  Y N 360 
TRP NE1  N  Y N 361 
TRP CE2  C  Y N 362 
TRP CE3  C  Y N 363 
TRP CZ2  C  Y N 364 
TRP CZ3  C  Y N 365 
TRP CH2  C  Y N 366 
TRP OXT  O  N N 367 
TRP H    H  N N 368 
TRP H2   H  N N 369 
TRP HA   H  N N 370 
TRP HB2  H  N N 371 
TRP HB3  H  N N 372 
TRP HD1  H  N N 373 
TRP HE1  H  N N 374 
TRP HE3  H  N N 375 
TRP HZ2  H  N N 376 
TRP HZ3  H  N N 377 
TRP HH2  H  N N 378 
TRP HXT  H  N N 379 
TYR N    N  N N 380 
TYR CA   C  N S 381 
TYR C    C  N N 382 
TYR O    O  N N 383 
TYR CB   C  N N 384 
TYR CG   C  Y N 385 
TYR CD1  C  Y N 386 
TYR CD2  C  Y N 387 
TYR CE1  C  Y N 388 
TYR CE2  C  Y N 389 
TYR CZ   C  Y N 390 
TYR OH   O  N N 391 
TYR OXT  O  N N 392 
TYR H    H  N N 393 
TYR H2   H  N N 394 
TYR HA   H  N N 395 
TYR HB2  H  N N 396 
TYR HB3  H  N N 397 
TYR HD1  H  N N 398 
TYR HD2  H  N N 399 
TYR HE1  H  N N 400 
TYR HE2  H  N N 401 
TYR HH   H  N N 402 
TYR HXT  H  N N 403 
VAL N    N  N N 404 
VAL CA   C  N S 405 
VAL C    C  N N 406 
VAL O    O  N N 407 
VAL CB   C  N N 408 
VAL CG1  C  N N 409 
VAL CG2  C  N N 410 
VAL OXT  O  N N 411 
VAL H    H  N N 412 
VAL H2   H  N N 413 
VAL HA   H  N N 414 
VAL HB   H  N N 415 
VAL HG11 H  N N 416 
VAL HG12 H  N N 417 
VAL HG13 H  N N 418 
VAL HG21 H  N N 419 
VAL HG22 H  N N 420 
VAL HG23 H  N N 421 
VAL HXT  H  N N 422 
# 
loop_
_chem_comp_bond.comp_id 
_chem_comp_bond.atom_id_1 
_chem_comp_bond.atom_id_2 
_chem_comp_bond.value_order 
_chem_comp_bond.pdbx_aromatic_flag 
_chem_comp_bond.pdbx_stereo_config 
_chem_comp_bond.pdbx_ordinal 
ALA N   CA   sing N N 1   
ALA N   H    sing N N 2   
ALA N   H2   sing N N 3   
ALA CA  C    sing N N 4   
ALA CA  CB   sing N N 5   
ALA CA  HA   sing N N 6   
ALA C   O    doub N N 7   
ALA C   OXT  sing N N 8   
ALA CB  HB1  sing N N 9   
ALA CB  HB2  sing N N 10  
ALA CB  HB3  sing N N 11  
ALA OXT HXT  sing N N 12  
ARG N   CA   sing N N 13  
ARG N   H    sing N N 14  
ARG N   H2   sing N N 15  
ARG CA  C    sing N N 16  
ARG CA  CB   sing N N 17  
ARG CA  HA   sing N N 18  
ARG C   O    doub N N 19  
ARG C   OXT  sing N N 20  
ARG CB  CG   sing N N 21  
ARG CB  HB2  sing N N 22  
ARG CB  HB3  sing N N 23  
ARG CG  CD   sing N N 24  
ARG CG  HG2  sing N N 25  
ARG CG  HG3  sing N N 26  
ARG CD  NE   sing N N 27  
ARG CD  HD2  sing N N 28  
ARG CD  HD3  sing N N 29  
ARG NE  CZ   sing N N 30  
ARG NE  HE   sing N N 31  
ARG CZ  NH1  sing N N 32  
ARG CZ  NH2  doub N N 33  
ARG NH1 HH11 sing N N 34  
ARG NH1 HH12 sing N N 35  
ARG NH2 HH21 sing N N 36  
ARG NH2 HH22 sing N N 37  
ARG OXT HXT  sing N N 38  
ASN N   CA   sing N N 39  
ASN N   H    sing N N 40  
ASN N   H2   sing N N 41  
ASN CA  C    sing N N 42  
ASN CA  CB   sing N N 43  
ASN CA  HA   sing N N 44  
ASN C   O    doub N N 45  
ASN C   OXT  sing N N 46  
ASN CB  CG   sing N N 47  
ASN CB  HB2  sing N N 48  
ASN CB  HB3  sing N N 49  
ASN CG  OD1  doub N N 50  
ASN CG  ND2  sing N N 51  
ASN ND2 HD21 sing N N 52  
ASN ND2 HD22 sing N N 53  
ASN OXT HXT  sing N N 54  
ASP N   CA   sing N N 55  
ASP N   H    sing N N 56  
ASP N   H2   sing N N 57  
ASP CA  C    sing N N 58  
ASP CA  CB   sing N N 59  
ASP CA  HA   sing N N 60  
ASP C   O    doub N N 61  
ASP C   OXT  sing N N 62  
ASP CB  CG   sing N N 63  
ASP CB  HB2  sing N N 64  
ASP CB  HB3  sing N N 65  
ASP CG  OD1  doub N N 66  
ASP CG  OD2  sing N N 67  
ASP OD2 HD2  sing N N 68  
ASP OXT HXT  sing N N 69  
CYS N   CA   sing N N 70  
CYS N   H    sing N N 71  
CYS N   H2   sing N N 72  
CYS CA  C    sing N N 73  
CYS CA  CB   sing N N 74  
CYS CA  HA   sing N N 75  
CYS C   O    doub N N 76  
CYS C   OXT  sing N N 77  
CYS CB  SG   sing N N 78  
CYS CB  HB2  sing N N 79  
CYS CB  HB3  sing N N 80  
CYS SG  HG   sing N N 81  
CYS OXT HXT  sing N N 82  
GLN N   CA   sing N N 83  
GLN N   H    sing N N 84  
GLN N   H2   sing N N 85  
GLN CA  C    sing N N 86  
GLN CA  CB   sing N N 87  
GLN CA  HA   sing N N 88  
GLN C   O    doub N N 89  
GLN C   OXT  sing N N 90  
GLN CB  CG   sing N N 91  
GLN CB  HB2  sing N N 92  
GLN CB  HB3  sing N N 93  
GLN CG  CD   sing N N 94  
GLN CG  HG2  sing N N 95  
GLN CG  HG3  sing N N 96  
GLN CD  OE1  doub N N 97  
GLN CD  NE2  sing N N 98  
GLN NE2 HE21 sing N N 99  
GLN NE2 HE22 sing N N 100 
GLN OXT HXT  sing N N 101 
GLU N   CA   sing N N 102 
GLU N   H    sing N N 103 
GLU N   H2   sing N N 104 
GLU CA  C    sing N N 105 
GLU CA  CB   sing N N 106 
GLU CA  HA   sing N N 107 
GLU C   O    doub N N 108 
GLU C   OXT  sing N N 109 
GLU CB  CG   sing N N 110 
GLU CB  HB2  sing N N 111 
GLU CB  HB3  sing N N 112 
GLU CG  CD   sing N N 113 
GLU CG  HG2  sing N N 114 
GLU CG  HG3  sing N N 115 
GLU CD  OE1  doub N N 116 
GLU CD  OE2  sing N N 117 
GLU OE2 HE2  sing N N 118 
GLU OXT HXT  sing N N 119 
GLY N   CA   sing N N 120 
GLY N   H    sing N N 121 
GLY N   H2   sing N N 122 
GLY CA  C    sing N N 123 
GLY CA  HA2  sing N N 124 
GLY CA  HA3  sing N N 125 
GLY C   O    doub N N 126 
GLY C   OXT  sing N N 127 
GLY OXT HXT  sing N N 128 
HIS N   CA   sing N N 129 
HIS N   H    sing N N 130 
HIS N   H2   sing N N 131 
HIS CA  C    sing N N 132 
HIS CA  CB   sing N N 133 
HIS CA  HA   sing N N 134 
HIS C   O    doub N N 135 
HIS C   OXT  sing N N 136 
HIS CB  CG   sing N N 137 
HIS CB  HB2  sing N N 138 
HIS CB  HB3  sing N N 139 
HIS CG  ND1  sing Y N 140 
HIS CG  CD2  doub Y N 141 
HIS ND1 CE1  doub Y N 142 
HIS ND1 HD1  sing N N 143 
HIS CD2 NE2  sing Y N 144 
HIS CD2 HD2  sing N N 145 
HIS CE1 NE2  sing Y N 146 
HIS CE1 HE1  sing N N 147 
HIS NE2 HE2  sing N N 148 
HIS OXT HXT  sing N N 149 
HO1 OAB CAV  doub N N 150 
HO1 OAD CAS  sing N N 151 
HO1 CAV CAS  sing N N 152 
HO1 CAV CAI  sing N N 153 
HO1 CAS CAU  doub N N 154 
HO1 CAI CAR  doub N N 155 
HO1 OAC CAO  doub N N 156 
HO1 CAU CAO  sing N N 157 
HO1 CAU NAN  sing N N 158 
HO1 NAK NAM  sing Y N 159 
HO1 NAK NAJ  doub Y N 160 
HO1 NAM CAT  sing Y N 161 
HO1 CAO OAA  sing N N 162 
HO1 CAR NAN  sing N N 163 
HO1 CAR CAP  sing N N 164 
HO1 CAH CAP  doub Y N 165 
HO1 CAH CAQ  sing Y N 166 
HO1 NAJ NAL  sing Y N 167 
HO1 CAP CAF  sing Y N 168 
HO1 CAT CAQ  sing N N 169 
HO1 CAT NAL  doub Y N 170 
HO1 CAQ CAG  doub Y N 171 
HO1 CAF CAE  doub Y N 172 
HO1 CAG CAE  sing Y N 173 
HO1 OAA H1   sing N N 174 
HO1 NAN H2   sing N N 175 
HO1 OAD H3   sing N N 176 
HO1 CAI H4   sing N N 177 
HO1 CAH H5   sing N N 178 
HO1 CAF H6   sing N N 179 
HO1 CAE H7   sing N N 180 
HO1 CAG H8   sing N N 181 
HO1 NAM H9   sing N N 182 
HOH O   H1   sing N N 183 
HOH O   H2   sing N N 184 
ILE N   CA   sing N N 185 
ILE N   H    sing N N 186 
ILE N   H2   sing N N 187 
ILE CA  C    sing N N 188 
ILE CA  CB   sing N N 189 
ILE CA  HA   sing N N 190 
ILE C   O    doub N N 191 
ILE C   OXT  sing N N 192 
ILE CB  CG1  sing N N 193 
ILE CB  CG2  sing N N 194 
ILE CB  HB   sing N N 195 
ILE CG1 CD1  sing N N 196 
ILE CG1 HG12 sing N N 197 
ILE CG1 HG13 sing N N 198 
ILE CG2 HG21 sing N N 199 
ILE CG2 HG22 sing N N 200 
ILE CG2 HG23 sing N N 201 
ILE CD1 HD11 sing N N 202 
ILE CD1 HD12 sing N N 203 
ILE CD1 HD13 sing N N 204 
ILE OXT HXT  sing N N 205 
LEU N   CA   sing N N 206 
LEU N   H    sing N N 207 
LEU N   H2   sing N N 208 
LEU CA  C    sing N N 209 
LEU CA  CB   sing N N 210 
LEU CA  HA   sing N N 211 
LEU C   O    doub N N 212 
LEU C   OXT  sing N N 213 
LEU CB  CG   sing N N 214 
LEU CB  HB2  sing N N 215 
LEU CB  HB3  sing N N 216 
LEU CG  CD1  sing N N 217 
LEU CG  CD2  sing N N 218 
LEU CG  HG   sing N N 219 
LEU CD1 HD11 sing N N 220 
LEU CD1 HD12 sing N N 221 
LEU CD1 HD13 sing N N 222 
LEU CD2 HD21 sing N N 223 
LEU CD2 HD22 sing N N 224 
LEU CD2 HD23 sing N N 225 
LEU OXT HXT  sing N N 226 
LYS N   CA   sing N N 227 
LYS N   H    sing N N 228 
LYS N   H2   sing N N 229 
LYS CA  C    sing N N 230 
LYS CA  CB   sing N N 231 
LYS CA  HA   sing N N 232 
LYS C   O    doub N N 233 
LYS C   OXT  sing N N 234 
LYS CB  CG   sing N N 235 
LYS CB  HB2  sing N N 236 
LYS CB  HB3  sing N N 237 
LYS CG  CD   sing N N 238 
LYS CG  HG2  sing N N 239 
LYS CG  HG3  sing N N 240 
LYS CD  CE   sing N N 241 
LYS CD  HD2  sing N N 242 
LYS CD  HD3  sing N N 243 
LYS CE  NZ   sing N N 244 
LYS CE  HE2  sing N N 245 
LYS CE  HE3  sing N N 246 
LYS NZ  HZ1  sing N N 247 
LYS NZ  HZ2  sing N N 248 
LYS NZ  HZ3  sing N N 249 
LYS OXT HXT  sing N N 250 
MET N   CA   sing N N 251 
MET N   H    sing N N 252 
MET N   H2   sing N N 253 
MET CA  C    sing N N 254 
MET CA  CB   sing N N 255 
MET CA  HA   sing N N 256 
MET C   O    doub N N 257 
MET C   OXT  sing N N 258 
MET CB  CG   sing N N 259 
MET CB  HB2  sing N N 260 
MET CB  HB3  sing N N 261 
MET CG  SD   sing N N 262 
MET CG  HG2  sing N N 263 
MET CG  HG3  sing N N 264 
MET SD  CE   sing N N 265 
MET CE  HE1  sing N N 266 
MET CE  HE2  sing N N 267 
MET CE  HE3  sing N N 268 
MET OXT HXT  sing N N 269 
PHE N   CA   sing N N 270 
PHE N   H    sing N N 271 
PHE N   H2   sing N N 272 
PHE CA  C    sing N N 273 
PHE CA  CB   sing N N 274 
PHE CA  HA   sing N N 275 
PHE C   O    doub N N 276 
PHE C   OXT  sing N N 277 
PHE CB  CG   sing N N 278 
PHE CB  HB2  sing N N 279 
PHE CB  HB3  sing N N 280 
PHE CG  CD1  doub Y N 281 
PHE CG  CD2  sing Y N 282 
PHE CD1 CE1  sing Y N 283 
PHE CD1 HD1  sing N N 284 
PHE CD2 CE2  doub Y N 285 
PHE CD2 HD2  sing N N 286 
PHE CE1 CZ   doub Y N 287 
PHE CE1 HE1  sing N N 288 
PHE CE2 CZ   sing Y N 289 
PHE CE2 HE2  sing N N 290 
PHE CZ  HZ   sing N N 291 
PHE OXT HXT  sing N N 292 
PRO N   CA   sing N N 293 
PRO N   CD   sing N N 294 
PRO N   H    sing N N 295 
PRO CA  C    sing N N 296 
PRO CA  CB   sing N N 297 
PRO CA  HA   sing N N 298 
PRO C   O    doub N N 299 
PRO C   OXT  sing N N 300 
PRO CB  CG   sing N N 301 
PRO CB  HB2  sing N N 302 
PRO CB  HB3  sing N N 303 
PRO CG  CD   sing N N 304 
PRO CG  HG2  sing N N 305 
PRO CG  HG3  sing N N 306 
PRO CD  HD2  sing N N 307 
PRO CD  HD3  sing N N 308 
PRO OXT HXT  sing N N 309 
SER N   CA   sing N N 310 
SER N   H    sing N N 311 
SER N   H2   sing N N 312 
SER CA  C    sing N N 313 
SER CA  CB   sing N N 314 
SER CA  HA   sing N N 315 
SER C   O    doub N N 316 
SER C   OXT  sing N N 317 
SER CB  OG   sing N N 318 
SER CB  HB2  sing N N 319 
SER CB  HB3  sing N N 320 
SER OG  HG   sing N N 321 
SER OXT HXT  sing N N 322 
THR N   CA   sing N N 323 
THR N   H    sing N N 324 
THR N   H2   sing N N 325 
THR CA  C    sing N N 326 
THR CA  CB   sing N N 327 
THR CA  HA   sing N N 328 
THR C   O    doub N N 329 
THR C   OXT  sing N N 330 
THR CB  OG1  sing N N 331 
THR CB  CG2  sing N N 332 
THR CB  HB   sing N N 333 
THR OG1 HG1  sing N N 334 
THR CG2 HG21 sing N N 335 
THR CG2 HG22 sing N N 336 
THR CG2 HG23 sing N N 337 
THR OXT HXT  sing N N 338 
TRP N   CA   sing N N 339 
TRP N   H    sing N N 340 
TRP N   H2   sing N N 341 
TRP CA  C    sing N N 342 
TRP CA  CB   sing N N 343 
TRP CA  HA   sing N N 344 
TRP C   O    doub N N 345 
TRP C   OXT  sing N N 346 
TRP CB  CG   sing N N 347 
TRP CB  HB2  sing N N 348 
TRP CB  HB3  sing N N 349 
TRP CG  CD1  doub Y N 350 
TRP CG  CD2  sing Y N 351 
TRP CD1 NE1  sing Y N 352 
TRP CD1 HD1  sing N N 353 
TRP CD2 CE2  doub Y N 354 
TRP CD2 CE3  sing Y N 355 
TRP NE1 CE2  sing Y N 356 
TRP NE1 HE1  sing N N 357 
TRP CE2 CZ2  sing Y N 358 
TRP CE3 CZ3  doub Y N 359 
TRP CE3 HE3  sing N N 360 
TRP CZ2 CH2  doub Y N 361 
TRP CZ2 HZ2  sing N N 362 
TRP CZ3 CH2  sing Y N 363 
TRP CZ3 HZ3  sing N N 364 
TRP CH2 HH2  sing N N 365 
TRP OXT HXT  sing N N 366 
TYR N   CA   sing N N 367 
TYR N   H    sing N N 368 
TYR N   H2   sing N N 369 
TYR CA  C    sing N N 370 
TYR CA  CB   sing N N 371 
TYR CA  HA   sing N N 372 
TYR C   O    doub N N 373 
TYR C   OXT  sing N N 374 
TYR CB  CG   sing N N 375 
TYR CB  HB2  sing N N 376 
TYR CB  HB3  sing N N 377 
TYR CG  CD1  doub Y N 378 
TYR CG  CD2  sing Y N 379 
TYR CD1 CE1  sing Y N 380 
TYR CD1 HD1  sing N N 381 
TYR CD2 CE2  doub Y N 382 
TYR CD2 HD2  sing N N 383 
TYR CE1 CZ   doub Y N 384 
TYR CE1 HE1  sing N N 385 
TYR CE2 CZ   sing Y N 386 
TYR CE2 HE2  sing N N 387 
TYR CZ  OH   sing N N 388 
TYR OH  HH   sing N N 389 
TYR OXT HXT  sing N N 390 
VAL N   CA   sing N N 391 
VAL N   H    sing N N 392 
VAL N   H2   sing N N 393 
VAL CA  C    sing N N 394 
VAL CA  CB   sing N N 395 
VAL CA  HA   sing N N 396 
VAL C   O    doub N N 397 
VAL C   OXT  sing N N 398 
VAL CB  CG1  sing N N 399 
VAL CB  CG2  sing N N 400 
VAL CB  HB   sing N N 401 
VAL CG1 HG11 sing N N 402 
VAL CG1 HG12 sing N N 403 
VAL CG1 HG13 sing N N 404 
VAL CG2 HG21 sing N N 405 
VAL CG2 HG22 sing N N 406 
VAL CG2 HG23 sing N N 407 
VAL OXT HXT  sing N N 408 
# 
_pdbx_audit_support.funding_organization   
'National Institutes of Health/National Institute of General Medical Sciences (NIH/NIGMS)' 
_pdbx_audit_support.country                'United States' 
_pdbx_audit_support.grant_number           'R01 GM098435' 
_pdbx_audit_support.ordinal                1 
# 
loop_
_pdbx_entity_nonpoly.entity_id 
_pdbx_entity_nonpoly.name 
_pdbx_entity_nonpoly.comp_id 
2 'MANGANESE (II) ION'                                                                   MN  
3 '3-hydroxy-4-oxo-6-[3-(1H-tetrazol-5-yl)phenyl]-1,4-dihydropyridine-2-carboxylic acid' HO1 
4 water                                                                                  HOH 
# 
_pdbx_initial_refinement_model.id               1 
_pdbx_initial_refinement_model.entity_id_list   ? 
_pdbx_initial_refinement_model.type             'experimental model' 
_pdbx_initial_refinement_model.source_name      PDB 
_pdbx_initial_refinement_model.accession_code   4AWM 
_pdbx_initial_refinement_model.details          ? 
# 
_pdbx_struct_assembly_auth_evidence.id                     1 
_pdbx_struct_assembly_auth_evidence.assembly_id            1 
_pdbx_struct_assembly_auth_evidence.experimental_support   'gel filtration' 
_pdbx_struct_assembly_auth_evidence.details                ? 
# 
